data_6BNL
#
_entry.id   6BNL
#
_cell.length_a   79.666
_cell.length_b   150.318
_cell.length_c   100.144
_cell.angle_alpha   90.00
_cell.angle_beta   96.12
_cell.angle_gamma   90.00
#
_symmetry.space_group_name_H-M   'P 1 21 1'
#
loop_
_entity.id
_entity.type
_entity.pdbx_description
1 polymer 'Antigen-presenting glycoprotein CD1d1'
2 polymer Beta-2-microglobulin
3 polymer 'NKT Valpha14 (MOUSE) - 2C12 TCR - Hybrid mouse variable and human constant domains'
4 polymer 'NKT Vbeta8.2 (MOUSE) - 2C12 TCR - hybrid mouse variable and human constant domains'
5 branched 2-acetamido-2-deoxy-beta-D-glucopyranose-(1-4)-2-acetamido-2-deoxy-beta-D-glucopyranose
6 non-polymer 2-acetamido-2-deoxy-beta-D-glucopyranose
7 non-polymer N-[(2S,3R)-3-hydroxy-1-{[6-O-(3-phenylpropanoyl)-alpha-D-galactopyranosyl]oxy}octadecan-2-yl]hexacosanamide
8 water water
#
loop_
_entity_poly.entity_id
_entity_poly.type
_entity_poly.pdbx_seq_one_letter_code
_entity_poly.pdbx_strand_id
1 'polypeptide(L)'
;SEAQQKNYTFRCLQMSSFANRSWSRTDSVVWLGDLQTHRWSNDSATISFTKPWSQGKLSNQQWEKLQHMFQVYRVSFTRD
IQELVKMMSPKEDYPIEIQLSAGCEMYPGNASESFLHVAFQGKYVVRFWGTSWQTVPGAPSWLDLPIKVLNADQGTSATV
QMLLNDTCPLFVRGLLEAGKSDLEKQEKPVAWLSSVPSSAHGHRQLVCHVSGFYPKPVWVMWMRGDQEQQGTHRGDFLPN
ADETWYLQATLDVEAGEEAGLACRVKHSSLGGQDIILYWGSLHHILDAQKMVWNHRHHHHHH
;
A,E
2 'polypeptide(L)'
;IQKTPQIQVYSRHPPENGKPNILNCYVTQFHPPHIEIQMLKNGKKIPKVEMSDMSFSKDWSFYILAHTEFTPTETDTYAC
RVKHASMAEPKTVYWDRDM
;
B,F
3 'polypeptide(L)'
;TQVEQSPQSLVVRQGENSVLQCNYSVTPDNHLRWFKQDTGKGLVSLTVLVDQKDKTSNGRYSATLDKDAKHSTLHITATL
LDDTATYICVVGDRGSALGRLHFGAGTQLIVIPDIQNPDPAVYQLRDSKSSDKSVCLFTDFDSQTNVSQSKDSDVYITDK
CVLDMRSMDFKSNSAVAWSNKSDFACANAFNNSIIPEDTFFPSPESS
;
C,G
4 'polypeptide(L)'
;MEAAVTQSPRNKVAVTGGKVTLSCNQTNNHNNMYWYRQDTGHGLRLIHYSYGAGSTEKGDIPDGYKASRPSQENFSLILE
LATPSQTSVYFCASGDEGYTQYFGPGTRLLVLEDLKNVFPPEVAVFEPSEAEISHTQKATLVCLATGFYPDHVELSWWVN
GKEVHSGVCTDPQPLKEQPALNDSRYALSSRLRVSATFWQNPRNHFRCQVQFYGLSENDEWTQDRAKPVTQIVSAEAWGR
AD
;
D,H
#
# COMPACT_ATOMS: atom_id res chain seq x y z
N LYS A 6 -8.45 45.13 -4.95
CA LYS A 6 -7.22 45.91 -4.81
C LYS A 6 -6.19 45.14 -3.97
N ASN A 7 -6.56 44.81 -2.70
CA ASN A 7 -5.69 44.06 -1.79
C ASN A 7 -6.17 42.60 -1.71
N TYR A 8 -5.24 41.65 -1.99
CA TYR A 8 -5.56 40.20 -1.97
C TYR A 8 -4.88 39.51 -0.82
N THR A 9 -5.68 38.78 -0.03
CA THR A 9 -5.21 37.94 1.07
C THR A 9 -4.99 36.51 0.57
N PHE A 10 -3.74 36.03 0.70
CA PHE A 10 -3.36 34.67 0.40
C PHE A 10 -3.37 33.89 1.68
N ARG A 11 -4.10 32.77 1.72
CA ARG A 11 -4.14 31.95 2.94
C ARG A 11 -4.10 30.47 2.62
N CYS A 12 -3.24 29.74 3.33
CA CYS A 12 -3.12 28.29 3.37
C CYS A 12 -3.83 27.89 4.59
N LEU A 13 -4.94 27.18 4.43
CA LEU A 13 -5.76 26.79 5.59
C LEU A 13 -5.61 25.31 5.81
N GLN A 14 -5.02 24.93 6.94
CA GLN A 14 -4.75 23.56 7.36
C GLN A 14 -5.72 23.13 8.49
N MET A 15 -6.35 21.97 8.30
CA MET A 15 -7.32 21.36 9.21
C MET A 15 -6.82 19.99 9.68
N SER A 16 -6.35 19.91 10.91
CA SER A 16 -5.81 18.67 11.48
C SER A 16 -6.68 18.11 12.61
N SER A 17 -7.22 16.87 12.45
CA SER A 17 -8.07 16.17 13.46
C SER A 17 -7.33 15.02 14.03
N PHE A 18 -7.30 14.95 15.35
CA PHE A 18 -6.67 13.86 16.08
C PHE A 18 -7.76 13.20 16.92
N ALA A 19 -8.34 12.08 16.42
CA ALA A 19 -9.45 11.39 17.11
C ALA A 19 -8.99 10.67 18.37
N ASN A 20 -7.80 10.05 18.30
CA ASN A 20 -7.21 9.25 19.36
C ASN A 20 -5.73 9.12 19.07
N ARG A 21 -5.00 8.27 19.83
CA ARG A 21 -3.56 8.03 19.72
C ARG A 21 -3.11 7.54 18.32
N SER A 22 -3.97 6.74 17.65
CA SER A 22 -3.66 6.14 16.35
C SER A 22 -4.19 6.95 15.16
N TRP A 23 -5.48 7.36 15.22
CA TRP A 23 -6.16 8.05 14.12
C TRP A 23 -5.93 9.56 14.07
N SER A 24 -5.62 10.04 12.86
CA SER A 24 -5.38 11.44 12.52
C SER A 24 -5.52 11.69 11.01
N ARG A 25 -6.01 12.87 10.64
CA ARG A 25 -6.01 13.32 9.26
C ARG A 25 -5.75 14.83 9.25
N THR A 26 -5.08 15.28 8.20
CA THR A 26 -4.75 16.68 7.93
C THR A 26 -5.12 16.97 6.47
N ASP A 27 -5.92 18.02 6.27
CA ASP A 27 -6.37 18.48 4.94
C ASP A 27 -6.20 19.95 4.87
N SER A 28 -5.69 20.43 3.73
CA SER A 28 -5.44 21.84 3.48
C SER A 28 -6.09 22.31 2.20
N VAL A 29 -6.43 23.61 2.16
CA VAL A 29 -6.99 24.35 1.03
C VAL A 29 -6.26 25.66 1.00
N VAL A 30 -6.02 26.21 -0.21
CA VAL A 30 -5.31 27.48 -0.38
C VAL A 30 -6.18 28.41 -1.21
N TRP A 31 -6.28 29.67 -0.77
CA TRP A 31 -7.09 30.74 -1.38
C TRP A 31 -6.28 31.96 -1.66
N LEU A 32 -6.63 32.64 -2.77
CA LEU A 32 -6.10 33.94 -3.17
C LEU A 32 -7.34 34.77 -3.32
N GLY A 33 -7.62 35.58 -2.29
CA GLY A 33 -8.87 36.29 -2.22
C GLY A 33 -9.95 35.26 -1.96
N ASP A 34 -10.96 35.21 -2.85
CA ASP A 34 -12.08 34.27 -2.73
C ASP A 34 -12.01 33.19 -3.83
N LEU A 35 -10.82 32.99 -4.40
CA LEU A 35 -10.57 31.99 -5.43
C LEU A 35 -9.66 30.90 -4.88
N GLN A 36 -10.11 29.62 -4.91
CA GLN A 36 -9.28 28.50 -4.45
C GLN A 36 -8.20 28.21 -5.46
N THR A 37 -6.95 28.18 -5.01
CA THR A 37 -5.78 27.92 -5.85
C THR A 37 -5.21 26.49 -5.66
N HIS A 38 -5.29 25.92 -4.44
CA HIS A 38 -4.75 24.59 -4.19
C HIS A 38 -5.65 23.76 -3.27
N ARG A 39 -5.45 22.44 -3.29
CA ARG A 39 -6.07 21.48 -2.39
C ARG A 39 -5.03 20.41 -2.10
N TRP A 40 -4.92 20.04 -0.82
CA TRP A 40 -4.03 18.99 -0.37
C TRP A 40 -4.77 18.12 0.63
N SER A 41 -5.36 17.06 0.12
CA SER A 41 -6.11 16.06 0.87
C SER A 41 -5.16 15.12 1.61
N ASN A 42 -5.55 14.62 2.82
CA ASN A 42 -4.76 13.64 3.60
C ASN A 42 -4.39 12.44 2.74
N ASP A 43 -5.31 12.04 1.85
CA ASP A 43 -5.23 10.92 0.92
C ASP A 43 -4.17 11.09 -0.16
N SER A 44 -3.78 12.32 -0.44
CA SER A 44 -2.85 12.64 -1.52
C SER A 44 -1.46 12.90 -1.03
N ALA A 45 -0.48 12.31 -1.72
CA ALA A 45 0.93 12.52 -1.41
C ALA A 45 1.39 13.94 -1.83
N THR A 46 0.75 14.47 -2.88
CA THR A 46 1.08 15.75 -3.50
C THR A 46 -0.03 16.82 -3.41
N ILE A 47 0.39 18.09 -3.51
CA ILE A 47 -0.49 19.26 -3.52
C ILE A 47 -1.07 19.36 -4.93
N SER A 48 -2.39 19.51 -5.03
CA SER A 48 -3.13 19.63 -6.28
C SER A 48 -3.42 21.10 -6.62
N PHE A 49 -3.30 21.43 -7.91
CA PHE A 49 -3.62 22.77 -8.40
C PHE A 49 -5.09 22.78 -8.74
N THR A 50 -5.80 23.87 -8.44
CA THR A 50 -7.22 23.96 -8.73
C THR A 50 -7.46 25.06 -9.77
N LYS A 51 -6.36 25.72 -10.21
CA LYS A 51 -6.34 26.74 -11.26
C LYS A 51 -5.21 26.43 -12.24
N PRO A 52 -5.26 26.82 -13.52
CA PRO A 52 -4.11 26.52 -14.40
C PRO A 52 -2.85 27.28 -13.98
N TRP A 53 -3.03 28.42 -13.28
CA TRP A 53 -1.97 29.33 -12.85
C TRP A 53 -1.56 29.17 -11.38
N SER A 54 -1.96 28.08 -10.70
CA SER A 54 -1.65 27.87 -9.27
C SER A 54 -0.15 27.74 -8.94
N GLN A 55 0.72 27.45 -9.92
CA GLN A 55 2.15 27.33 -9.62
C GLN A 55 2.81 28.72 -9.63
N GLY A 56 2.03 29.75 -9.99
CA GLY A 56 2.51 31.12 -10.06
C GLY A 56 3.63 31.26 -11.05
N LYS A 57 4.77 31.82 -10.60
CA LYS A 57 5.92 32.04 -11.49
C LYS A 57 7.12 31.16 -11.02
N LEU A 58 6.84 30.18 -10.15
CA LEU A 58 7.84 29.23 -9.69
C LEU A 58 8.21 28.24 -10.81
N SER A 59 9.46 27.77 -10.82
CA SER A 59 9.85 26.75 -11.77
C SER A 59 9.39 25.39 -11.24
N ASN A 60 9.26 24.39 -12.12
CA ASN A 60 8.89 23.02 -11.77
C ASN A 60 9.77 22.48 -10.65
N GLN A 61 11.08 22.83 -10.67
CA GLN A 61 12.09 22.47 -9.67
C GLN A 61 11.87 23.24 -8.35
N GLN A 62 11.57 24.55 -8.43
CA GLN A 62 11.28 25.36 -7.25
C GLN A 62 9.97 24.88 -6.57
N TRP A 63 8.96 24.47 -7.39
CA TRP A 63 7.69 23.97 -6.88
C TRP A 63 7.91 22.63 -6.15
N GLU A 64 8.74 21.75 -6.76
CA GLU A 64 9.08 20.43 -6.24
C GLU A 64 9.86 20.53 -4.92
N LYS A 65 10.84 21.45 -4.82
CA LYS A 65 11.65 21.62 -3.61
C LYS A 65 10.71 22.04 -2.45
N LEU A 66 9.78 22.97 -2.73
CA LEU A 66 8.78 23.51 -1.78
C LEU A 66 7.79 22.42 -1.35
N GLN A 67 7.23 21.66 -2.33
CA GLN A 67 6.33 20.56 -2.05
C GLN A 67 7.00 19.52 -1.16
N HIS A 68 8.26 19.19 -1.42
CA HIS A 68 8.99 18.22 -0.60
C HIS A 68 9.05 18.65 0.89
N MET A 69 9.28 19.94 1.12
CA MET A 69 9.29 20.56 2.44
C MET A 69 7.92 20.36 3.11
N PHE A 70 6.80 20.69 2.42
CA PHE A 70 5.45 20.51 2.97
C PHE A 70 5.15 19.03 3.31
N GLN A 71 5.63 18.10 2.49
CA GLN A 71 5.42 16.67 2.70
C GLN A 71 6.06 16.20 4.00
N VAL A 72 7.32 16.63 4.27
CA VAL A 72 8.08 16.33 5.49
C VAL A 72 7.35 16.98 6.68
N TYR A 73 6.89 18.24 6.48
CA TYR A 73 6.19 19.00 7.49
C TYR A 73 4.91 18.28 7.91
N ARG A 74 4.06 17.82 6.96
CA ARG A 74 2.78 17.17 7.28
C ARG A 74 2.97 15.95 8.22
N VAL A 75 3.94 15.09 7.91
CA VAL A 75 4.25 13.87 8.67
C VAL A 75 4.82 14.25 10.07
N SER A 76 5.67 15.29 10.11
CA SER A 76 6.37 15.73 11.31
C SER A 76 5.48 16.46 12.27
N PHE A 77 4.60 17.34 11.74
CA PHE A 77 3.63 18.11 12.51
C PHE A 77 2.73 17.12 13.28
N THR A 78 2.19 16.13 12.57
CA THR A 78 1.34 15.05 13.10
C THR A 78 1.97 14.37 14.30
N ARG A 79 3.24 13.94 14.19
CA ARG A 79 3.93 13.26 15.29
C ARG A 79 4.20 14.23 16.45
N ASP A 80 4.51 15.51 16.15
CA ASP A 80 4.79 16.55 17.16
C ASP A 80 3.54 16.84 18.00
N ILE A 81 2.35 16.92 17.35
CA ILE A 81 1.12 17.11 18.09
C ILE A 81 0.89 15.91 19.00
N GLN A 82 1.02 14.67 18.45
CA GLN A 82 0.86 13.45 19.24
C GLN A 82 1.82 13.41 20.44
N GLU A 83 3.09 13.83 20.23
CA GLU A 83 4.07 13.85 21.32
C GLU A 83 3.74 14.95 22.35
N LEU A 84 3.23 16.10 21.91
CA LEU A 84 2.79 17.19 22.80
C LEU A 84 1.58 16.73 23.65
N VAL A 85 0.64 15.91 23.08
CA VAL A 85 -0.49 15.37 23.87
C VAL A 85 0.05 14.43 24.95
N LYS A 86 1.07 13.62 24.64
CA LYS A 86 1.69 12.73 25.62
C LYS A 86 2.26 13.54 26.78
N MET A 87 2.94 14.62 26.46
CA MET A 87 3.59 15.55 27.38
C MET A 87 2.63 16.26 28.34
N MET A 88 1.41 16.56 27.88
CA MET A 88 0.44 17.33 28.62
C MET A 88 -0.59 16.46 29.38
N SER A 89 -0.62 15.16 29.08
CA SER A 89 -1.52 14.21 29.71
C SER A 89 -1.38 14.25 31.25
N PRO A 90 -2.52 14.18 31.99
CA PRO A 90 -3.89 13.95 31.52
C PRO A 90 -4.68 15.24 31.28
N LYS A 91 -4.04 16.43 31.41
CA LYS A 91 -4.64 17.77 31.28
C LYS A 91 -5.45 17.95 30.00
N GLU A 92 -4.84 17.58 28.86
CA GLU A 92 -5.44 17.71 27.54
C GLU A 92 -5.45 16.37 26.85
N ASP A 93 -6.63 15.98 26.33
CA ASP A 93 -6.75 14.70 25.63
C ASP A 93 -7.67 14.81 24.41
N TYR A 94 -7.59 13.79 23.54
CA TYR A 94 -8.36 13.54 22.34
C TYR A 94 -9.86 13.46 22.64
N PRO A 95 -10.74 13.86 21.68
CA PRO A 95 -10.43 14.37 20.33
C PRO A 95 -9.84 15.79 20.36
N ILE A 96 -8.95 16.06 19.41
CA ILE A 96 -8.28 17.36 19.27
C ILE A 96 -8.39 17.83 17.83
N GLU A 97 -8.74 19.09 17.67
CA GLU A 97 -8.82 19.78 16.41
C GLU A 97 -7.82 20.94 16.40
N ILE A 98 -6.98 21.00 15.35
CA ILE A 98 -6.00 22.07 15.21
C ILE A 98 -6.18 22.66 13.82
N GLN A 99 -6.40 23.96 13.75
CA GLN A 99 -6.52 24.72 12.49
C GLN A 99 -5.40 25.68 12.42
N LEU A 100 -4.75 25.71 11.27
CA LEU A 100 -3.63 26.59 11.03
C LEU A 100 -3.97 27.44 9.81
N SER A 101 -3.77 28.75 9.95
CA SER A 101 -3.99 29.74 8.89
C SER A 101 -2.67 30.52 8.66
N ALA A 102 -2.08 30.33 7.48
CA ALA A 102 -0.81 30.94 7.12
C ALA A 102 -0.86 31.60 5.75
N GLY A 103 -0.19 32.72 5.63
CA GLY A 103 -0.13 33.40 4.35
C GLY A 103 0.31 34.83 4.49
N CYS A 104 -0.08 35.63 3.50
CA CYS A 104 0.30 37.02 3.49
C CYS A 104 -0.72 37.89 2.71
N GLU A 105 -0.74 39.19 3.03
CA GLU A 105 -1.55 40.23 2.39
C GLU A 105 -0.65 41.03 1.51
N MET A 106 -1.11 41.33 0.29
CA MET A 106 -0.34 42.09 -0.70
C MET A 106 -0.95 43.47 -0.87
N TYR A 107 -0.13 44.50 -0.58
CA TYR A 107 -0.54 45.91 -0.61
C TYR A 107 0.08 46.70 -1.81
N PRO A 108 -0.32 47.99 -2.09
CA PRO A 108 0.32 48.72 -3.22
C PRO A 108 1.83 48.97 -3.00
N GLY A 109 2.60 48.65 -4.05
CA GLY A 109 4.06 48.75 -4.07
C GLY A 109 4.67 47.38 -3.85
N ASN A 110 5.63 47.30 -2.92
CA ASN A 110 6.30 46.06 -2.52
C ASN A 110 5.89 45.70 -1.06
N ALA A 111 4.84 46.37 -0.55
CA ALA A 111 4.33 46.17 0.80
C ALA A 111 3.57 44.84 0.94
N SER A 112 3.87 44.13 2.04
CA SER A 112 3.30 42.84 2.40
C SER A 112 3.37 42.65 3.91
N GLU A 113 2.34 41.95 4.46
CA GLU A 113 2.26 41.58 5.88
C GLU A 113 1.94 40.09 5.90
N SER A 114 2.79 39.28 6.59
CA SER A 114 2.66 37.82 6.71
C SER A 114 2.12 37.41 8.06
N PHE A 115 1.42 36.26 8.11
CA PHE A 115 0.76 35.76 9.32
C PHE A 115 0.80 34.25 9.36
N LEU A 116 0.79 33.74 10.57
CA LEU A 116 0.71 32.32 10.88
C LEU A 116 -0.05 32.20 12.23
N HIS A 117 -1.36 31.93 12.16
CA HIS A 117 -2.24 31.81 13.31
C HIS A 117 -2.69 30.38 13.50
N VAL A 118 -2.69 29.92 14.75
CA VAL A 118 -3.04 28.56 15.15
C VAL A 118 -4.18 28.59 16.18
N ALA A 119 -5.21 27.78 15.87
CA ALA A 119 -6.39 27.62 16.70
C ALA A 119 -6.43 26.20 17.24
N PHE A 120 -6.74 26.10 18.53
CA PHE A 120 -6.86 24.83 19.22
C PHE A 120 -8.27 24.71 19.71
N GLN A 121 -8.97 23.67 19.25
CA GLN A 121 -10.36 23.41 19.57
C GLN A 121 -11.24 24.59 19.14
N GLY A 122 -10.92 25.18 18.01
CA GLY A 122 -11.66 26.27 17.40
C GLY A 122 -11.43 27.64 17.99
N LYS A 123 -10.41 27.76 18.86
CA LYS A 123 -10.07 29.01 19.50
C LYS A 123 -8.63 29.36 19.20
N TYR A 124 -8.42 30.58 18.67
CA TYR A 124 -7.14 31.14 18.33
C TYR A 124 -6.31 31.27 19.62
N VAL A 125 -5.16 30.56 19.68
CA VAL A 125 -4.33 30.51 20.89
C VAL A 125 -2.87 30.86 20.63
N VAL A 126 -2.35 30.55 19.43
CA VAL A 126 -0.92 30.70 19.12
C VAL A 126 -0.69 31.37 17.75
N ARG A 127 0.41 32.11 17.66
CA ARG A 127 0.84 32.67 16.38
C ARG A 127 2.33 32.57 16.31
N PHE A 128 2.87 32.62 15.12
CA PHE A 128 4.30 32.72 14.91
C PHE A 128 4.55 34.22 14.73
N TRP A 129 5.35 34.83 15.62
CA TRP A 129 5.58 36.27 15.59
C TRP A 129 7.06 36.65 15.68
N GLY A 130 7.59 37.16 14.58
CA GLY A 130 8.97 37.61 14.46
C GLY A 130 9.94 36.49 14.22
N THR A 131 10.55 35.99 15.31
CA THR A 131 11.51 34.89 15.27
C THR A 131 11.05 33.68 16.10
N SER A 132 9.86 33.71 16.72
CA SER A 132 9.44 32.58 17.57
C SER A 132 7.91 32.45 17.70
N TRP A 133 7.45 31.32 18.27
CA TRP A 133 6.04 31.05 18.55
C TRP A 133 5.66 31.75 19.85
N GLN A 134 4.42 32.25 19.89
CA GLN A 134 3.92 32.88 21.11
C GLN A 134 2.43 32.61 21.26
N THR A 135 1.93 32.70 22.49
CA THR A 135 0.51 32.57 22.78
C THR A 135 -0.13 33.97 22.72
N VAL A 136 -1.41 34.05 22.42
CA VAL A 136 -2.11 35.34 22.28
C VAL A 136 -3.00 35.59 23.50
N PRO A 137 -3.46 36.83 23.76
CA PRO A 137 -4.29 37.07 24.95
C PRO A 137 -5.48 36.10 25.05
N GLY A 138 -5.70 35.54 26.24
CA GLY A 138 -6.76 34.58 26.50
C GLY A 138 -6.40 33.12 26.40
N ALA A 139 -5.20 32.83 25.86
CA ALA A 139 -4.72 31.46 25.72
C ALA A 139 -4.52 30.84 27.09
N PRO A 140 -4.83 29.54 27.27
CA PRO A 140 -4.61 28.92 28.59
C PRO A 140 -3.11 28.80 28.87
N SER A 141 -2.70 28.89 30.14
CA SER A 141 -1.28 28.89 30.52
C SER A 141 -0.54 27.59 30.33
N TRP A 142 -1.26 26.45 30.20
CA TRP A 142 -0.60 25.16 30.02
C TRP A 142 0.16 25.11 28.66
N LEU A 143 -0.24 25.96 27.70
CA LEU A 143 0.38 26.04 26.38
C LEU A 143 1.82 26.57 26.44
N ASP A 144 2.27 27.06 27.62
CA ASP A 144 3.62 27.59 27.78
C ASP A 144 4.65 26.48 27.66
N LEU A 145 4.34 25.25 28.14
CA LEU A 145 5.27 24.13 27.97
C LEU A 145 5.33 23.76 26.46
N PRO A 146 4.22 23.47 25.73
CA PRO A 146 4.34 23.24 24.28
C PRO A 146 5.10 24.34 23.51
N ILE A 147 4.90 25.62 23.84
CA ILE A 147 5.55 26.77 23.16
C ILE A 147 7.06 26.78 23.42
N LYS A 148 7.47 26.47 24.66
CA LYS A 148 8.87 26.36 25.07
C LYS A 148 9.58 25.28 24.21
N VAL A 149 8.93 24.11 24.06
CA VAL A 149 9.44 22.96 23.30
C VAL A 149 9.49 23.30 21.81
N LEU A 150 8.41 23.94 21.27
CA LEU A 150 8.40 24.33 19.86
C LEU A 150 9.51 25.36 19.57
N ASN A 151 9.75 26.27 20.49
CA ASN A 151 10.76 27.32 20.32
C ASN A 151 12.20 26.79 20.52
N ALA A 152 12.36 25.59 21.12
CA ALA A 152 13.67 24.92 21.26
C ALA A 152 14.20 24.47 19.86
N ASP A 153 13.25 24.24 18.90
CA ASP A 153 13.49 23.81 17.54
C ASP A 153 13.83 25.02 16.66
N GLN A 154 15.11 25.38 16.67
CA GLN A 154 15.69 26.50 15.92
C GLN A 154 15.54 26.31 14.42
N GLY A 155 15.70 25.06 13.95
CA GLY A 155 15.55 24.68 12.57
C GLY A 155 14.19 24.96 11.96
N THR A 156 13.11 24.76 12.73
CA THR A 156 11.73 25.00 12.26
C THR A 156 11.45 26.47 12.28
N SER A 157 12.01 27.18 13.28
CA SER A 157 11.82 28.61 13.41
C SER A 157 12.46 29.34 12.22
N ALA A 158 13.71 29.04 11.88
CA ALA A 158 14.43 29.60 10.74
C ALA A 158 13.63 29.38 9.44
N THR A 159 13.08 28.15 9.24
CA THR A 159 12.29 27.79 8.06
C THR A 159 11.01 28.62 7.99
N VAL A 160 10.27 28.69 9.09
CA VAL A 160 9.02 29.45 9.16
C VAL A 160 9.30 30.93 8.86
N GLN A 161 10.36 31.52 9.46
CA GLN A 161 10.74 32.92 9.22
C GLN A 161 11.00 33.17 7.76
N MET A 162 11.70 32.23 7.10
CA MET A 162 12.01 32.32 5.69
C MET A 162 10.73 32.26 4.83
N LEU A 163 9.81 31.33 5.13
CA LEU A 163 8.54 31.19 4.40
C LEU A 163 7.64 32.39 4.52
N LEU A 164 7.56 33.01 5.72
CA LEU A 164 6.70 34.16 5.94
C LEU A 164 7.34 35.43 5.41
N ASN A 165 8.61 35.67 5.73
CA ASN A 165 9.27 36.90 5.31
C ASN A 165 9.62 36.92 3.83
N ASP A 166 10.04 35.79 3.26
CA ASP A 166 10.55 35.80 1.90
C ASP A 166 9.69 35.04 0.87
N THR A 167 9.46 33.75 1.07
CA THR A 167 8.73 32.88 0.14
C THR A 167 7.30 33.32 -0.13
N CYS A 168 6.48 33.54 0.92
CA CYS A 168 5.06 33.90 0.70
C CYS A 168 4.94 35.17 -0.17
N PRO A 169 5.59 36.33 0.16
CA PRO A 169 5.46 37.50 -0.70
C PRO A 169 5.91 37.25 -2.12
N LEU A 170 7.08 36.59 -2.30
CA LEU A 170 7.62 36.26 -3.62
C LEU A 170 6.61 35.46 -4.45
N PHE A 171 6.11 34.34 -3.90
CA PHE A 171 5.16 33.46 -4.55
C PHE A 171 3.86 34.18 -4.96
N VAL A 172 3.25 34.95 -4.05
CA VAL A 172 1.98 35.63 -4.28
C VAL A 172 2.09 36.73 -5.37
N ARG A 173 3.25 37.44 -5.50
CA ARG A 173 3.43 38.46 -6.56
C ARG A 173 3.32 37.80 -7.94
N GLY A 174 3.94 36.64 -8.08
CA GLY A 174 3.91 35.80 -9.27
C GLY A 174 2.54 35.21 -9.55
N LEU A 175 1.85 34.79 -8.48
CA LEU A 175 0.50 34.25 -8.50
C LEU A 175 -0.51 35.30 -8.98
N LEU A 176 -0.37 36.55 -8.48
CA LEU A 176 -1.19 37.70 -8.88
C LEU A 176 -1.04 38.03 -10.37
N GLU A 177 0.17 37.85 -10.93
CA GLU A 177 0.47 38.06 -12.33
C GLU A 177 -0.22 37.00 -13.17
N ALA A 178 0.13 35.72 -12.89
CA ALA A 178 -0.35 34.52 -13.58
C ALA A 178 -1.87 34.37 -13.50
N GLY A 179 -2.48 34.79 -12.40
CA GLY A 179 -3.92 34.70 -12.21
C GLY A 179 -4.75 35.96 -12.46
N LYS A 180 -4.09 37.06 -12.93
CA LYS A 180 -4.68 38.40 -13.21
C LYS A 180 -6.05 38.33 -13.87
N SER A 181 -6.14 37.57 -14.99
CA SER A 181 -7.35 37.42 -15.80
C SER A 181 -8.54 36.83 -15.01
N ASP A 182 -8.32 35.78 -14.16
CA ASP A 182 -9.40 35.19 -13.37
C ASP A 182 -9.81 36.10 -12.19
N LEU A 183 -8.83 36.80 -11.56
CA LEU A 183 -9.09 37.70 -10.43
C LEU A 183 -9.83 38.99 -10.87
N GLU A 184 -9.48 39.53 -12.06
CA GLU A 184 -10.09 40.76 -12.57
C GLU A 184 -11.34 40.49 -13.43
N LYS A 185 -11.83 39.24 -13.46
CA LYS A 185 -12.98 38.83 -14.25
C LYS A 185 -14.30 39.42 -13.72
N GLN A 186 -15.21 39.82 -14.64
CA GLN A 186 -16.54 40.35 -14.31
C GLN A 186 -17.61 39.33 -14.69
N GLU A 187 -18.60 39.17 -13.80
CA GLU A 187 -19.73 38.26 -13.98
C GLU A 187 -21.00 39.01 -13.58
N LYS A 188 -21.95 39.12 -14.51
CA LYS A 188 -23.20 39.86 -14.34
C LYS A 188 -24.18 39.14 -13.38
N PRO A 189 -24.66 39.84 -12.32
CA PRO A 189 -25.64 39.22 -11.43
C PRO A 189 -27.04 39.14 -12.06
N VAL A 190 -27.76 38.06 -11.77
CA VAL A 190 -29.14 37.87 -12.23
C VAL A 190 -30.04 37.93 -10.96
N ALA A 191 -31.09 38.77 -10.98
CA ALA A 191 -31.97 38.96 -9.83
C ALA A 191 -33.43 38.54 -10.09
N TRP A 192 -34.06 37.95 -9.05
CA TRP A 192 -35.47 37.53 -9.08
C TRP A 192 -36.14 37.78 -7.72
N LEU A 193 -37.43 38.13 -7.76
CA LEU A 193 -38.19 38.44 -6.56
C LEU A 193 -39.17 37.32 -6.21
N SER A 194 -39.43 37.16 -4.91
CA SER A 194 -40.34 36.20 -4.25
C SER A 194 -40.56 36.61 -2.80
N SER A 195 -41.74 36.32 -2.22
CA SER A 195 -42.01 36.58 -0.80
C SER A 195 -43.12 35.66 -0.28
N VAL A 196 -42.85 34.92 0.81
CA VAL A 196 -43.77 33.95 1.42
C VAL A 196 -44.28 34.44 2.80
N PRO A 197 -45.61 34.32 3.09
CA PRO A 197 -46.10 34.78 4.40
C PRO A 197 -45.79 33.78 5.52
N VAL A 207 -38.48 39.31 -0.86
CA VAL A 207 -37.10 38.80 -0.93
C VAL A 207 -36.51 39.07 -2.31
N CYS A 208 -35.29 39.64 -2.33
CA CYS A 208 -34.55 39.94 -3.54
C CYS A 208 -33.36 38.97 -3.69
N HIS A 209 -33.52 37.97 -4.56
CA HIS A 209 -32.44 36.99 -4.80
C HIS A 209 -31.54 37.53 -5.90
N VAL A 210 -30.22 37.53 -5.67
CA VAL A 210 -29.21 38.06 -6.61
C VAL A 210 -28.10 37.04 -6.72
N SER A 211 -28.01 36.33 -7.86
CA SER A 211 -27.03 35.26 -8.04
C SER A 211 -26.18 35.39 -9.29
N GLY A 212 -24.96 34.87 -9.20
CA GLY A 212 -24.01 34.79 -10.30
C GLY A 212 -23.03 35.93 -10.51
N PHE A 213 -22.97 36.90 -9.56
CA PHE A 213 -22.04 38.01 -9.67
C PHE A 213 -20.63 37.64 -9.17
N TYR A 214 -19.65 38.28 -9.81
CA TYR A 214 -18.24 38.26 -9.51
C TYR A 214 -17.66 39.58 -10.05
N PRO A 215 -16.85 40.32 -9.26
CA PRO A 215 -16.35 40.02 -7.91
C PRO A 215 -17.43 40.16 -6.82
N LYS A 216 -17.06 39.86 -5.55
CA LYS A 216 -17.95 39.91 -4.39
C LYS A 216 -18.61 41.30 -4.13
N PRO A 217 -17.91 42.49 -4.24
CA PRO A 217 -18.58 43.77 -3.90
C PRO A 217 -19.81 44.07 -4.77
N VAL A 218 -20.96 44.12 -4.09
CA VAL A 218 -22.27 44.37 -4.70
C VAL A 218 -23.08 45.37 -3.83
N TRP A 219 -24.10 46.00 -4.44
CA TRP A 219 -25.05 46.90 -3.81
C TRP A 219 -26.43 46.38 -4.17
N VAL A 220 -27.27 46.09 -3.14
CA VAL A 220 -28.65 45.60 -3.28
C VAL A 220 -29.50 46.44 -2.32
N MET A 221 -30.53 47.13 -2.84
CA MET A 221 -31.34 48.00 -1.99
C MET A 221 -32.83 48.03 -2.39
N TRP A 222 -33.69 48.28 -1.39
CA TRP A 222 -35.13 48.40 -1.56
C TRP A 222 -35.51 49.87 -1.57
N MET A 223 -35.92 50.35 -2.74
CA MET A 223 -36.24 51.76 -2.93
C MET A 223 -37.73 52.05 -3.07
N ARG A 224 -38.18 53.10 -2.39
CA ARG A 224 -39.52 53.69 -2.53
C ARG A 224 -39.29 54.90 -3.45
N GLY A 225 -39.14 54.62 -4.74
CA GLY A 225 -38.80 55.61 -5.75
C GLY A 225 -37.33 55.93 -5.67
N ASP A 226 -37.00 57.15 -5.22
CA ASP A 226 -35.62 57.61 -5.05
C ASP A 226 -35.13 57.42 -3.59
N GLN A 227 -36.08 57.32 -2.62
CA GLN A 227 -35.79 57.16 -1.20
C GLN A 227 -35.46 55.69 -0.87
N GLU A 228 -34.38 55.46 -0.09
CA GLU A 228 -34.00 54.09 0.32
C GLU A 228 -34.78 53.67 1.57
N GLN A 229 -34.82 52.36 1.86
CA GLN A 229 -35.50 51.83 3.03
C GLN A 229 -34.45 51.35 4.06
N GLN A 230 -34.60 51.79 5.32
CA GLN A 230 -33.68 51.42 6.41
C GLN A 230 -33.88 49.96 6.87
N GLY A 231 -35.09 49.45 6.65
CA GLY A 231 -35.52 48.11 7.03
C GLY A 231 -34.78 46.96 6.36
N THR A 232 -34.62 47.05 5.02
CA THR A 232 -33.97 46.05 4.13
C THR A 232 -32.74 45.40 4.82
N HIS A 233 -32.76 44.05 4.89
CA HIS A 233 -31.74 43.24 5.54
C HIS A 233 -30.98 42.40 4.53
N ARG A 234 -29.73 42.82 4.24
CA ARG A 234 -28.85 42.17 3.30
C ARG A 234 -28.24 40.96 3.97
N GLY A 235 -28.52 39.78 3.41
CA GLY A 235 -28.02 38.51 3.93
C GLY A 235 -26.53 38.30 3.75
N ASP A 236 -26.04 37.13 4.18
CA ASP A 236 -24.62 36.80 4.02
C ASP A 236 -24.35 36.43 2.56
N PHE A 237 -23.09 36.58 2.14
CA PHE A 237 -22.66 36.23 0.80
C PHE A 237 -22.53 34.70 0.73
N LEU A 238 -23.45 34.06 -0.02
CA LEU A 238 -23.50 32.61 -0.16
C LEU A 238 -22.80 32.20 -1.45
N PRO A 239 -21.92 31.18 -1.42
CA PRO A 239 -21.17 30.85 -2.65
C PRO A 239 -21.93 29.99 -3.66
N ASN A 240 -21.61 30.21 -4.93
CA ASN A 240 -22.09 29.35 -5.99
C ASN A 240 -20.93 28.42 -6.31
N ALA A 241 -21.25 27.24 -6.85
CA ALA A 241 -20.24 26.22 -7.16
C ALA A 241 -19.42 26.56 -8.43
N ASP A 242 -19.74 27.68 -9.13
CA ASP A 242 -19.05 28.12 -10.33
C ASP A 242 -18.26 29.41 -10.03
N GLU A 243 -17.82 29.54 -8.77
CA GLU A 243 -17.04 30.66 -8.22
C GLU A 243 -17.67 32.04 -8.53
N THR A 244 -18.97 32.16 -8.20
CA THR A 244 -19.78 33.38 -8.26
C THR A 244 -20.52 33.49 -6.94
N TRP A 245 -21.15 34.63 -6.67
CA TRP A 245 -21.83 34.82 -5.40
C TRP A 245 -23.34 34.97 -5.51
N TYR A 246 -24.01 34.66 -4.38
CA TYR A 246 -25.45 34.74 -4.13
C TYR A 246 -25.71 35.64 -2.90
N LEU A 247 -26.71 36.51 -3.01
CA LEU A 247 -27.10 37.42 -1.94
C LEU A 247 -28.62 37.56 -1.90
N GLN A 248 -29.17 37.87 -0.72
CA GLN A 248 -30.59 38.06 -0.50
C GLN A 248 -30.82 39.38 0.21
N ALA A 249 -31.92 40.04 -0.10
CA ALA A 249 -32.31 41.28 0.56
C ALA A 249 -33.78 41.19 0.89
N THR A 250 -34.10 41.20 2.18
CA THR A 250 -35.45 41.01 2.68
C THR A 250 -36.17 42.29 3.11
N LEU A 251 -37.52 42.30 2.98
CA LEU A 251 -38.47 43.31 3.45
C LEU A 251 -39.90 42.81 3.28
N LEU A 261 -42.80 49.23 -4.52
CA LEU A 261 -41.52 48.83 -3.95
C LEU A 261 -40.64 48.16 -5.01
N ALA A 262 -39.36 48.58 -5.09
CA ALA A 262 -38.43 48.07 -6.10
C ALA A 262 -37.07 47.65 -5.52
N CYS A 263 -36.44 46.67 -6.18
CA CYS A 263 -35.12 46.18 -5.80
C CYS A 263 -34.10 46.66 -6.84
N ARG A 264 -33.20 47.56 -6.41
CA ARG A 264 -32.14 48.07 -7.27
C ARG A 264 -30.81 47.40 -6.88
N VAL A 265 -30.09 46.86 -7.88
CA VAL A 265 -28.80 46.24 -7.61
C VAL A 265 -27.72 46.92 -8.48
N LYS A 266 -26.59 47.29 -7.84
CA LYS A 266 -25.48 47.97 -8.48
C LYS A 266 -24.24 47.13 -8.32
N HIS A 267 -23.69 46.69 -9.45
CA HIS A 267 -22.50 45.87 -9.54
C HIS A 267 -21.53 46.40 -10.61
N SER A 268 -20.22 46.22 -10.38
CA SER A 268 -19.13 46.64 -11.27
C SER A 268 -19.26 46.07 -12.69
N SER A 269 -19.89 44.88 -12.85
CA SER A 269 -20.08 44.22 -14.14
C SER A 269 -21.13 44.89 -15.01
N LEU A 270 -22.11 45.60 -14.39
CA LEU A 270 -23.24 46.28 -15.04
C LEU A 270 -22.82 47.58 -15.73
N GLY A 271 -21.73 48.18 -15.24
CA GLY A 271 -21.16 49.42 -15.75
C GLY A 271 -22.13 50.58 -15.91
N GLY A 272 -22.79 50.96 -14.81
CA GLY A 272 -23.77 52.04 -14.79
C GLY A 272 -25.21 51.64 -15.02
N GLN A 273 -25.43 50.49 -15.72
CA GLN A 273 -26.77 49.99 -16.03
C GLN A 273 -27.28 49.06 -14.90
N ASP A 274 -27.71 49.68 -13.78
CA ASP A 274 -28.25 49.05 -12.56
C ASP A 274 -29.52 48.24 -12.88
N ILE A 275 -29.78 47.22 -12.07
CA ILE A 275 -30.96 46.36 -12.24
C ILE A 275 -32.06 46.85 -11.30
N ILE A 276 -33.23 47.17 -11.88
CA ILE A 276 -34.39 47.61 -11.10
C ILE A 276 -35.50 46.58 -11.34
N LEU A 277 -35.88 45.86 -10.26
CA LEU A 277 -36.90 44.80 -10.28
C LEU A 277 -38.06 45.23 -9.40
N TYR A 278 -39.25 45.45 -10.02
CA TYR A 278 -40.49 45.87 -9.34
C TYR A 278 -41.34 44.65 -8.94
N GLN B 2 -20.20 20.56 19.83
CA GLN B 2 -19.92 21.86 20.46
C GLN B 2 -20.62 23.01 19.69
N LYS B 3 -20.25 23.25 18.40
CA LYS B 3 -20.84 24.31 17.54
C LYS B 3 -21.88 23.71 16.56
N THR B 4 -23.16 24.17 16.67
CA THR B 4 -24.36 23.72 15.90
C THR B 4 -24.34 24.19 14.42
N PRO B 5 -24.67 23.32 13.42
CA PRO B 5 -24.62 23.79 12.02
C PRO B 5 -25.83 24.62 11.59
N GLN B 6 -25.57 25.55 10.64
CA GLN B 6 -26.52 26.40 9.92
C GLN B 6 -26.58 25.89 8.50
N ILE B 7 -27.78 25.60 7.98
CA ILE B 7 -28.00 25.10 6.61
C ILE B 7 -28.75 26.16 5.80
N GLN B 8 -28.26 26.45 4.58
CA GLN B 8 -28.89 27.39 3.64
C GLN B 8 -29.06 26.69 2.30
N VAL B 9 -30.33 26.56 1.82
CA VAL B 9 -30.66 25.91 0.56
C VAL B 9 -31.21 26.96 -0.41
N TYR B 10 -30.51 27.15 -1.55
CA TYR B 10 -30.82 28.15 -2.58
C TYR B 10 -30.48 27.64 -3.96
N SER B 11 -31.19 28.17 -4.99
CA SER B 11 -31.00 27.83 -6.39
C SER B 11 -29.95 28.74 -7.05
N ARG B 12 -29.23 28.19 -8.04
CA ARG B 12 -28.18 28.91 -8.77
C ARG B 12 -28.79 29.95 -9.74
N HIS B 13 -29.92 29.61 -10.38
CA HIS B 13 -30.63 30.46 -11.33
C HIS B 13 -32.07 30.72 -10.87
N PRO B 14 -32.81 31.71 -11.44
CA PRO B 14 -34.20 31.90 -11.02
C PRO B 14 -35.05 30.66 -11.31
N PRO B 15 -35.81 30.14 -10.32
CA PRO B 15 -36.60 28.93 -10.56
C PRO B 15 -37.71 29.13 -11.57
N GLU B 16 -37.99 28.06 -12.32
CA GLU B 16 -39.04 27.96 -13.34
C GLU B 16 -39.35 26.48 -13.46
N ASN B 17 -40.59 26.10 -13.12
CA ASN B 17 -41.09 24.72 -13.14
C ASN B 17 -40.81 24.06 -14.49
N GLY B 18 -40.15 22.89 -14.44
CA GLY B 18 -39.80 22.10 -15.62
C GLY B 18 -38.45 22.39 -16.24
N LYS B 19 -37.83 23.54 -15.90
CA LYS B 19 -36.54 23.97 -16.42
C LYS B 19 -35.40 23.46 -15.52
N PRO B 20 -34.31 22.89 -16.09
CA PRO B 20 -33.21 22.39 -15.23
C PRO B 20 -32.35 23.52 -14.65
N ASN B 21 -32.08 23.42 -13.35
CA ASN B 21 -31.31 24.36 -12.53
C ASN B 21 -30.26 23.61 -11.69
N ILE B 22 -29.71 24.25 -10.66
CA ILE B 22 -28.74 23.70 -9.71
C ILE B 22 -29.15 24.15 -8.31
N LEU B 23 -29.34 23.17 -7.40
CA LEU B 23 -29.65 23.45 -6.01
C LEU B 23 -28.37 23.42 -5.22
N ASN B 24 -28.18 24.44 -4.38
CA ASN B 24 -27.03 24.61 -3.51
C ASN B 24 -27.46 24.41 -2.04
N CYS B 25 -26.60 23.79 -1.23
CA CYS B 25 -26.77 23.60 0.21
C CYS B 25 -25.47 24.00 0.92
N TYR B 26 -25.46 25.20 1.54
CA TYR B 26 -24.31 25.77 2.22
C TYR B 26 -24.45 25.54 3.76
N VAL B 27 -23.62 24.60 4.27
CA VAL B 27 -23.53 24.21 5.69
C VAL B 27 -22.35 24.99 6.30
N THR B 28 -22.61 25.66 7.43
CA THR B 28 -21.75 26.65 8.03
C THR B 28 -21.77 26.53 9.58
N GLN B 29 -20.82 27.25 10.23
CA GLN B 29 -20.67 27.47 11.69
C GLN B 29 -20.51 26.20 12.59
N PHE B 30 -20.13 25.04 12.04
CA PHE B 30 -20.01 23.83 12.85
C PHE B 30 -18.55 23.51 13.28
N HIS B 31 -18.42 22.81 14.43
CA HIS B 31 -17.21 22.30 15.06
C HIS B 31 -17.63 21.10 15.93
N PRO B 32 -16.96 19.91 15.86
CA PRO B 32 -15.78 19.55 15.05
C PRO B 32 -16.10 19.48 13.55
N PRO B 33 -15.09 19.45 12.65
CA PRO B 33 -15.41 19.45 11.20
C PRO B 33 -16.00 18.14 10.65
N HIS B 34 -16.07 17.03 11.45
CA HIS B 34 -16.68 15.82 10.89
C HIS B 34 -18.21 16.03 10.75
N ILE B 35 -18.69 15.91 9.52
CA ILE B 35 -20.09 16.13 9.16
C ILE B 35 -20.52 15.18 8.00
N GLU B 36 -21.83 14.92 7.91
CA GLU B 36 -22.43 14.06 6.89
C GLU B 36 -23.60 14.83 6.31
N ILE B 37 -23.50 15.17 5.00
CA ILE B 37 -24.51 15.96 4.28
C ILE B 37 -25.12 15.15 3.13
N GLN B 38 -26.46 15.14 3.08
CA GLN B 38 -27.23 14.46 2.05
C GLN B 38 -28.30 15.39 1.51
N MET B 39 -28.42 15.43 0.19
CA MET B 39 -29.46 16.24 -0.42
C MET B 39 -30.57 15.28 -0.83
N LEU B 40 -31.84 15.68 -0.65
CA LEU B 40 -32.96 14.78 -0.93
C LEU B 40 -33.93 15.32 -1.98
N LYS B 41 -34.54 14.38 -2.73
CA LYS B 41 -35.64 14.62 -3.65
C LYS B 41 -36.74 13.68 -3.19
N ASN B 42 -37.83 14.28 -2.68
CA ASN B 42 -38.99 13.54 -2.18
C ASN B 42 -38.63 12.68 -0.95
N GLY B 43 -37.55 13.04 -0.23
CA GLY B 43 -37.13 12.31 0.96
C GLY B 43 -36.12 11.22 0.67
N LYS B 44 -35.82 11.03 -0.63
CA LYS B 44 -34.86 10.05 -1.16
C LYS B 44 -33.56 10.77 -1.53
N LYS B 45 -32.41 10.23 -1.10
CA LYS B 45 -31.10 10.82 -1.37
C LYS B 45 -30.80 10.90 -2.89
N ILE B 46 -30.34 12.09 -3.36
CA ILE B 46 -29.96 12.32 -4.76
C ILE B 46 -28.54 11.74 -4.94
N PRO B 47 -28.27 10.90 -5.98
CA PRO B 47 -26.95 10.23 -6.06
C PRO B 47 -25.76 11.09 -6.54
N LYS B 48 -25.96 11.97 -7.54
CA LYS B 48 -24.87 12.76 -8.12
C LYS B 48 -24.61 14.12 -7.40
N VAL B 49 -24.48 14.08 -6.05
CA VAL B 49 -24.27 15.29 -5.24
C VAL B 49 -22.78 15.61 -5.17
N GLU B 50 -22.42 16.85 -5.52
CA GLU B 50 -21.03 17.28 -5.47
C GLU B 50 -20.71 18.06 -4.19
N MET B 51 -19.51 17.83 -3.66
CA MET B 51 -19.08 18.49 -2.45
C MET B 51 -17.88 19.32 -2.74
N SER B 52 -17.90 20.57 -2.27
CA SER B 52 -16.74 21.44 -2.37
C SER B 52 -15.78 21.01 -1.27
N ASP B 53 -14.50 21.39 -1.33
CA ASP B 53 -13.58 21.03 -0.25
C ASP B 53 -13.98 21.72 1.04
N MET B 54 -13.78 21.04 2.18
CA MET B 54 -14.06 21.65 3.48
C MET B 54 -13.04 22.78 3.69
N SER B 55 -13.50 23.93 4.19
CA SER B 55 -12.65 25.08 4.49
C SER B 55 -13.15 25.77 5.78
N PHE B 56 -12.58 26.94 6.14
CA PHE B 56 -13.00 27.69 7.30
C PHE B 56 -12.80 29.19 7.08
N SER B 57 -13.57 30.01 7.80
CA SER B 57 -13.56 31.48 7.69
C SER B 57 -12.60 32.09 8.71
N LYS B 58 -12.39 33.42 8.64
CA LYS B 58 -11.52 34.20 9.52
C LYS B 58 -11.89 33.99 11.01
N ASP B 59 -13.18 33.67 11.28
CA ASP B 59 -13.73 33.41 12.62
C ASP B 59 -13.47 31.95 13.10
N TRP B 60 -12.73 31.14 12.28
CA TRP B 60 -12.29 29.75 12.51
C TRP B 60 -13.41 28.72 12.36
N SER B 61 -14.61 29.15 11.94
CA SER B 61 -15.72 28.23 11.79
C SER B 61 -15.67 27.60 10.42
N PHE B 62 -15.98 26.31 10.37
CA PHE B 62 -16.00 25.51 9.16
C PHE B 62 -17.19 25.84 8.25
N TYR B 63 -17.07 25.50 6.97
CA TYR B 63 -18.14 25.63 5.98
C TYR B 63 -17.87 24.65 4.85
N ILE B 64 -18.92 24.24 4.13
CA ILE B 64 -18.82 23.33 2.99
C ILE B 64 -20.03 23.53 2.12
N LEU B 65 -19.82 23.60 0.78
CA LEU B 65 -20.91 23.73 -0.16
C LEU B 65 -21.18 22.40 -0.86
N ALA B 66 -22.44 21.94 -0.77
CA ALA B 66 -23.02 20.79 -1.48
C ALA B 66 -23.89 21.34 -2.59
N HIS B 67 -23.88 20.71 -3.77
CA HIS B 67 -24.75 21.14 -4.89
C HIS B 67 -25.07 19.98 -5.83
N THR B 68 -26.27 20.01 -6.39
CA THR B 68 -26.73 18.98 -7.31
C THR B 68 -27.62 19.64 -8.36
N GLU B 69 -27.63 19.08 -9.58
CA GLU B 69 -28.50 19.59 -10.64
C GLU B 69 -29.90 19.07 -10.35
N PHE B 70 -30.92 19.90 -10.64
CA PHE B 70 -32.31 19.54 -10.36
C PHE B 70 -33.26 20.31 -11.30
N THR B 71 -34.44 19.75 -11.64
CA THR B 71 -35.44 20.44 -12.47
C THR B 71 -36.72 20.52 -11.59
N PRO B 72 -36.96 21.67 -10.92
CA PRO B 72 -38.12 21.78 -10.02
C PRO B 72 -39.49 21.67 -10.68
N THR B 73 -40.47 21.20 -9.90
CA THR B 73 -41.86 21.02 -10.26
C THR B 73 -42.74 21.48 -9.09
N GLU B 74 -44.06 21.63 -9.33
CA GLU B 74 -45.03 22.08 -8.32
C GLU B 74 -45.32 20.99 -7.26
N THR B 75 -45.01 19.72 -7.59
CA THR B 75 -45.23 18.57 -6.70
C THR B 75 -43.94 18.07 -6.00
N ASP B 76 -42.76 18.22 -6.64
CA ASP B 76 -41.50 17.72 -6.09
C ASP B 76 -40.98 18.57 -4.91
N THR B 77 -40.59 17.88 -3.83
CA THR B 77 -40.02 18.44 -2.60
C THR B 77 -38.51 18.20 -2.58
N TYR B 78 -37.73 19.26 -2.27
CA TYR B 78 -36.26 19.18 -2.20
C TYR B 78 -35.75 19.62 -0.82
N ALA B 79 -34.80 18.85 -0.24
CA ALA B 79 -34.27 19.15 1.10
C ALA B 79 -32.77 18.87 1.22
N CYS B 80 -32.17 19.34 2.34
CA CYS B 80 -30.79 19.12 2.70
C CYS B 80 -30.70 18.69 4.17
N ARG B 81 -30.44 17.38 4.39
CA ARG B 81 -30.32 16.77 5.70
C ARG B 81 -28.86 16.71 6.13
N VAL B 82 -28.59 17.06 7.41
CA VAL B 82 -27.23 17.10 7.94
C VAL B 82 -27.16 16.38 9.30
N LYS B 83 -26.15 15.51 9.46
CA LYS B 83 -25.88 14.82 10.72
C LYS B 83 -24.55 15.36 11.27
N HIS B 84 -24.63 15.96 12.45
CA HIS B 84 -23.50 16.51 13.21
C HIS B 84 -23.65 16.12 14.69
N ALA B 85 -22.53 15.88 15.39
CA ALA B 85 -22.50 15.48 16.81
C ALA B 85 -23.12 16.51 17.75
N SER B 86 -23.19 17.79 17.30
CA SER B 86 -23.77 18.91 18.06
C SER B 86 -25.30 18.80 18.15
N MET B 87 -25.88 17.92 17.31
CA MET B 87 -27.33 17.65 17.25
C MET B 87 -27.62 16.19 17.56
N ALA B 88 -28.71 15.95 18.31
CA ALA B 88 -29.15 14.60 18.66
C ALA B 88 -29.80 13.96 17.44
N GLU B 89 -30.70 14.73 16.79
CA GLU B 89 -31.40 14.30 15.59
C GLU B 89 -30.87 15.06 14.37
N PRO B 90 -30.88 14.45 13.15
CA PRO B 90 -30.40 15.19 11.98
C PRO B 90 -31.27 16.40 11.67
N LYS B 91 -30.68 17.47 11.15
CA LYS B 91 -31.41 18.69 10.79
C LYS B 91 -31.71 18.67 9.30
N THR B 92 -33.00 18.73 8.93
CA THR B 92 -33.44 18.77 7.54
C THR B 92 -34.00 20.17 7.26
N VAL B 93 -33.52 20.81 6.18
CA VAL B 93 -33.94 22.13 5.70
C VAL B 93 -34.49 21.96 4.27
N TYR B 94 -35.75 22.34 4.08
CA TYR B 94 -36.40 22.22 2.78
C TYR B 94 -36.17 23.44 1.95
N TRP B 95 -36.00 23.25 0.63
CA TRP B 95 -35.86 24.35 -0.32
C TRP B 95 -37.22 25.03 -0.49
N ASP B 96 -37.24 26.37 -0.35
CA ASP B 96 -38.43 27.21 -0.44
C ASP B 96 -38.12 28.43 -1.36
N ARG B 97 -38.79 28.51 -2.53
CA ARG B 97 -38.60 29.58 -3.51
C ARG B 97 -39.40 30.82 -3.14
N THR C 1 18.10 -1.24 9.26
CA THR C 1 18.21 -0.05 10.13
C THR C 1 18.41 1.26 9.29
N GLN C 2 17.98 2.39 9.87
CA GLN C 2 18.04 3.72 9.27
C GLN C 2 19.43 4.38 9.39
N VAL C 3 20.33 3.82 10.22
CA VAL C 3 21.68 4.34 10.43
C VAL C 3 22.67 3.19 10.31
N GLU C 4 23.58 3.32 9.30
CA GLU C 4 24.61 2.32 8.98
CA GLU C 4 24.61 2.32 8.99
C GLU C 4 26.03 2.91 9.14
N GLN C 5 26.92 2.18 9.83
CA GLN C 5 28.31 2.62 10.07
C GLN C 5 29.32 1.69 9.37
N SER C 6 30.45 2.27 8.90
CA SER C 6 31.50 1.52 8.22
CA SER C 6 31.50 1.54 8.20
C SER C 6 32.89 2.10 8.55
N PRO C 7 33.92 1.24 8.75
CA PRO C 7 33.91 -0.25 8.77
C PRO C 7 33.20 -0.74 10.03
N GLN C 8 32.92 -2.03 10.13
CA GLN C 8 32.31 -2.63 11.33
C GLN C 8 33.35 -2.59 12.43
N SER C 9 34.60 -2.86 12.08
CA SER C 9 35.74 -2.86 12.98
C SER C 9 37.02 -2.60 12.18
N LEU C 10 38.05 -2.07 12.86
CA LEU C 10 39.35 -1.82 12.24
C LEU C 10 40.47 -1.85 13.28
N VAL C 11 41.70 -2.17 12.84
CA VAL C 11 42.89 -2.19 13.72
C VAL C 11 43.93 -1.23 13.12
N VAL C 12 44.40 -0.25 13.89
CA VAL C 12 45.40 0.73 13.43
C VAL C 12 46.58 0.77 14.41
N ARG C 13 47.72 1.28 13.95
CA ARG C 13 48.88 1.44 14.81
C ARG C 13 48.87 2.83 15.35
N GLN C 14 49.38 3.03 16.55
CA GLN C 14 49.54 4.35 17.18
C GLN C 14 50.17 5.36 16.19
N GLY C 15 49.61 6.57 16.15
CA GLY C 15 50.09 7.63 15.27
C GLY C 15 49.45 7.65 13.90
N GLU C 16 48.67 6.59 13.59
CA GLU C 16 47.98 6.51 12.32
C GLU C 16 46.67 7.20 12.45
N ASN C 17 46.10 7.60 11.34
CA ASN C 17 44.79 8.26 11.34
C ASN C 17 43.68 7.23 11.09
N SER C 18 42.52 7.43 11.69
CA SER C 18 41.33 6.61 11.51
C SER C 18 40.24 7.43 10.90
N VAL C 19 39.58 6.86 9.92
CA VAL C 19 38.47 7.52 9.24
C VAL C 19 37.25 6.57 9.35
N LEU C 20 36.19 7.09 9.96
CA LEU C 20 34.96 6.37 10.25
C LEU C 20 33.77 6.99 9.51
N GLN C 21 32.92 6.15 8.92
CA GLN C 21 31.78 6.65 8.14
C GLN C 21 30.42 6.30 8.75
N CYS C 22 29.45 7.16 8.44
CA CYS C 22 28.07 7.03 8.85
C CYS C 22 27.18 7.46 7.71
N ASN C 23 26.18 6.64 7.38
CA ASN C 23 25.18 6.86 6.33
C ASN C 23 23.84 6.57 6.92
N TYR C 24 22.86 7.42 6.62
CA TYR C 24 21.54 7.26 7.18
C TYR C 24 20.44 7.58 6.15
N SER C 25 19.22 7.14 6.47
CA SER C 25 18.00 7.37 5.69
C SER C 25 16.94 8.05 6.56
N VAL C 26 17.30 8.42 7.81
CA VAL C 26 16.45 9.12 8.78
C VAL C 26 15.89 10.38 8.13
N THR C 27 14.57 10.62 8.27
CA THR C 27 13.86 11.80 7.73
C THR C 27 12.88 12.36 8.77
N PRO C 28 12.96 13.65 9.13
CA PRO C 28 14.03 14.62 8.78
C PRO C 28 15.30 14.37 9.63
N ASP C 29 16.42 14.91 9.18
CA ASP C 29 17.71 14.80 9.84
C ASP C 29 18.09 16.16 10.48
N ASN C 30 17.73 16.37 11.74
CA ASN C 30 18.03 17.65 12.38
C ASN C 30 19.55 17.78 12.67
N HIS C 31 20.13 16.76 13.35
CA HIS C 31 21.53 16.77 13.75
C HIS C 31 22.09 15.34 13.81
N LEU C 32 23.42 15.25 13.75
CA LEU C 32 24.21 14.02 13.84
C LEU C 32 25.26 14.18 14.91
N ARG C 33 25.30 13.22 15.82
CA ARG C 33 26.24 13.21 16.93
C ARG C 33 27.12 11.99 16.87
N TRP C 34 28.38 12.17 17.21
CA TRP C 34 29.32 11.07 17.32
C TRP C 34 29.64 10.84 18.80
N PHE C 35 29.50 9.59 19.24
CA PHE C 35 29.81 9.17 20.62
C PHE C 35 30.99 8.24 20.65
N LYS C 36 31.78 8.32 21.71
CA LYS C 36 32.86 7.40 22.01
C LYS C 36 32.40 6.55 23.22
N GLN C 37 32.41 5.22 23.09
CA GLN C 37 32.05 4.33 24.17
C GLN C 37 33.21 3.34 24.46
N ASP C 38 33.85 3.46 25.62
CA ASP C 38 34.92 2.54 26.06
C ASP C 38 34.27 1.26 26.53
N THR C 39 34.95 0.12 26.38
CA THR C 39 34.37 -1.19 26.73
C THR C 39 33.93 -1.18 28.19
N GLY C 40 32.67 -1.54 28.38
CA GLY C 40 32.03 -1.57 29.69
C GLY C 40 31.47 -0.25 30.17
N LYS C 41 32.03 0.87 29.69
CA LYS C 41 31.63 2.20 30.11
C LYS C 41 30.39 2.72 29.31
N GLY C 42 30.07 4.01 29.46
CA GLY C 42 28.98 4.70 28.79
C GLY C 42 29.39 5.59 27.62
N LEU C 43 28.44 6.44 27.19
CA LEU C 43 28.56 7.28 25.99
C LEU C 43 29.08 8.68 26.26
N VAL C 44 30.14 9.05 25.56
CA VAL C 44 30.74 10.39 25.68
C VAL C 44 30.64 11.05 24.30
N SER C 45 29.95 12.20 24.23
CA SER C 45 29.76 13.00 23.04
C SER C 45 31.09 13.57 22.56
N LEU C 46 31.38 13.39 21.28
CA LEU C 46 32.61 13.89 20.68
C LEU C 46 32.32 15.18 19.95
N THR C 47 31.16 15.25 19.25
CA THR C 47 30.73 16.40 18.47
C THR C 47 29.29 16.31 18.01
N VAL C 48 28.70 17.44 17.63
CA VAL C 48 27.37 17.53 17.01
C VAL C 48 27.50 18.35 15.75
N LEU C 49 26.88 17.88 14.68
CA LEU C 49 26.84 18.55 13.38
C LEU C 49 25.40 18.88 13.13
N VAL C 50 25.13 20.15 12.79
CA VAL C 50 23.74 20.63 12.71
C VAL C 50 23.36 21.25 11.35
N ASP C 51 24.31 21.81 10.59
CA ASP C 51 24.02 22.50 9.33
C ASP C 51 23.99 21.57 8.14
N GLN C 52 23.46 22.06 7.00
CA GLN C 52 23.30 21.30 5.75
C GLN C 52 24.64 20.73 5.29
N LYS C 53 25.70 21.55 5.36
CA LYS C 53 27.10 21.22 5.08
C LYS C 53 27.84 21.72 6.27
N ASP C 54 28.30 20.80 7.11
CA ASP C 54 28.93 21.17 8.37
C ASP C 54 30.24 20.47 8.55
N LYS C 55 31.08 21.11 9.34
CA LYS C 55 32.42 20.65 9.70
C LYS C 55 32.64 21.02 11.16
N THR C 56 33.16 20.10 11.96
CA THR C 56 33.47 20.39 13.37
C THR C 56 34.86 19.86 13.72
N SER C 57 35.42 20.37 14.81
CA SER C 57 36.71 19.89 15.30
C SER C 57 36.72 19.92 16.84
N ASN C 58 37.34 18.92 17.43
CA ASN C 58 37.51 18.76 18.84
C ASN C 58 38.85 18.03 19.05
N GLY C 59 39.92 18.81 19.07
CA GLY C 59 41.26 18.30 19.26
C GLY C 59 41.69 17.42 18.13
N ARG C 60 41.90 16.12 18.43
CA ARG C 60 42.35 15.13 17.47
C ARG C 60 41.20 14.56 16.64
N TYR C 61 39.95 14.81 17.09
CA TYR C 61 38.72 14.47 16.36
C TYR C 61 38.32 15.64 15.49
N SER C 62 37.78 15.34 14.30
CA SER C 62 37.20 16.27 13.33
C SER C 62 36.12 15.51 12.54
N ALA C 63 35.05 16.18 12.14
CA ALA C 63 33.93 15.54 11.45
C ALA C 63 33.30 16.45 10.40
N THR C 64 32.55 15.83 9.48
CA THR C 64 31.81 16.53 8.44
C THR C 64 30.41 15.99 8.37
N LEU C 65 29.50 16.79 7.77
CA LEU C 65 28.11 16.38 7.54
C LEU C 65 27.64 17.00 6.27
N ASP C 66 27.06 16.16 5.41
CA ASP C 66 26.41 16.50 4.16
C ASP C 66 25.05 15.89 4.24
N LYS C 67 24.05 16.72 4.59
CA LYS C 67 22.66 16.32 4.72
C LYS C 67 22.04 15.92 3.37
N ASP C 68 22.54 16.44 2.25
CA ASP C 68 22.07 16.06 0.93
C ASP C 68 22.45 14.60 0.62
N ALA C 69 23.70 14.23 0.94
CA ALA C 69 24.24 12.88 0.75
C ALA C 69 23.83 11.93 1.90
N LYS C 70 23.31 12.51 3.03
CA LYS C 70 22.90 11.82 4.26
C LYS C 70 24.08 10.93 4.72
N HIS C 71 25.25 11.58 4.86
CA HIS C 71 26.55 11.00 5.17
C HIS C 71 27.40 11.87 6.11
N SER C 72 28.15 11.23 7.01
CA SER C 72 29.06 11.91 7.94
C SER C 72 30.37 11.12 8.11
N THR C 73 31.49 11.84 8.25
CA THR C 73 32.80 11.23 8.44
C THR C 73 33.44 11.71 9.76
N LEU C 74 34.02 10.78 10.54
CA LEU C 74 34.75 11.10 11.75
C LEU C 74 36.21 10.74 11.51
N HIS C 75 37.09 11.74 11.71
CA HIS C 75 38.52 11.57 11.58
C HIS C 75 39.17 11.64 12.95
N ILE C 76 40.04 10.68 13.25
CA ILE C 76 40.87 10.68 14.46
C ILE C 76 42.27 10.82 13.93
N THR C 77 42.90 11.94 14.24
CA THR C 77 44.25 12.28 13.77
C THR C 77 45.23 11.79 14.82
N ALA C 78 46.22 10.99 14.39
CA ALA C 78 47.31 10.46 15.20
C ALA C 78 46.73 9.72 16.43
N THR C 79 46.10 8.60 16.13
CA THR C 79 45.44 7.75 17.13
C THR C 79 46.40 7.34 18.23
N LEU C 80 45.85 7.26 19.45
CA LEU C 80 46.50 6.87 20.69
C LEU C 80 45.85 5.63 21.24
N LEU C 81 46.57 4.86 22.06
CA LEU C 81 46.06 3.66 22.71
C LEU C 81 44.63 3.88 23.29
N ASP C 82 44.40 5.03 23.95
CA ASP C 82 43.15 5.44 24.57
C ASP C 82 41.98 5.60 23.62
N ASP C 83 42.22 5.69 22.31
CA ASP C 83 41.16 5.78 21.30
C ASP C 83 40.50 4.42 21.04
N THR C 84 41.05 3.31 21.62
CA THR C 84 40.46 1.98 21.55
C THR C 84 39.08 2.12 22.23
N ALA C 85 38.04 2.07 21.39
CA ALA C 85 36.67 2.25 21.81
C ALA C 85 35.75 1.91 20.67
N THR C 86 34.44 2.07 20.88
CA THR C 86 33.39 1.92 19.89
C THR C 86 32.93 3.31 19.58
N TYR C 87 32.82 3.64 18.30
CA TYR C 87 32.39 4.98 17.87
C TYR C 87 31.01 4.85 17.29
N ILE C 88 30.07 5.54 17.92
CA ILE C 88 28.65 5.46 17.58
C ILE C 88 28.13 6.75 16.96
N CYS C 89 27.48 6.58 15.85
CA CYS C 89 26.83 7.61 15.07
C CYS C 89 25.33 7.65 15.43
N VAL C 90 24.77 8.83 15.74
CA VAL C 90 23.38 9.02 16.13
C VAL C 90 22.81 10.18 15.32
N VAL C 91 21.61 9.95 14.76
CA VAL C 91 20.86 10.96 14.02
C VAL C 91 19.59 11.27 14.80
N GLY C 92 19.40 12.55 15.10
CA GLY C 92 18.24 13.09 15.79
C GLY C 92 17.29 13.68 14.79
N ASP C 93 15.99 13.30 14.85
CA ASP C 93 15.02 13.71 13.84
C ASP C 93 14.25 15.02 14.18
N ARG C 94 14.58 15.69 15.29
CA ARG C 94 13.98 17.00 15.68
C ARG C 94 15.00 17.87 16.42
N GLY C 95 14.81 19.18 16.38
CA GLY C 95 15.64 20.11 17.13
C GLY C 95 15.20 20.38 18.56
N SER C 96 14.35 19.50 19.12
CA SER C 96 13.79 19.58 20.47
C SER C 96 13.54 18.18 21.05
N ALA C 97 13.13 18.12 22.31
CA ALA C 97 12.82 16.90 23.06
C ALA C 97 11.74 16.03 22.37
N LEU C 98 10.98 16.61 21.40
CA LEU C 98 9.96 15.90 20.61
C LEU C 98 10.58 14.84 19.66
N GLY C 99 11.89 14.91 19.49
CA GLY C 99 12.66 14.07 18.60
C GLY C 99 13.03 12.72 19.16
N ARG C 100 13.32 11.81 18.20
CA ARG C 100 13.76 10.47 18.46
C ARG C 100 15.18 10.35 17.99
N LEU C 101 16.01 9.65 18.76
CA LEU C 101 17.40 9.41 18.40
C LEU C 101 17.50 8.08 17.70
N HIS C 102 18.12 8.06 16.54
CA HIS C 102 18.32 6.85 15.71
C HIS C 102 19.79 6.48 15.78
N PHE C 103 20.12 5.36 16.45
CA PHE C 103 21.48 4.92 16.74
C PHE C 103 22.08 3.93 15.77
N GLY C 104 23.29 4.21 15.31
CA GLY C 104 24.09 3.29 14.51
C GLY C 104 24.62 2.21 15.45
N ALA C 105 24.98 1.02 14.91
CA ALA C 105 25.44 -0.10 15.77
C ALA C 105 26.90 0.03 16.19
N GLY C 106 27.61 1.07 15.78
CA GLY C 106 29.01 1.30 16.13
C GLY C 106 30.10 0.74 15.23
N THR C 107 31.32 1.28 15.40
CA THR C 107 32.56 0.88 14.74
C THR C 107 33.60 0.61 15.82
N GLN C 108 34.09 -0.64 15.93
CA GLN C 108 35.11 -0.94 16.97
C GLN C 108 36.51 -0.60 16.44
N LEU C 109 37.23 0.27 17.15
CA LEU C 109 38.58 0.67 16.79
C LEU C 109 39.55 0.14 17.80
N ILE C 110 40.58 -0.57 17.30
CA ILE C 110 41.69 -1.08 18.12
C ILE C 110 42.94 -0.36 17.67
N VAL C 111 43.64 0.25 18.65
CA VAL C 111 44.92 0.93 18.44
C VAL C 111 46.06 0.06 19.03
N ILE C 112 47.06 -0.30 18.18
CA ILE C 112 48.25 -1.09 18.56
C ILE C 112 49.29 -0.12 19.14
N PRO C 113 49.71 -0.30 20.41
CA PRO C 113 50.63 0.70 21.02
C PRO C 113 52.08 0.59 20.53
N ASP C 114 52.78 1.73 20.55
CA ASP C 114 54.19 1.80 20.16
C ASP C 114 55.06 1.33 21.35
N ILE C 115 55.80 0.22 21.18
CA ILE C 115 56.65 -0.27 22.27
C ILE C 115 58.10 0.17 21.93
N GLN C 116 58.48 1.31 22.54
CA GLN C 116 59.72 2.03 22.35
C GLN C 116 60.98 1.13 22.52
N ASN C 117 61.22 0.63 23.74
CA ASN C 117 62.39 -0.19 24.01
C ASN C 117 62.00 -1.56 24.57
N PRO C 118 61.77 -2.56 23.69
CA PRO C 118 61.44 -3.90 24.20
C PRO C 118 62.58 -4.49 25.05
N ASP C 119 62.24 -5.45 25.90
CA ASP C 119 63.11 -6.15 26.85
C ASP C 119 62.38 -7.44 27.26
N PRO C 120 61.99 -8.34 26.32
CA PRO C 120 61.20 -9.53 26.71
C PRO C 120 61.84 -10.35 27.80
N ALA C 121 61.05 -10.67 28.85
CA ALA C 121 61.49 -11.44 30.01
C ALA C 121 60.31 -12.17 30.70
N VAL C 122 60.62 -13.28 31.41
CA VAL C 122 59.63 -14.06 32.15
C VAL C 122 60.06 -14.12 33.62
N TYR C 123 59.28 -13.48 34.50
CA TYR C 123 59.58 -13.42 35.92
C TYR C 123 58.64 -14.27 36.75
N GLN C 124 59.13 -14.78 37.91
CA GLN C 124 58.30 -15.53 38.84
C GLN C 124 57.99 -14.64 40.04
N LEU C 125 56.69 -14.44 40.30
CA LEU C 125 56.17 -13.60 41.39
C LEU C 125 55.53 -14.50 42.46
N ARG C 126 55.92 -14.35 43.73
CA ARG C 126 55.38 -15.17 44.82
C ARG C 126 54.25 -14.43 45.55
N ASP C 127 53.27 -15.21 46.12
CA ASP C 127 52.11 -14.69 46.84
C ASP C 127 52.55 -14.00 48.11
N SER C 128 51.90 -12.87 48.43
CA SER C 128 52.17 -12.09 49.61
C SER C 128 51.72 -12.84 50.89
N LYS C 129 50.78 -13.81 50.76
CA LYS C 129 50.26 -14.60 51.89
C LYS C 129 50.91 -16.00 52.01
N SER C 130 50.34 -17.03 51.34
CA SER C 130 50.73 -18.46 51.43
C SER C 130 52.24 -18.74 51.47
N SER C 131 52.94 -18.44 50.33
CA SER C 131 54.34 -18.67 49.90
C SER C 131 54.33 -19.83 48.87
N ASP C 132 53.50 -20.88 49.14
CA ASP C 132 53.34 -22.10 48.33
C ASP C 132 52.56 -21.86 47.01
N LYS C 133 52.38 -20.59 46.61
CA LYS C 133 51.68 -20.16 45.40
C LYS C 133 52.46 -19.08 44.68
N SER C 134 52.41 -19.10 43.33
CA SER C 134 53.11 -18.12 42.49
C SER C 134 52.43 -17.95 41.11
N VAL C 135 52.93 -16.95 40.33
CA VAL C 135 52.56 -16.68 38.95
C VAL C 135 53.83 -16.45 38.12
N CYS C 136 53.69 -16.65 36.81
CA CYS C 136 54.72 -16.37 35.82
C CYS C 136 54.25 -15.15 35.07
N LEU C 137 55.12 -14.15 34.95
CA LEU C 137 54.76 -12.93 34.24
C LEU C 137 55.68 -12.73 33.03
N PHE C 138 55.11 -12.89 31.81
CA PHE C 138 55.80 -12.61 30.55
C PHE C 138 55.57 -11.14 30.26
N THR C 139 56.63 -10.31 30.29
CA THR C 139 56.46 -8.88 30.10
C THR C 139 57.55 -8.24 29.17
N ASP C 140 57.34 -6.92 28.89
CA ASP C 140 58.18 -5.99 28.13
C ASP C 140 58.46 -6.51 26.70
N PHE C 141 57.51 -7.29 26.14
CA PHE C 141 57.61 -7.78 24.78
C PHE C 141 57.01 -6.78 23.78
N ASP C 142 57.50 -6.82 22.53
CA ASP C 142 57.03 -5.96 21.44
C ASP C 142 55.66 -6.43 20.98
N SER C 143 54.98 -5.60 20.17
CA SER C 143 53.64 -5.83 19.63
C SER C 143 53.58 -7.03 18.64
N GLN C 144 54.71 -7.37 18.00
CA GLN C 144 54.81 -8.50 17.06
C GLN C 144 54.84 -9.87 17.76
N THR C 145 54.48 -9.91 19.06
CA THR C 145 54.48 -11.13 19.87
C THR C 145 53.06 -11.50 20.21
N ASN C 146 52.67 -12.72 19.87
CA ASN C 146 51.34 -13.24 20.17
C ASN C 146 51.45 -14.27 21.30
N VAL C 147 50.56 -14.15 22.27
CA VAL C 147 50.51 -15.04 23.43
C VAL C 147 49.40 -16.02 23.14
N SER C 148 49.74 -17.31 23.12
CA SER C 148 48.72 -18.31 22.85
C SER C 148 48.36 -19.04 24.11
N GLN C 149 47.07 -19.43 24.20
CA GLN C 149 46.46 -20.15 25.31
C GLN C 149 47.14 -21.49 25.55
N SER C 150 47.10 -22.01 26.79
CA SER C 150 47.77 -23.27 27.10
C SER C 150 47.06 -24.49 26.53
N LYS C 151 47.88 -25.45 26.07
CA LYS C 151 47.45 -26.74 25.55
C LYS C 151 46.94 -27.61 26.73
N ASP C 152 47.34 -27.27 27.98
CA ASP C 152 46.95 -27.92 29.24
C ASP C 152 45.78 -27.13 29.89
N SER C 153 44.71 -27.84 30.26
CA SER C 153 43.47 -27.30 30.87
C SER C 153 43.71 -26.79 32.31
N ASP C 154 44.66 -27.43 33.04
CA ASP C 154 45.05 -27.11 34.43
C ASP C 154 46.04 -25.93 34.50
N VAL C 155 46.43 -25.39 33.34
CA VAL C 155 47.34 -24.25 33.21
C VAL C 155 46.52 -23.11 32.63
N TYR C 156 46.62 -21.91 33.24
CA TYR C 156 45.89 -20.73 32.81
C TYR C 156 46.86 -19.68 32.34
N ILE C 157 46.62 -19.17 31.13
CA ILE C 157 47.41 -18.12 30.50
C ILE C 157 46.45 -17.05 30.02
N THR C 158 46.69 -15.80 30.42
CA THR C 158 45.88 -14.63 30.04
C THR C 158 46.38 -14.10 28.70
N ASP C 159 45.64 -13.18 28.08
CA ASP C 159 46.05 -12.56 26.83
C ASP C 159 46.91 -11.32 27.13
N LYS C 160 47.47 -10.72 26.06
CA LYS C 160 48.21 -9.47 26.05
C LYS C 160 47.37 -8.38 26.71
N CYS C 161 48.02 -7.54 27.52
CA CYS C 161 47.42 -6.41 28.22
C CYS C 161 48.50 -5.37 28.31
N VAL C 162 48.21 -4.14 27.89
CA VAL C 162 49.19 -3.07 27.87
C VAL C 162 48.82 -2.04 28.92
N LEU C 163 49.79 -1.76 29.81
CA LEU C 163 49.67 -0.77 30.86
C LEU C 163 50.46 0.48 30.46
N ASP C 164 50.08 1.63 30.99
CA ASP C 164 50.72 2.90 30.67
C ASP C 164 51.11 3.58 31.96
N MET C 165 52.44 3.72 32.21
CA MET C 165 52.97 4.49 33.35
C MET C 165 53.06 5.93 32.84
N ARG C 166 51.91 6.66 32.90
CA ARG C 166 51.67 7.98 32.31
C ARG C 166 52.70 9.01 32.71
N SER C 167 53.12 9.03 33.99
CA SER C 167 54.12 9.97 34.49
C SER C 167 55.48 9.80 33.79
N MET C 168 55.85 8.56 33.45
CA MET C 168 57.12 8.24 32.79
C MET C 168 57.00 8.02 31.27
N ASP C 169 55.82 8.31 30.68
CA ASP C 169 55.50 8.15 29.24
C ASP C 169 56.03 6.79 28.72
N PHE C 170 55.85 5.74 29.55
CA PHE C 170 56.29 4.38 29.37
C PHE C 170 55.10 3.42 29.27
N LYS C 171 55.16 2.53 28.30
CA LYS C 171 54.14 1.52 28.01
C LYS C 171 54.77 0.14 28.01
N SER C 172 54.05 -0.86 28.55
CA SER C 172 54.54 -2.24 28.60
C SER C 172 53.42 -3.23 28.46
N ASN C 173 53.69 -4.26 27.68
CA ASN C 173 52.84 -5.42 27.40
C ASN C 173 53.16 -6.50 28.41
N SER C 174 52.15 -7.34 28.70
CA SER C 174 52.30 -8.44 29.65
C SER C 174 51.12 -9.37 29.58
N ALA C 175 51.42 -10.64 29.87
CA ALA C 175 50.55 -11.79 29.98
C ALA C 175 50.95 -12.55 31.26
N VAL C 176 49.94 -13.10 31.96
CA VAL C 176 50.17 -13.83 33.21
C VAL C 176 49.83 -15.33 33.00
N ALA C 177 50.64 -16.19 33.62
CA ALA C 177 50.43 -17.63 33.60
C ALA C 177 50.53 -18.20 34.99
N TRP C 178 49.67 -19.17 35.30
CA TRP C 178 49.66 -19.88 36.57
C TRP C 178 49.06 -21.27 36.41
N SER C 179 49.32 -22.10 37.41
CA SER C 179 48.87 -23.48 37.52
C SER C 179 49.09 -23.96 38.94
N ASN C 180 48.28 -24.92 39.39
CA ASN C 180 48.43 -25.46 40.74
C ASN C 180 49.17 -26.81 40.69
N LYS C 181 49.58 -27.25 39.47
CA LYS C 181 50.31 -28.51 39.23
C LYS C 181 51.84 -28.36 39.46
N SER C 182 52.50 -29.47 39.88
CA SER C 182 53.94 -29.57 40.18
C SER C 182 54.80 -29.49 38.91
N ASP C 183 54.34 -30.13 37.81
CA ASP C 183 54.97 -30.15 36.49
C ASP C 183 55.10 -28.73 35.86
N PHE C 184 54.52 -27.69 36.51
CA PHE C 184 54.54 -26.28 36.06
C PHE C 184 55.70 -25.42 36.67
N ALA C 185 56.43 -24.73 35.77
CA ALA C 185 57.55 -23.81 36.02
C ALA C 185 57.53 -22.68 34.97
N CYS C 186 58.18 -21.55 35.26
CA CYS C 186 58.17 -20.38 34.36
C CYS C 186 59.01 -20.59 33.10
N ALA C 187 60.10 -21.37 33.18
CA ALA C 187 60.96 -21.62 32.02
C ALA C 187 60.18 -22.27 30.87
N ASN C 188 59.09 -23.01 31.22
CA ASN C 188 58.21 -23.76 30.33
C ASN C 188 56.79 -23.17 30.21
N ALA C 189 56.49 -22.13 30.99
CA ALA C 189 55.17 -21.49 31.07
C ALA C 189 54.57 -21.08 29.73
N PHE C 190 55.33 -20.37 28.90
CA PHE C 190 54.80 -19.87 27.65
C PHE C 190 55.35 -20.65 26.44
N ASN C 191 55.65 -21.95 26.63
CA ASN C 191 56.19 -22.85 25.59
C ASN C 191 55.32 -22.94 24.35
N ASN C 192 53.98 -22.94 24.53
CA ASN C 192 52.98 -23.03 23.46
C ASN C 192 52.90 -21.71 22.64
N SER C 193 53.66 -20.66 23.03
CA SER C 193 53.70 -19.37 22.35
C SER C 193 55.00 -19.17 21.57
N ILE C 194 54.99 -18.27 20.57
CA ILE C 194 56.21 -17.91 19.84
C ILE C 194 56.69 -16.62 20.51
N ILE C 195 57.64 -16.79 21.45
CA ILE C 195 58.22 -15.73 22.25
C ILE C 195 59.59 -15.34 21.64
N PRO C 196 60.09 -14.07 21.83
CA PRO C 196 61.38 -13.67 21.22
C PRO C 196 62.59 -14.51 21.66
N GLU C 197 63.65 -14.52 20.84
CA GLU C 197 64.88 -15.27 21.07
C GLU C 197 65.68 -14.70 22.27
N ASP C 198 65.56 -13.37 22.51
CA ASP C 198 66.22 -12.62 23.60
C ASP C 198 65.54 -12.79 24.98
N THR C 199 64.29 -13.33 25.03
CA THR C 199 63.49 -13.49 26.26
C THR C 199 64.38 -13.92 27.42
N PHE C 200 64.41 -13.06 28.46
CA PHE C 200 65.24 -13.25 29.65
C PHE C 200 64.54 -14.15 30.66
N PHE C 201 65.20 -15.26 31.02
CA PHE C 201 64.75 -16.21 32.03
C PHE C 201 65.78 -16.15 33.16
N PRO C 202 65.42 -15.63 34.36
CA PRO C 202 66.43 -15.45 35.42
C PRO C 202 66.68 -16.69 36.28
N ALA D 3 25.45 18.46 33.51
CA ALA D 3 24.21 17.67 33.57
C ALA D 3 24.54 16.16 33.66
N ALA D 4 24.40 15.57 34.88
CA ALA D 4 24.73 14.15 35.11
C ALA D 4 23.50 13.24 35.37
N VAL D 5 23.67 11.92 35.13
CA VAL D 5 22.62 10.90 35.33
C VAL D 5 23.27 9.70 36.08
N THR D 6 22.60 9.20 37.12
CA THR D 6 23.14 8.05 37.85
C THR D 6 22.18 6.87 37.73
N GLN D 7 22.75 5.66 37.72
CA GLN D 7 22.00 4.41 37.62
C GLN D 7 22.37 3.45 38.74
N SER D 8 21.42 2.63 39.15
CA SER D 8 21.64 1.63 40.18
C SER D 8 20.74 0.42 39.95
N PRO D 9 21.31 -0.80 40.10
CA PRO D 9 22.73 -1.10 40.42
C PRO D 9 23.65 -1.01 39.19
N ARG D 10 24.99 -1.19 39.34
CA ARG D 10 25.90 -1.13 38.19
C ARG D 10 25.83 -2.42 37.39
N ASN D 11 25.78 -3.58 38.07
CA ASN D 11 25.57 -4.93 37.51
C ASN D 11 24.45 -5.58 38.30
N LYS D 12 23.71 -6.48 37.67
CA LYS D 12 22.64 -7.21 38.37
C LYS D 12 22.48 -8.59 37.80
N VAL D 13 22.45 -9.57 38.70
CA VAL D 13 22.18 -10.95 38.32
C VAL D 13 20.82 -11.29 38.89
N ALA D 14 19.90 -11.69 38.02
CA ALA D 14 18.54 -12.06 38.37
C ALA D 14 18.23 -13.45 37.87
N VAL D 15 17.09 -14.00 38.31
CA VAL D 15 16.70 -15.33 37.93
C VAL D 15 15.40 -15.22 37.10
N THR D 16 15.22 -16.13 36.11
CA THR D 16 14.03 -16.20 35.24
C THR D 16 12.75 -16.27 36.10
N GLY D 17 11.80 -15.39 35.79
CA GLY D 17 10.54 -15.28 36.50
C GLY D 17 10.57 -14.36 37.70
N GLY D 18 11.75 -13.83 38.01
CA GLY D 18 11.96 -12.89 39.10
C GLY D 18 11.67 -11.46 38.68
N LYS D 19 11.47 -10.56 39.67
CA LYS D 19 11.16 -9.13 39.45
C LYS D 19 12.44 -8.32 39.59
N VAL D 20 12.77 -7.53 38.55
CA VAL D 20 13.97 -6.68 38.53
C VAL D 20 13.58 -5.23 38.35
N THR D 21 14.11 -4.35 39.23
CA THR D 21 13.90 -2.90 39.16
C THR D 21 15.25 -2.22 38.92
N LEU D 22 15.34 -1.53 37.78
CA LEU D 22 16.54 -0.77 37.43
C LEU D 22 16.19 0.68 37.63
N SER D 23 16.96 1.37 38.47
CA SER D 23 16.65 2.75 38.84
C SER D 23 17.58 3.76 38.18
N CYS D 24 17.05 4.97 37.96
CA CYS D 24 17.77 6.06 37.35
C CYS D 24 17.45 7.33 38.06
N ASN D 25 18.50 8.11 38.39
CA ASN D 25 18.33 9.36 39.14
C ASN D 25 19.07 10.51 38.48
N GLN D 26 18.44 11.68 38.44
CA GLN D 26 19.01 12.92 37.91
C GLN D 26 18.51 14.11 38.75
N THR D 27 19.39 15.07 39.01
CA THR D 27 19.09 16.26 39.83
C THR D 27 19.19 17.52 38.98
N ASN D 28 19.05 17.36 37.64
CA ASN D 28 19.16 18.48 36.70
C ASN D 28 17.83 19.22 36.52
N ASN D 29 16.76 18.73 37.19
CA ASN D 29 15.39 19.25 37.09
C ASN D 29 14.90 19.08 35.66
N HIS D 30 15.36 17.99 35.00
CA HIS D 30 14.97 17.66 33.64
C HIS D 30 13.62 16.98 33.70
N ASN D 31 12.67 17.44 32.86
CA ASN D 31 11.31 16.89 32.77
C ASN D 31 11.28 15.54 32.07
N ASN D 32 12.14 15.37 31.07
CA ASN D 32 12.13 14.21 30.20
C ASN D 32 13.25 13.23 30.50
N MET D 33 12.89 11.96 30.58
CA MET D 33 13.79 10.85 30.87
C MET D 33 13.48 9.65 29.95
N TYR D 34 14.51 8.89 29.57
CA TYR D 34 14.43 7.83 28.56
C TYR D 34 15.15 6.53 28.94
N TRP D 35 14.57 5.37 28.55
CA TRP D 35 15.18 4.06 28.83
C TRP D 35 15.51 3.34 27.55
N TYR D 36 16.77 2.94 27.44
CA TYR D 36 17.32 2.24 26.29
C TYR D 36 17.98 0.93 26.68
N ARG D 37 18.15 0.01 25.72
CA ARG D 37 18.94 -1.21 25.93
C ARG D 37 19.86 -1.33 24.76
N GLN D 38 21.13 -1.69 25.06
CA GLN D 38 22.19 -1.92 24.07
C GLN D 38 22.55 -3.40 23.96
N ASP D 39 22.46 -3.93 22.73
CA ASP D 39 22.81 -5.31 22.42
C ASP D 39 23.80 -5.32 21.26
N THR D 40 24.71 -6.32 21.22
CA THR D 40 25.69 -6.42 20.15
C THR D 40 24.97 -6.56 18.81
N GLY D 41 25.50 -5.87 17.79
CA GLY D 41 24.94 -5.82 16.44
C GLY D 41 23.80 -4.84 16.30
N HIS D 42 23.44 -4.18 17.41
CA HIS D 42 22.37 -3.19 17.47
C HIS D 42 22.85 -1.90 18.06
N GLY D 43 22.18 -0.82 17.66
CA GLY D 43 22.35 0.48 18.28
C GLY D 43 21.41 0.50 19.48
N LEU D 44 21.50 1.52 20.31
CA LEU D 44 20.58 1.67 21.46
C LEU D 44 19.13 1.70 20.96
N ARG D 45 18.22 1.01 21.68
CA ARG D 45 16.80 0.93 21.34
C ARG D 45 15.96 1.40 22.49
N LEU D 46 15.02 2.35 22.20
CA LEU D 46 14.12 2.95 23.18
C LEU D 46 13.06 1.96 23.65
N ILE D 47 13.00 1.75 24.97
CA ILE D 47 12.04 0.87 25.63
C ILE D 47 10.82 1.70 26.06
N HIS D 48 11.06 2.70 26.93
CA HIS D 48 10.05 3.61 27.48
C HIS D 48 10.65 4.97 27.74
N TYR D 49 9.79 5.98 27.85
CA TYR D 49 10.23 7.31 28.19
C TYR D 49 9.16 7.99 29.04
N SER D 50 9.44 9.21 29.51
CA SER D 50 8.58 9.94 30.39
C SER D 50 8.76 11.44 30.20
N TYR D 51 7.65 12.18 30.05
CA TYR D 51 7.67 13.64 29.86
C TYR D 51 7.52 14.41 31.19
N GLY D 52 7.37 13.67 32.29
CA GLY D 52 7.25 14.25 33.62
C GLY D 52 6.76 13.25 34.64
N ALA D 53 6.80 13.62 35.92
CA ALA D 53 6.36 12.74 37.01
C ALA D 53 4.88 12.35 36.81
N GLY D 54 4.63 11.05 36.90
CA GLY D 54 3.31 10.47 36.73
C GLY D 54 3.07 9.92 35.34
N SER D 55 3.88 10.35 34.37
CA SER D 55 3.76 9.98 32.96
C SER D 55 4.76 8.91 32.57
N THR D 56 4.32 7.96 31.74
CA THR D 56 5.14 6.93 31.11
C THR D 56 4.56 6.69 29.73
N GLU D 57 5.46 6.61 28.74
CA GLU D 57 5.15 6.38 27.35
C GLU D 57 5.93 5.22 26.83
N LYS D 58 5.29 4.36 26.02
CA LYS D 58 5.88 3.22 25.35
C LYS D 58 6.84 3.71 24.29
N GLY D 59 8.00 3.07 24.25
CA GLY D 59 9.03 3.32 23.24
C GLY D 59 8.86 2.44 22.04
N ASP D 60 9.96 2.05 21.39
CA ASP D 60 9.92 1.16 20.23
C ASP D 60 9.78 -0.31 20.62
N ILE D 61 10.46 -0.75 21.70
CA ILE D 61 10.46 -2.14 22.16
C ILE D 61 9.99 -2.18 23.63
N PRO D 62 8.69 -1.87 23.92
CA PRO D 62 8.24 -1.84 25.33
C PRO D 62 7.99 -3.20 25.99
N ASP D 63 7.57 -4.23 25.20
CA ASP D 63 7.17 -5.55 25.71
C ASP D 63 8.17 -6.19 26.69
N GLY D 64 7.66 -6.59 27.84
CA GLY D 64 8.40 -7.22 28.92
C GLY D 64 8.85 -6.25 30.00
N TYR D 65 8.62 -4.96 29.76
CA TYR D 65 9.03 -3.87 30.63
C TYR D 65 7.83 -2.99 31.00
N LYS D 66 7.92 -2.41 32.20
CA LYS D 66 7.00 -1.45 32.79
C LYS D 66 7.85 -0.27 33.24
N ALA D 67 7.37 0.95 33.06
CA ALA D 67 8.09 2.14 33.51
C ALA D 67 7.33 2.82 34.65
N SER D 68 8.06 3.51 35.52
CA SER D 68 7.49 4.25 36.64
C SER D 68 8.29 5.54 36.83
N ARG D 69 7.58 6.69 36.81
CA ARG D 69 8.16 8.01 37.03
C ARG D 69 7.50 8.58 38.29
N PRO D 70 7.95 8.13 39.49
CA PRO D 70 7.28 8.56 40.72
C PRO D 70 7.56 10.00 41.10
N SER D 71 8.65 10.58 40.56
CA SER D 71 9.08 11.95 40.83
C SER D 71 9.88 12.47 39.62
N GLN D 72 10.22 13.74 39.65
CA GLN D 72 11.00 14.38 38.61
C GLN D 72 12.38 13.73 38.51
N GLU D 73 12.92 13.33 39.65
CA GLU D 73 14.28 12.78 39.76
C GLU D 73 14.43 11.32 39.35
N ASN D 74 13.46 10.48 39.72
CA ASN D 74 13.57 9.05 39.53
C ASN D 74 12.66 8.49 38.46
N PHE D 75 13.23 7.57 37.68
CA PHE D 75 12.59 6.86 36.58
C PHE D 75 13.07 5.42 36.66
N SER D 76 12.14 4.51 36.86
CA SER D 76 12.45 3.09 37.02
C SER D 76 11.99 2.27 35.85
N LEU D 77 12.76 1.21 35.56
CA LEU D 77 12.45 0.18 34.57
C LEU D 77 12.18 -1.08 35.36
N ILE D 78 10.94 -1.55 35.31
CA ILE D 78 10.48 -2.71 36.05
C ILE D 78 10.27 -3.88 35.10
N LEU D 79 10.95 -5.00 35.39
CA LEU D 79 10.88 -6.26 34.67
C LEU D 79 10.15 -7.20 35.59
N GLU D 80 8.82 -7.30 35.43
CA GLU D 80 7.96 -8.07 36.33
C GLU D 80 8.27 -9.58 36.32
N LEU D 81 8.53 -10.17 35.14
CA LEU D 81 8.88 -11.58 34.96
C LEU D 81 10.14 -11.65 34.08
N ALA D 82 11.33 -11.57 34.70
CA ALA D 82 12.59 -11.56 33.96
C ALA D 82 12.75 -12.83 33.09
N THR D 83 13.14 -12.62 31.83
CA THR D 83 13.41 -13.66 30.85
C THR D 83 14.87 -13.53 30.44
N PRO D 84 15.55 -14.61 29.98
CA PRO D 84 16.97 -14.49 29.59
C PRO D 84 17.19 -13.55 28.40
N SER D 85 16.15 -13.27 27.59
CA SER D 85 16.24 -12.34 26.45
C SER D 85 16.42 -10.91 26.95
N GLN D 86 16.20 -10.69 28.26
CA GLN D 86 16.35 -9.36 28.85
C GLN D 86 17.76 -9.17 29.38
N THR D 87 18.66 -10.15 29.15
CA THR D 87 20.09 -9.99 29.42
C THR D 87 20.61 -8.91 28.43
N SER D 88 21.04 -7.77 28.98
CA SER D 88 21.49 -6.64 28.17
C SER D 88 22.16 -5.59 29.02
N VAL D 89 22.59 -4.50 28.37
CA VAL D 89 23.11 -3.32 29.04
C VAL D 89 22.01 -2.26 28.89
N TYR D 90 21.54 -1.72 30.01
CA TYR D 90 20.47 -0.74 30.06
C TYR D 90 21.00 0.64 30.38
N PHE D 91 20.62 1.60 29.53
CA PHE D 91 21.00 3.01 29.66
C PHE D 91 19.81 3.86 29.86
N CYS D 92 20.01 4.84 30.73
CA CYS D 92 19.03 5.86 31.05
C CYS D 92 19.58 7.18 30.62
N ALA D 93 18.71 8.07 30.13
CA ALA D 93 19.06 9.43 29.74
C ALA D 93 18.01 10.41 30.22
N SER D 94 18.38 11.70 30.30
CA SER D 94 17.48 12.78 30.64
C SER D 94 17.75 13.98 29.74
N GLY D 95 16.78 14.87 29.68
CA GLY D 95 16.91 16.10 28.93
C GLY D 95 15.81 17.08 29.25
N ASP D 96 16.00 18.34 28.86
CA ASP D 96 15.02 19.40 29.00
C ASP D 96 14.27 19.50 27.63
N GLU D 97 13.79 20.69 27.23
CA GLU D 97 13.07 20.87 25.98
C GLU D 97 13.97 20.73 24.73
N GLY D 98 15.31 20.76 24.91
CA GLY D 98 16.31 20.59 23.86
C GLY D 98 16.51 19.15 23.39
N TYR D 99 17.16 18.99 22.25
CA TYR D 99 17.40 17.69 21.63
C TYR D 99 18.48 16.83 22.35
N THR D 100 19.30 17.42 23.26
CA THR D 100 20.33 16.68 23.98
C THR D 100 19.76 15.77 25.05
N GLN D 101 20.15 14.49 24.99
CA GLN D 101 19.86 13.47 26.01
C GLN D 101 21.19 13.16 26.72
N TYR D 102 21.21 13.27 28.05
CA TYR D 102 22.40 13.09 28.85
C TYR D 102 22.37 11.68 29.37
N PHE D 103 23.30 10.87 28.92
CA PHE D 103 23.26 9.46 29.26
C PHE D 103 23.92 9.12 30.60
N GLY D 104 23.41 8.02 31.19
CA GLY D 104 23.86 7.43 32.45
C GLY D 104 24.98 6.45 32.17
N PRO D 105 25.65 5.92 33.22
CA PRO D 105 26.82 5.03 33.01
C PRO D 105 26.50 3.60 32.57
N GLY D 106 25.26 3.19 32.72
CA GLY D 106 24.83 1.85 32.34
C GLY D 106 24.57 0.89 33.48
N THR D 107 23.93 -0.21 33.15
CA THR D 107 23.57 -1.28 34.06
C THR D 107 23.61 -2.54 33.26
N ARG D 108 24.55 -3.44 33.59
CA ARG D 108 24.61 -4.74 32.92
C ARG D 108 23.72 -5.71 33.65
N LEU D 109 22.67 -6.20 32.99
CA LEU D 109 21.81 -7.18 33.62
C LEU D 109 22.05 -8.55 33.00
N LEU D 110 22.11 -9.60 33.85
CA LEU D 110 22.22 -11.00 33.43
C LEU D 110 21.07 -11.82 34.05
N VAL D 111 20.24 -12.43 33.21
CA VAL D 111 19.12 -13.23 33.71
C VAL D 111 19.45 -14.69 33.48
N LEU D 112 19.59 -15.44 34.59
CA LEU D 112 19.96 -16.85 34.63
C LEU D 112 18.76 -17.72 34.94
N GLU D 113 18.85 -19.02 34.59
CA GLU D 113 17.80 -20.01 34.87
C GLU D 113 17.71 -20.25 36.38
N ASP D 114 18.87 -20.20 37.09
CA ASP D 114 18.99 -20.36 38.54
C ASP D 114 20.29 -19.73 39.07
N LEU D 115 20.33 -19.45 40.37
CA LEU D 115 21.50 -18.84 40.99
C LEU D 115 22.37 -19.84 41.75
N LYS D 116 22.12 -21.15 41.58
CA LYS D 116 22.83 -22.23 42.26
C LYS D 116 24.37 -22.27 41.97
N ASN D 117 24.85 -21.58 40.91
CA ASN D 117 26.26 -21.61 40.54
C ASN D 117 27.00 -20.27 40.77
N VAL D 118 26.40 -19.36 41.56
CA VAL D 118 26.98 -18.04 41.83
C VAL D 118 28.08 -18.21 42.92
N PHE D 119 29.28 -17.66 42.67
CA PHE D 119 30.42 -17.77 43.60
C PHE D 119 31.18 -16.46 43.69
N PRO D 120 31.55 -16.00 44.91
CA PRO D 120 32.37 -14.78 45.00
C PRO D 120 33.82 -15.10 44.58
N PRO D 121 34.69 -14.12 44.25
CA PRO D 121 36.06 -14.48 43.90
C PRO D 121 36.98 -14.70 45.11
N GLU D 122 38.11 -15.35 44.88
CA GLU D 122 39.19 -15.44 45.84
C GLU D 122 40.20 -14.48 45.29
N VAL D 123 40.83 -13.65 46.12
CA VAL D 123 41.74 -12.67 45.57
C VAL D 123 43.12 -12.87 46.18
N ALA D 124 44.16 -12.85 45.32
CA ALA D 124 45.56 -12.97 45.74
C ALA D 124 46.43 -11.93 45.01
N VAL D 125 47.36 -11.32 45.75
CA VAL D 125 48.34 -10.36 45.24
C VAL D 125 49.69 -11.07 45.27
N PHE D 126 50.41 -11.01 44.14
CA PHE D 126 51.73 -11.59 43.91
C PHE D 126 52.73 -10.44 43.83
N GLU D 127 53.79 -10.50 44.67
CA GLU D 127 54.81 -9.48 44.83
C GLU D 127 55.81 -9.43 43.69
N PRO D 128 56.34 -8.23 43.35
CA PRO D 128 57.33 -8.13 42.26
C PRO D 128 58.55 -9.04 42.43
N SER D 129 59.17 -9.44 41.30
CA SER D 129 60.38 -10.26 41.43
C SER D 129 61.58 -9.34 41.60
N GLU D 130 62.58 -9.78 42.41
CA GLU D 130 63.82 -9.02 42.59
C GLU D 130 64.59 -8.99 41.27
N ALA D 131 64.37 -10.01 40.41
CA ALA D 131 64.99 -10.13 39.10
C ALA D 131 64.53 -8.97 38.20
N GLU D 132 63.21 -8.70 38.18
CA GLU D 132 62.61 -7.60 37.43
C GLU D 132 63.16 -6.26 37.94
N ILE D 133 63.22 -6.09 39.25
CA ILE D 133 63.71 -4.88 39.91
C ILE D 133 65.15 -4.55 39.44
N SER D 134 66.09 -5.51 39.50
CA SER D 134 67.48 -5.27 39.08
C SER D 134 67.60 -5.10 37.55
N HIS D 135 66.75 -5.79 36.79
CA HIS D 135 66.79 -5.77 35.33
C HIS D 135 66.16 -4.53 34.70
N THR D 136 65.03 -4.05 35.26
CA THR D 136 64.27 -2.94 34.66
C THR D 136 64.16 -1.69 35.58
N GLN D 137 64.51 -1.82 36.86
CA GLN D 137 64.37 -0.77 37.87
C GLN D 137 62.85 -0.39 38.01
N LYS D 138 61.97 -1.37 37.69
CA LYS D 138 60.51 -1.31 37.76
C LYS D 138 59.99 -2.54 38.51
N ALA D 139 58.82 -2.40 39.16
CA ALA D 139 58.25 -3.48 39.97
C ALA D 139 56.76 -3.71 39.62
N THR D 140 56.43 -4.90 39.06
CA THR D 140 55.06 -5.24 38.70
C THR D 140 54.45 -6.14 39.73
N LEU D 141 53.34 -5.69 40.28
CA LEU D 141 52.47 -6.45 41.15
C LEU D 141 51.43 -7.14 40.28
N VAL D 142 51.01 -8.35 40.64
CA VAL D 142 49.99 -9.06 39.89
C VAL D 142 48.86 -9.43 40.83
N CYS D 143 47.65 -9.22 40.38
CA CYS D 143 46.46 -9.58 41.09
C CYS D 143 45.73 -10.69 40.35
N LEU D 144 45.14 -11.63 41.13
CA LEU D 144 44.39 -12.78 40.64
C LEU D 144 43.11 -13.00 41.41
N ALA D 145 41.99 -12.79 40.72
CA ALA D 145 40.63 -13.05 41.18
C ALA D 145 40.21 -14.39 40.56
N THR D 146 39.96 -15.41 41.40
CA THR D 146 39.66 -16.73 40.91
C THR D 146 38.33 -17.30 41.46
N GLY D 147 37.72 -18.19 40.66
CA GLY D 147 36.53 -18.96 40.99
C GLY D 147 35.22 -18.23 41.13
N PHE D 148 35.07 -17.11 40.43
CA PHE D 148 33.84 -16.34 40.53
C PHE D 148 32.90 -16.66 39.38
N TYR D 149 31.59 -16.44 39.61
CA TYR D 149 30.50 -16.61 38.65
C TYR D 149 29.32 -15.81 39.11
N PRO D 150 28.72 -14.97 38.24
CA PRO D 150 29.08 -14.69 36.83
C PRO D 150 30.24 -13.68 36.72
N ASP D 151 30.56 -13.22 35.50
CA ASP D 151 31.62 -12.24 35.24
C ASP D 151 31.16 -10.82 35.63
N HIS D 152 30.55 -10.66 36.79
CA HIS D 152 30.13 -9.35 37.25
C HIS D 152 31.09 -8.86 38.29
N VAL D 153 32.27 -8.41 37.84
CA VAL D 153 33.31 -7.96 38.78
C VAL D 153 33.98 -6.63 38.34
N GLU D 154 34.38 -5.80 39.31
CA GLU D 154 35.13 -4.57 39.07
C GLU D 154 36.43 -4.67 39.88
N LEU D 155 37.55 -4.89 39.17
CA LEU D 155 38.84 -4.97 39.81
C LEU D 155 39.46 -3.55 39.82
N SER D 156 39.97 -3.13 40.99
CA SER D 156 40.65 -1.85 41.13
C SER D 156 41.87 -2.01 42.03
N TRP D 157 42.87 -1.13 41.83
CA TRP D 157 44.10 -1.04 42.62
C TRP D 157 44.06 0.18 43.53
N TRP D 158 44.48 -0.01 44.77
CA TRP D 158 44.48 1.05 45.76
C TRP D 158 45.86 1.15 46.36
N VAL D 159 46.39 2.38 46.42
CA VAL D 159 47.72 2.62 46.99
C VAL D 159 47.54 3.66 48.07
N ASN D 160 47.83 3.25 49.31
CA ASN D 160 47.72 4.01 50.53
C ASN D 160 46.29 4.61 50.70
N GLY D 161 45.30 3.77 50.38
CA GLY D 161 43.88 4.08 50.50
C GLY D 161 43.31 4.94 49.39
N LYS D 162 44.09 5.24 48.33
CA LYS D 162 43.65 6.01 47.14
C LYS D 162 43.76 5.15 45.87
N GLU D 163 42.72 5.16 45.05
CA GLU D 163 42.67 4.37 43.82
C GLU D 163 43.66 4.88 42.78
N VAL D 164 44.31 3.94 42.06
CA VAL D 164 45.30 4.26 41.01
C VAL D 164 44.83 3.70 39.68
N HIS D 165 45.26 4.35 38.59
CA HIS D 165 44.95 3.93 37.21
C HIS D 165 46.22 3.91 36.39
N SER D 166 47.16 4.77 36.71
CA SER D 166 48.45 4.80 36.00
C SER D 166 49.22 3.49 36.31
N GLY D 167 49.80 2.89 35.28
CA GLY D 167 50.58 1.66 35.38
C GLY D 167 49.75 0.41 35.60
N VAL D 168 48.43 0.53 35.41
CA VAL D 168 47.45 -0.55 35.60
C VAL D 168 46.96 -1.08 34.26
N CYS D 169 46.73 -2.39 34.22
CA CYS D 169 46.16 -3.15 33.12
C CYS D 169 45.46 -4.37 33.63
N THR D 170 44.13 -4.46 33.38
CA THR D 170 43.27 -5.58 33.75
C THR D 170 42.82 -6.27 32.48
N ASP D 171 42.73 -7.60 32.51
CA ASP D 171 42.27 -8.37 31.36
C ASP D 171 40.91 -7.85 30.88
N PRO D 172 40.79 -7.58 29.55
CA PRO D 172 39.50 -7.12 29.00
C PRO D 172 38.44 -8.20 29.10
N GLN D 173 38.86 -9.47 29.15
CA GLN D 173 37.93 -10.60 29.32
C GLN D 173 38.50 -11.64 30.33
N PRO D 174 37.64 -12.27 31.18
CA PRO D 174 38.15 -13.32 32.09
C PRO D 174 38.31 -14.66 31.38
N LEU D 175 38.98 -15.62 32.05
CA LEU D 175 39.21 -16.99 31.58
C LEU D 175 38.17 -17.93 32.14
N LYS D 176 37.96 -19.09 31.49
CA LYS D 176 37.07 -20.12 32.03
C LYS D 176 37.98 -21.12 32.75
N GLU D 177 37.80 -21.29 34.09
CA GLU D 177 38.64 -22.20 34.91
C GLU D 177 38.43 -23.66 34.52
N GLN D 178 37.18 -24.03 34.20
CA GLN D 178 36.79 -25.36 33.72
C GLN D 178 36.04 -25.15 32.37
N PRO D 179 36.76 -24.91 31.24
CA PRO D 179 36.06 -24.60 29.97
C PRO D 179 35.18 -25.75 29.40
N ALA D 180 35.36 -27.01 29.88
CA ALA D 180 34.53 -28.15 29.50
C ALA D 180 33.13 -28.00 30.11
N LEU D 181 33.05 -27.56 31.39
CA LEU D 181 31.79 -27.32 32.08
C LEU D 181 31.08 -26.11 31.47
N ASN D 182 29.75 -26.19 31.36
CA ASN D 182 28.93 -25.13 30.76
C ASN D 182 28.81 -23.89 31.69
N ASP D 183 28.59 -24.11 33.01
CA ASP D 183 28.47 -23.00 33.97
C ASP D 183 29.82 -22.79 34.71
N SER D 184 30.93 -22.69 33.93
CA SER D 184 32.29 -22.52 34.45
C SER D 184 32.55 -21.22 35.22
N ARG D 185 33.35 -21.34 36.25
CA ARG D 185 33.84 -20.23 37.05
C ARG D 185 34.93 -19.52 36.28
N TYR D 186 35.12 -18.24 36.57
CA TYR D 186 36.09 -17.39 35.93
C TYR D 186 37.26 -17.05 36.81
N ALA D 187 38.34 -16.69 36.15
CA ALA D 187 39.57 -16.18 36.70
C ALA D 187 39.93 -14.92 35.90
N LEU D 188 40.30 -13.86 36.61
CA LEU D 188 40.68 -12.57 36.06
C LEU D 188 42.00 -12.14 36.65
N SER D 189 42.88 -11.58 35.82
CA SER D 189 44.18 -11.07 36.28
C SER D 189 44.32 -9.58 35.97
N SER D 190 45.21 -8.93 36.72
CA SER D 190 45.49 -7.50 36.63
C SER D 190 46.91 -7.23 37.05
N ARG D 191 47.54 -6.20 36.47
CA ARG D 191 48.88 -5.85 36.91
C ARG D 191 48.97 -4.36 37.28
N LEU D 192 49.86 -4.04 38.23
CA LEU D 192 50.16 -2.69 38.67
C LEU D 192 51.65 -2.56 38.69
N ARG D 193 52.18 -1.71 37.84
CA ARG D 193 53.61 -1.50 37.77
C ARG D 193 53.98 -0.13 38.34
N VAL D 194 54.96 -0.13 39.23
CA VAL D 194 55.48 1.07 39.90
C VAL D 194 57.00 1.13 39.69
N SER D 195 57.66 2.18 40.21
CA SER D 195 59.13 2.24 40.16
C SER D 195 59.66 1.35 41.27
N ALA D 196 60.85 0.76 41.09
CA ALA D 196 61.48 -0.08 42.11
C ALA D 196 61.57 0.65 43.46
N THR D 197 61.98 1.94 43.46
CA THR D 197 62.13 2.76 44.68
C THR D 197 60.77 3.00 45.39
N PHE D 198 59.66 2.98 44.63
CA PHE D 198 58.33 3.11 45.19
C PHE D 198 57.95 1.81 45.91
N TRP D 199 58.26 0.65 45.30
CA TRP D 199 57.99 -0.65 45.89
C TRP D 199 58.93 -0.92 47.07
N GLN D 200 60.14 -0.34 47.01
CA GLN D 200 61.20 -0.46 48.03
C GLN D 200 60.81 0.19 49.36
N ASN D 201 59.90 1.16 49.32
CA ASN D 201 59.43 1.90 50.49
C ASN D 201 58.46 1.02 51.33
N PRO D 202 58.85 0.60 52.56
CA PRO D 202 57.98 -0.30 53.36
C PRO D 202 56.72 0.36 53.97
N ARG D 203 56.57 1.68 53.74
CA ARG D 203 55.45 2.53 54.16
C ARG D 203 54.30 2.49 53.15
N ASN D 204 54.56 1.94 51.94
CA ASN D 204 53.57 1.92 50.86
C ASN D 204 52.75 0.65 50.92
N HIS D 205 51.42 0.81 51.06
CA HIS D 205 50.46 -0.28 51.17
C HIS D 205 49.68 -0.38 49.90
N PHE D 206 49.84 -1.54 49.24
CA PHE D 206 49.21 -1.91 47.96
C PHE D 206 48.06 -2.83 48.23
N ARG D 207 46.91 -2.54 47.64
CA ARG D 207 45.77 -3.40 47.76
C ARG D 207 45.07 -3.62 46.42
N CYS D 208 44.75 -4.88 46.12
CA CYS D 208 43.94 -5.25 44.97
C CYS D 208 42.54 -5.58 45.47
N GLN D 209 41.55 -4.87 44.97
CA GLN D 209 40.17 -4.99 45.38
C GLN D 209 39.31 -5.44 44.21
N VAL D 210 38.42 -6.41 44.47
CA VAL D 210 37.45 -6.91 43.52
C VAL D 210 36.05 -6.77 44.13
N GLN D 211 35.22 -5.94 43.48
CA GLN D 211 33.81 -5.74 43.81
C GLN D 211 32.97 -6.76 43.01
N PHE D 212 32.39 -7.72 43.73
CA PHE D 212 31.57 -8.78 43.17
C PHE D 212 30.11 -8.42 43.27
N TYR D 213 29.38 -8.69 42.19
CA TYR D 213 27.94 -8.52 42.09
C TYR D 213 27.32 -9.91 42.03
N GLY D 214 26.60 -10.25 43.08
CA GLY D 214 25.93 -11.53 43.26
C GLY D 214 24.55 -11.32 43.84
N LEU D 215 24.19 -12.17 44.77
CA LEU D 215 22.88 -12.19 45.41
C LEU D 215 22.65 -11.00 46.36
N SER D 216 21.38 -10.61 46.49
CA SER D 216 20.93 -9.52 47.37
C SER D 216 20.30 -10.13 48.63
N GLU D 217 19.83 -9.28 49.57
CA GLU D 217 19.16 -9.75 50.80
C GLU D 217 17.82 -10.44 50.43
N ASN D 218 17.06 -9.82 49.48
CA ASN D 218 15.77 -10.28 48.92
C ASN D 218 15.88 -11.64 48.15
N ASP D 219 17.05 -12.00 47.57
CA ASP D 219 17.24 -13.28 46.86
C ASP D 219 17.21 -14.46 47.85
N GLU D 220 16.60 -15.59 47.45
CA GLU D 220 16.48 -16.79 48.28
C GLU D 220 17.77 -17.65 48.20
N TRP D 221 18.15 -18.34 49.31
CA TRP D 221 19.32 -19.22 49.30
C TRP D 221 19.10 -20.43 50.20
N THR D 222 19.09 -21.61 49.56
CA THR D 222 18.88 -22.91 50.19
C THR D 222 19.99 -23.87 49.76
N GLN D 223 21.18 -23.65 50.34
CA GLN D 223 22.40 -24.41 50.06
C GLN D 223 23.29 -24.35 51.28
N ASP D 224 24.06 -25.43 51.50
CA ASP D 224 24.97 -25.62 52.62
C ASP D 224 26.06 -24.53 52.64
N ARG D 225 26.60 -24.17 51.47
CA ARG D 225 27.65 -23.13 51.37
C ARG D 225 27.07 -21.73 51.65
N ALA D 226 27.96 -20.80 52.05
CA ALA D 226 27.60 -19.40 52.36
C ALA D 226 26.99 -18.73 51.15
N LYS D 227 25.94 -17.91 51.40
CA LYS D 227 25.24 -17.13 50.40
C LYS D 227 26.24 -16.25 49.62
N PRO D 228 26.29 -16.40 48.27
CA PRO D 228 27.27 -15.62 47.46
C PRO D 228 26.74 -14.22 47.17
N VAL D 229 26.64 -13.41 48.20
CA VAL D 229 26.12 -12.04 48.20
C VAL D 229 27.11 -11.09 47.53
N THR D 230 26.61 -9.91 47.12
CA THR D 230 27.42 -8.84 46.56
C THR D 230 28.38 -8.48 47.71
N GLN D 231 29.69 -8.51 47.41
CA GLN D 231 30.72 -8.23 48.42
C GLN D 231 32.01 -7.76 47.76
N ILE D 232 32.90 -7.23 48.59
CA ILE D 232 34.23 -6.85 48.20
C ILE D 232 35.17 -7.94 48.75
N VAL D 233 36.04 -8.42 47.90
CA VAL D 233 37.06 -9.40 48.25
C VAL D 233 38.38 -8.75 47.83
N SER D 234 39.36 -8.78 48.72
CA SER D 234 40.61 -8.09 48.42
C SER D 234 41.82 -8.80 49.03
N ALA D 235 43.00 -8.46 48.52
CA ALA D 235 44.30 -8.91 48.99
C ALA D 235 45.22 -7.71 48.98
N GLU D 236 46.14 -7.70 49.93
CA GLU D 236 47.10 -6.64 50.16
C GLU D 236 48.55 -7.10 50.03
N ALA D 237 49.45 -6.13 50.04
CA ALA D 237 50.90 -6.26 50.04
C ALA D 237 51.52 -4.95 50.47
N TRP D 238 52.57 -5.05 51.24
CA TRP D 238 53.35 -3.90 51.67
C TRP D 238 54.66 -3.91 50.89
N GLY D 239 55.17 -2.72 50.58
CA GLY D 239 56.48 -2.59 49.93
C GLY D 239 57.57 -3.18 50.81
N ARG D 240 58.81 -3.32 50.31
CA ARG D 240 59.93 -3.87 51.07
C ARG D 240 61.27 -3.50 50.46
N ALA D 241 62.27 -3.26 51.32
CA ALA D 241 63.66 -2.92 50.95
C ALA D 241 64.39 -4.12 50.29
N ASP D 242 64.02 -5.35 50.72
CA ASP D 242 64.52 -6.67 50.32
C ASP D 242 64.70 -6.79 48.81
N ASN E 7 2.14 24.44 -38.25
CA ASN E 7 1.83 23.01 -38.26
C ASN E 7 2.49 22.28 -37.06
N TYR E 8 1.67 21.57 -36.23
CA TYR E 8 2.16 20.91 -35.00
C TYR E 8 1.69 19.49 -34.84
N THR E 9 2.65 18.62 -34.50
CA THR E 9 2.37 17.22 -34.25
C THR E 9 2.22 16.97 -32.76
N PHE E 10 1.03 16.49 -32.38
CA PHE E 10 0.72 16.09 -31.02
C PHE E 10 0.92 14.59 -30.91
N ARG E 11 1.80 14.15 -29.99
CA ARG E 11 2.14 12.74 -29.76
C ARG E 11 2.00 12.31 -28.30
N CYS E 12 1.23 11.25 -28.06
CA CYS E 12 1.16 10.54 -26.78
C CYS E 12 2.00 9.31 -26.99
N LEU E 13 3.12 9.23 -26.28
CA LEU E 13 4.04 8.12 -26.46
C LEU E 13 4.00 7.25 -25.23
N GLN E 14 3.54 6.00 -25.42
CA GLN E 14 3.39 4.99 -24.39
C GLN E 14 4.48 3.90 -24.51
N MET E 15 5.15 3.60 -23.39
CA MET E 15 6.22 2.62 -23.27
CA MET E 15 6.22 2.61 -23.25
C MET E 15 5.81 1.53 -22.27
N SER E 16 5.44 0.33 -22.78
CA SER E 16 5.01 -0.78 -21.92
C SER E 16 5.99 -1.94 -21.94
N SER E 17 6.56 -2.28 -20.75
CA SER E 17 7.53 -3.39 -20.60
C SER E 17 6.93 -4.50 -19.80
N PHE E 18 6.96 -5.72 -20.34
CA PHE E 18 6.45 -6.94 -19.70
C PHE E 18 7.62 -7.88 -19.50
N ALA E 19 8.21 -7.90 -18.28
CA ALA E 19 9.40 -8.72 -17.97
C ALA E 19 9.07 -10.21 -17.92
N ASN E 20 7.91 -10.55 -17.33
CA ASN E 20 7.44 -11.90 -17.13
C ASN E 20 5.93 -11.85 -16.89
N ARG E 21 5.32 -12.99 -16.48
CA ARG E 21 3.89 -13.17 -16.20
C ARG E 21 3.34 -12.20 -15.12
N SER E 22 4.17 -11.85 -14.12
CA SER E 22 3.77 -11.02 -12.99
C SER E 22 4.17 -9.56 -13.15
N TRP E 23 5.44 -9.29 -13.54
CA TRP E 23 5.98 -7.94 -13.65
C TRP E 23 5.69 -7.22 -14.96
N SER E 24 5.25 -5.97 -14.81
CA SER E 24 4.94 -5.06 -15.89
C SER E 24 4.97 -3.58 -15.44
N ARG E 25 5.33 -2.70 -16.38
CA ARG E 25 5.44 -1.26 -16.22
C ARG E 25 5.02 -0.55 -17.50
N THR E 26 4.20 0.50 -17.38
CA THR E 26 3.77 1.36 -18.50
C THR E 26 4.02 2.83 -18.10
N ASP E 27 4.74 3.57 -18.94
CA ASP E 27 5.04 4.98 -18.74
C ASP E 27 4.79 5.71 -20.03
N SER E 28 4.18 6.88 -19.93
CA SER E 28 3.83 7.71 -21.07
C SER E 28 4.34 9.13 -20.90
N VAL E 29 4.56 9.79 -22.06
CA VAL E 29 4.98 11.20 -22.21
C VAL E 29 4.18 11.75 -23.36
N VAL E 30 3.81 13.04 -23.29
CA VAL E 30 3.02 13.71 -24.32
C VAL E 30 3.75 14.96 -24.77
N TRP E 31 3.81 15.16 -26.10
CA TRP E 31 4.50 16.27 -26.77
C TRP E 31 3.60 17.01 -27.70
N LEU E 32 3.78 18.34 -27.77
CA LEU E 32 3.14 19.24 -28.74
C LEU E 32 4.30 19.88 -29.43
N GLY E 33 4.61 19.37 -30.62
CA GLY E 33 5.82 19.75 -31.32
C GLY E 33 6.98 19.17 -30.53
N ASP E 34 7.90 20.04 -30.08
CA ASP E 34 9.08 19.64 -29.32
C ASP E 34 8.99 20.10 -27.85
N LEU E 35 7.76 20.38 -27.39
CA LEU E 35 7.48 20.80 -26.02
C LEU E 35 6.72 19.72 -25.29
N GLN E 36 7.26 19.22 -24.16
CA GLN E 36 6.54 18.21 -23.38
C GLN E 36 5.39 18.85 -22.63
N THR E 37 4.19 18.28 -22.78
CA THR E 37 2.96 18.78 -22.15
C THR E 37 2.49 17.90 -20.97
N HIS E 38 2.71 16.58 -21.05
CA HIS E 38 2.29 15.67 -19.99
C HIS E 38 3.31 14.57 -19.69
N ARG E 39 3.20 13.99 -18.51
CA ARG E 39 3.95 12.82 -18.06
C ARG E 39 2.98 11.95 -17.26
N TRP E 40 3.01 10.64 -17.53
CA TRP E 40 2.21 9.67 -16.78
C TRP E 40 3.09 8.47 -16.44
N SER E 41 3.69 8.52 -15.27
CA SER E 41 4.55 7.48 -14.72
C SER E 41 3.72 6.28 -14.22
N ASN E 42 4.25 5.02 -14.35
CA ASN E 42 3.56 3.80 -13.84
C ASN E 42 3.19 3.97 -12.37
N ASP E 43 4.07 4.68 -11.62
CA ASP E 43 3.96 4.97 -10.19
C ASP E 43 2.80 5.90 -9.85
N SER E 44 2.31 6.68 -10.82
CA SER E 44 1.29 7.67 -10.59
C SER E 44 -0.08 7.20 -11.03
N ALA E 45 -1.08 7.44 -10.19
CA ALA E 45 -2.46 7.12 -10.52
C ALA E 45 -3.02 8.10 -11.56
N THR E 46 -2.51 9.33 -11.56
CA THR E 46 -2.97 10.44 -12.40
C THR E 46 -1.92 10.96 -13.40
N ILE E 47 -2.41 11.60 -14.48
CA ILE E 47 -1.61 12.22 -15.52
C ILE E 47 -1.18 13.57 -14.98
N SER E 48 0.15 13.85 -15.08
CA SER E 48 0.78 15.08 -14.61
C SER E 48 0.95 16.08 -15.73
N PHE E 49 0.69 17.35 -15.43
CA PHE E 49 0.88 18.43 -16.38
C PHE E 49 2.30 18.89 -16.25
N THR E 50 2.97 19.17 -17.37
CA THR E 50 4.36 19.64 -17.33
C THR E 50 4.42 21.09 -17.81
N LYS E 51 3.25 21.66 -18.16
CA LYS E 51 3.08 23.07 -18.57
C LYS E 51 1.87 23.65 -17.82
N PRO E 52 1.80 24.98 -17.53
CA PRO E 52 0.58 25.49 -16.86
C PRO E 52 -0.68 25.32 -17.72
N TRP E 53 -0.50 25.27 -19.06
CA TRP E 53 -1.56 25.20 -20.07
C TRP E 53 -1.83 23.78 -20.62
N SER E 54 -1.30 22.73 -19.98
CA SER E 54 -1.47 21.34 -20.46
C SER E 54 -2.93 20.82 -20.48
N GLN E 55 -3.86 21.48 -19.77
CA GLN E 55 -5.26 21.02 -19.79
C GLN E 55 -5.99 21.59 -21.02
N GLY E 56 -5.30 22.45 -21.77
CA GLY E 56 -5.88 23.09 -22.95
C GLY E 56 -7.10 23.92 -22.60
N LYS E 57 -8.21 23.66 -23.31
CA LYS E 57 -9.46 24.41 -23.10
C LYS E 57 -10.56 23.47 -22.57
N LEU E 58 -10.14 22.30 -22.07
CA LEU E 58 -11.04 21.35 -21.44
C LEU E 58 -11.45 21.84 -20.06
N SER E 59 -12.68 21.51 -19.63
CA SER E 59 -13.09 21.85 -18.26
C SER E 59 -12.51 20.81 -17.31
N ASN E 60 -12.41 21.14 -16.03
CA ASN E 60 -11.94 20.24 -14.97
C ASN E 60 -12.70 18.91 -15.01
N GLN E 61 -14.02 18.95 -15.30
CA GLN E 61 -14.92 17.80 -15.45
C GLN E 61 -14.60 17.01 -16.72
N GLN E 62 -14.38 17.72 -17.85
CA GLN E 62 -14.02 17.08 -19.12
C GLN E 62 -12.65 16.39 -19.02
N TRP E 63 -11.69 17.04 -18.28
CA TRP E 63 -10.35 16.50 -18.07
C TRP E 63 -10.43 15.23 -17.22
N GLU E 64 -11.27 15.27 -16.17
CA GLU E 64 -11.48 14.17 -15.23
C GLU E 64 -12.11 12.97 -15.93
N LYS E 65 -13.14 13.19 -16.78
CA LYS E 65 -13.82 12.10 -17.50
C LYS E 65 -12.81 11.40 -18.40
N LEU E 66 -11.96 12.16 -19.11
CA LEU E 66 -10.91 11.68 -20.01
C LEU E 66 -9.82 10.92 -19.26
N GLN E 67 -9.30 11.51 -18.15
CA GLN E 67 -8.31 10.85 -17.31
C GLN E 67 -8.83 9.51 -16.81
N HIS E 68 -10.11 9.44 -16.37
CA HIS E 68 -10.71 8.22 -15.87
C HIS E 68 -10.66 7.10 -16.95
N MET E 69 -10.95 7.45 -18.20
CA MET E 69 -10.88 6.57 -19.35
C MET E 69 -9.42 6.02 -19.49
N PHE E 70 -8.39 6.91 -19.48
CA PHE E 70 -7.00 6.47 -19.58
C PHE E 70 -6.58 5.55 -18.41
N GLN E 71 -7.07 5.79 -17.19
CA GLN E 71 -6.78 4.97 -16.02
C GLN E 71 -7.29 3.55 -16.19
N VAL E 72 -8.54 3.39 -16.71
CA VAL E 72 -9.18 2.09 -16.99
C VAL E 72 -8.40 1.43 -18.12
N TYR E 73 -8.01 2.22 -19.16
CA TYR E 73 -7.27 1.74 -20.30
C TYR E 73 -5.91 1.15 -19.86
N ARG E 74 -5.13 1.87 -19.01
CA ARG E 74 -3.82 1.40 -18.57
C ARG E 74 -3.87 0.01 -17.92
N VAL E 75 -4.84 -0.20 -17.02
CA VAL E 75 -5.03 -1.46 -16.28
C VAL E 75 -5.51 -2.58 -17.24
N SER E 76 -6.38 -2.22 -18.19
CA SER E 76 -7.01 -3.13 -19.13
C SER E 76 -6.07 -3.58 -20.21
N PHE E 77 -5.26 -2.64 -20.75
CA PHE E 77 -4.22 -2.86 -21.76
C PHE E 77 -3.25 -3.90 -21.27
N THR E 78 -2.75 -3.69 -20.05
CA THR E 78 -1.81 -4.55 -19.36
C THR E 78 -2.32 -6.00 -19.30
N ARG E 79 -3.57 -6.20 -18.86
CA ARG E 79 -4.13 -7.54 -18.74
C ARG E 79 -4.34 -8.16 -20.12
N ASP E 80 -4.72 -7.33 -21.13
CA ASP E 80 -4.98 -7.78 -22.49
C ASP E 80 -3.71 -8.27 -23.15
N ILE E 81 -2.59 -7.56 -22.93
CA ILE E 81 -1.31 -8.02 -23.47
C ILE E 81 -0.96 -9.34 -22.82
N GLN E 82 -1.06 -9.43 -21.47
CA GLN E 82 -0.78 -10.68 -20.75
C GLN E 82 -1.64 -11.85 -21.24
N GLU E 83 -2.94 -11.59 -21.51
CA GLU E 83 -3.85 -12.63 -22.02
C GLU E 83 -3.50 -13.01 -23.47
N LEU E 84 -3.07 -12.04 -24.30
CA LEU E 84 -2.61 -12.30 -25.65
C LEU E 84 -1.32 -13.15 -25.66
N VAL E 85 -0.40 -12.95 -24.68
CA VAL E 85 0.82 -13.78 -24.58
C VAL E 85 0.42 -15.21 -24.22
N LYS E 86 -0.59 -15.39 -23.34
CA LYS E 86 -1.08 -16.73 -22.98
C LYS E 86 -1.59 -17.45 -24.22
N MET E 87 -2.35 -16.73 -25.06
CA MET E 87 -2.98 -17.18 -26.29
C MET E 87 -1.98 -17.63 -27.35
N MET E 88 -0.82 -16.97 -27.42
CA MET E 88 0.20 -17.18 -28.44
C MET E 88 1.31 -18.15 -28.00
N SER E 89 1.35 -18.49 -26.70
CA SER E 89 2.29 -19.42 -26.09
C SER E 89 2.36 -20.78 -26.85
N PRO E 90 3.57 -21.31 -27.13
CA PRO E 90 4.90 -20.83 -26.73
C PRO E 90 5.62 -19.98 -27.79
N LYS E 91 4.91 -19.62 -28.90
CA LYS E 91 5.43 -18.86 -30.05
C LYS E 91 6.12 -17.56 -29.64
N GLU E 92 5.44 -16.77 -28.81
CA GLU E 92 5.94 -15.48 -28.33
C GLU E 92 5.99 -15.46 -26.83
N ASP E 93 7.16 -15.09 -26.28
CA ASP E 93 7.31 -15.05 -24.83
C ASP E 93 8.10 -13.83 -24.36
N TYR E 94 7.99 -13.54 -23.05
CA TYR E 94 8.66 -12.48 -22.29
C TYR E 94 10.19 -12.63 -22.37
N PRO E 95 10.96 -11.52 -22.29
CA PRO E 95 10.51 -10.12 -22.12
C PRO E 95 9.85 -9.56 -23.39
N ILE E 96 8.86 -8.68 -23.20
CA ILE E 96 8.13 -8.04 -24.28
C ILE E 96 8.12 -6.55 -24.04
N GLU E 97 8.36 -5.81 -25.13
CA GLU E 97 8.32 -4.37 -25.16
C GLU E 97 7.26 -3.95 -26.18
N ILE E 98 6.34 -3.07 -25.76
CA ILE E 98 5.29 -2.54 -26.64
C ILE E 98 5.32 -1.03 -26.52
N GLN E 99 5.46 -0.35 -27.64
CA GLN E 99 5.45 1.11 -27.73
C GLN E 99 4.27 1.51 -28.57
N LEU E 100 3.57 2.50 -28.09
CA LEU E 100 2.40 3.01 -28.75
C LEU E 100 2.59 4.49 -28.95
N SER E 101 2.33 4.96 -30.19
CA SER E 101 2.41 6.37 -30.60
C SER E 101 1.06 6.80 -31.18
N ALA E 102 0.38 7.70 -30.48
CA ALA E 102 -0.94 8.17 -30.84
C ALA E 102 -1.03 9.69 -30.81
N GLY E 103 -1.77 10.24 -31.73
CA GLY E 103 -2.00 11.67 -31.74
C GLY E 103 -2.52 12.17 -33.05
N CYS E 104 -2.25 13.45 -33.33
CA CYS E 104 -2.72 14.08 -34.54
C CYS E 104 -1.82 15.21 -34.98
N GLU E 105 -1.89 15.54 -36.29
CA GLU E 105 -1.23 16.68 -36.90
C GLU E 105 -2.28 17.73 -37.18
N MET E 106 -2.02 18.99 -36.79
CA MET E 106 -2.93 20.12 -37.04
C MET E 106 -2.38 20.97 -38.22
N TYR E 107 -3.20 21.10 -39.28
CA TYR E 107 -2.87 21.81 -40.51
C TYR E 107 -3.62 23.17 -40.64
N PRO E 108 -3.34 24.05 -41.66
CA PRO E 108 -4.10 25.32 -41.77
C PRO E 108 -5.59 25.10 -42.08
N GLY E 109 -6.43 25.80 -41.32
CA GLY E 109 -7.89 25.71 -41.36
C GLY E 109 -8.38 24.85 -40.21
N ASN E 110 -9.25 23.87 -40.53
CA ASN E 110 -9.79 22.91 -39.55
C ASN E 110 -9.27 21.50 -39.91
N ALA E 111 -8.24 21.44 -40.79
CA ALA E 111 -7.62 20.19 -41.27
C ALA E 111 -6.76 19.53 -40.20
N SER E 112 -6.93 18.20 -40.08
CA SER E 112 -6.24 17.34 -39.14
C SER E 112 -6.16 15.90 -39.66
N GLU E 113 -5.05 15.21 -39.36
CA GLU E 113 -4.80 13.81 -39.67
C GLU E 113 -4.36 13.12 -38.37
N SER E 114 -5.09 12.06 -37.95
CA SER E 114 -4.85 11.33 -36.70
C SER E 114 -4.18 9.99 -36.96
N PHE E 115 -3.40 9.52 -35.98
CA PHE E 115 -2.62 8.28 -36.10
C PHE E 115 -2.56 7.54 -34.79
N LEU E 116 -2.40 6.23 -34.87
CA LEU E 116 -2.23 5.32 -33.76
C LEU E 116 -1.37 4.14 -34.28
N HIS E 117 -0.05 4.20 -34.01
CA HIS E 117 0.92 3.22 -34.45
C HIS E 117 1.46 2.44 -33.25
N VAL E 118 1.62 1.13 -33.43
CA VAL E 118 2.04 0.20 -32.39
C VAL E 118 3.28 -0.59 -32.88
N ALA E 119 4.29 -0.62 -32.01
CA ALA E 119 5.52 -1.33 -32.25
C ALA E 119 5.69 -2.45 -31.23
N PHE E 120 6.12 -3.62 -31.74
CA PHE E 120 6.36 -4.80 -30.93
C PHE E 120 7.81 -5.14 -31.06
N GLN E 121 8.51 -5.13 -29.91
CA GLN E 121 9.95 -5.40 -29.82
C GLN E 121 10.73 -4.40 -30.69
N GLY E 122 10.28 -3.15 -30.70
CA GLY E 122 10.93 -2.05 -31.40
C GLY E 122 10.68 -1.98 -32.88
N LYS E 123 9.72 -2.76 -33.37
CA LYS E 123 9.38 -2.81 -34.79
C LYS E 123 7.90 -2.53 -34.96
N TYR E 124 7.59 -1.52 -35.77
CA TYR E 124 6.24 -1.07 -36.14
C TYR E 124 5.52 -2.24 -36.82
N VAL E 125 4.41 -2.71 -36.21
CA VAL E 125 3.68 -3.91 -36.71
C VAL E 125 2.19 -3.67 -36.89
N VAL E 126 1.60 -2.78 -36.10
CA VAL E 126 0.14 -2.56 -36.09
C VAL E 126 -0.23 -1.07 -36.06
N ARG E 127 -1.36 -0.74 -36.67
CA ARG E 127 -1.92 0.59 -36.60
C ARG E 127 -3.42 0.48 -36.47
N PHE E 128 -4.05 1.54 -35.95
CA PHE E 128 -5.49 1.62 -35.92
C PHE E 128 -5.83 2.42 -37.17
N TRP E 129 -6.59 1.85 -38.10
CA TRP E 129 -6.91 2.53 -39.37
C TRP E 129 -8.40 2.47 -39.73
N GLY E 130 -9.03 3.63 -39.66
CA GLY E 130 -10.44 3.81 -39.99
C GLY E 130 -11.38 3.40 -38.88
N THR E 131 -11.86 2.15 -38.93
CA THR E 131 -12.77 1.60 -37.92
C THR E 131 -12.17 0.36 -37.22
N SER E 132 -10.93 -0.07 -37.55
CA SER E 132 -10.38 -1.29 -36.95
C SER E 132 -8.86 -1.31 -36.92
N TRP E 133 -8.27 -2.27 -36.16
CA TRP E 133 -6.84 -2.53 -36.07
C TRP E 133 -6.40 -3.32 -37.29
N GLN E 134 -5.21 -3.04 -37.78
CA GLN E 134 -4.64 -3.79 -38.88
C GLN E 134 -3.13 -3.92 -38.73
N THR E 135 -2.54 -4.92 -39.38
CA THR E 135 -1.09 -5.11 -39.38
C THR E 135 -0.53 -4.36 -40.60
N VAL E 136 0.74 -3.98 -40.55
CA VAL E 136 1.37 -3.22 -41.63
C VAL E 136 2.32 -4.13 -42.42
N PRO E 137 2.72 -3.80 -43.66
CA PRO E 137 3.61 -4.69 -44.41
C PRO E 137 4.88 -5.09 -43.62
N GLY E 138 5.19 -6.39 -43.66
CA GLY E 138 6.32 -7.00 -42.98
C GLY E 138 6.02 -7.57 -41.61
N ALA E 139 4.83 -7.26 -41.04
CA ALA E 139 4.40 -7.79 -39.76
C ALA E 139 4.31 -9.32 -39.84
N PRO E 140 4.70 -10.04 -38.76
CA PRO E 140 4.61 -11.50 -38.80
C PRO E 140 3.15 -11.93 -38.81
N SER E 141 2.83 -13.07 -39.44
CA SER E 141 1.44 -13.53 -39.60
C SER E 141 0.76 -13.99 -38.34
N TRP E 142 1.51 -14.30 -37.27
CA TRP E 142 0.91 -14.78 -36.02
C TRP E 142 0.07 -13.70 -35.38
N LEU E 143 0.34 -12.42 -35.71
CA LEU E 143 -0.39 -11.26 -35.18
C LEU E 143 -1.83 -11.21 -35.67
N ASP E 144 -2.20 -12.06 -36.63
CA ASP E 144 -3.56 -12.09 -37.17
C ASP E 144 -4.56 -12.56 -36.12
N LEU E 145 -4.18 -13.51 -35.23
CA LEU E 145 -5.06 -13.95 -34.16
C LEU E 145 -5.21 -12.79 -33.16
N PRO E 146 -4.14 -12.17 -32.57
CA PRO E 146 -4.36 -11.01 -31.71
C PRO E 146 -5.22 -9.90 -32.33
N ILE E 147 -5.05 -9.60 -33.62
CA ILE E 147 -5.80 -8.51 -34.34
C ILE E 147 -7.29 -8.86 -34.45
N LYS E 148 -7.60 -10.12 -34.75
CA LYS E 148 -8.96 -10.66 -34.83
C LYS E 148 -9.68 -10.45 -33.48
N VAL E 149 -9.00 -10.79 -32.36
CA VAL E 149 -9.49 -10.69 -30.98
C VAL E 149 -9.65 -9.22 -30.61
N LEU E 150 -8.65 -8.37 -30.93
CA LEU E 150 -8.77 -6.93 -30.61
C LEU E 150 -9.93 -6.29 -31.38
N ASN E 151 -10.15 -6.73 -32.62
CA ASN E 151 -11.21 -6.19 -33.47
C ASN E 151 -12.59 -6.72 -33.08
N ALA E 152 -12.65 -7.80 -32.28
CA ALA E 152 -13.93 -8.37 -31.75
C ALA E 152 -14.54 -7.41 -30.68
N ASP E 153 -13.67 -6.59 -30.05
CA ASP E 153 -13.97 -5.59 -29.04
C ASP E 153 -14.46 -4.30 -29.70
N GLN E 154 -15.76 -4.27 -30.01
CA GLN E 154 -16.43 -3.15 -30.67
C GLN E 154 -16.41 -1.90 -29.82
N GLY E 155 -16.57 -2.07 -28.50
CA GLY E 155 -16.49 -1.01 -27.52
C GLY E 155 -15.19 -0.23 -27.52
N THR E 156 -14.04 -0.91 -27.69
CA THR E 156 -12.70 -0.30 -27.74
C THR E 156 -12.55 0.41 -29.05
N SER E 157 -13.01 -0.21 -30.12
CA SER E 157 -12.91 0.35 -31.47
C SER E 157 -13.67 1.67 -31.59
N ALA E 158 -14.92 1.71 -31.15
CA ALA E 158 -15.77 2.93 -31.13
C ALA E 158 -15.08 4.05 -30.35
N THR E 159 -14.50 3.72 -29.15
CA THR E 159 -13.80 4.70 -28.31
C THR E 159 -12.56 5.25 -29.04
N VAL E 160 -11.71 4.37 -29.60
CA VAL E 160 -10.51 4.77 -30.32
C VAL E 160 -10.91 5.68 -31.51
N GLN E 161 -11.93 5.31 -32.30
CA GLN E 161 -12.40 6.13 -33.43
C GLN E 161 -12.80 7.51 -32.98
N MET E 162 -13.49 7.59 -31.84
CA MET E 162 -13.94 8.86 -31.28
C MET E 162 -12.74 9.71 -30.85
N LEU E 163 -11.75 9.11 -30.15
CA LEU E 163 -10.55 9.81 -29.69
C LEU E 163 -9.70 10.34 -30.83
N LEU E 164 -9.55 9.58 -31.92
CA LEU E 164 -8.72 10.00 -33.04
C LEU E 164 -9.47 10.98 -33.94
N ASN E 165 -10.72 10.67 -34.29
CA ASN E 165 -11.48 11.55 -35.18
C ASN E 165 -11.95 12.84 -34.53
N ASP E 166 -12.36 12.78 -33.26
CA ASP E 166 -12.99 13.94 -32.65
C ASP E 166 -12.19 14.57 -31.50
N THR E 167 -11.88 13.82 -30.44
CA THR E 167 -11.19 14.32 -29.24
C THR E 167 -9.80 14.89 -29.51
N CYS E 168 -8.90 14.17 -30.20
CA CYS E 168 -7.54 14.66 -30.43
C CYS E 168 -7.57 16.03 -31.13
N PRO E 169 -8.25 16.20 -32.31
CA PRO E 169 -8.26 17.53 -32.95
C PRO E 169 -8.84 18.62 -32.04
N LEU E 170 -9.97 18.35 -31.38
CA LEU E 170 -10.61 19.28 -30.47
C LEU E 170 -9.65 19.74 -29.37
N PHE E 171 -9.06 18.80 -28.64
CA PHE E 171 -8.12 19.05 -27.56
C PHE E 171 -6.90 19.88 -28.00
N VAL E 172 -6.25 19.50 -29.12
CA VAL E 172 -5.03 20.16 -29.61
C VAL E 172 -5.31 21.61 -30.06
N ARG E 173 -6.48 21.92 -30.67
CA ARG E 173 -6.83 23.32 -31.04
C ARG E 173 -6.78 24.23 -29.81
N GLY E 174 -7.42 23.76 -28.73
CA GLY E 174 -7.46 24.40 -27.42
C GLY E 174 -6.09 24.52 -26.78
N LEU E 175 -5.26 23.47 -26.93
CA LEU E 175 -3.90 23.37 -26.42
C LEU E 175 -3.00 24.41 -27.14
N LEU E 176 -3.18 24.55 -28.48
CA LEU E 176 -2.47 25.52 -29.31
C LEU E 176 -2.77 26.96 -28.89
N GLU E 177 -4.04 27.23 -28.47
CA GLU E 177 -4.49 28.52 -27.98
C GLU E 177 -3.81 28.84 -26.65
N ALA E 178 -4.05 27.96 -25.66
CA ALA E 178 -3.57 28.05 -24.29
C ALA E 178 -2.05 28.08 -24.19
N GLY E 179 -1.37 27.38 -25.08
CA GLY E 179 0.08 27.35 -25.10
C GLY E 179 0.79 28.24 -26.10
N LYS E 180 0.03 29.10 -26.84
CA LYS E 180 0.50 30.04 -27.89
C LYS E 180 1.79 30.75 -27.53
N SER E 181 1.86 31.37 -26.32
CA SER E 181 2.99 32.14 -25.83
C SER E 181 4.28 31.30 -25.72
N ASP E 182 4.23 30.06 -25.19
CA ASP E 182 5.41 29.19 -25.07
C ASP E 182 5.84 28.62 -26.43
N LEU E 183 4.88 28.30 -27.33
CA LEU E 183 5.15 27.74 -28.66
C LEU E 183 5.74 28.80 -29.61
N GLU E 184 5.27 30.05 -29.53
CA GLU E 184 5.72 31.15 -30.39
C GLU E 184 6.89 31.93 -29.76
N LYS E 185 7.49 31.39 -28.68
CA LYS E 185 8.61 32.02 -27.98
C LYS E 185 9.90 31.96 -28.83
N GLN E 186 10.67 33.06 -28.81
CA GLN E 186 11.96 33.15 -29.49
C GLN E 186 13.08 33.13 -28.47
N GLU E 187 14.14 32.38 -28.77
CA GLU E 187 15.33 32.27 -27.94
C GLU E 187 16.55 32.40 -28.86
N LYS E 188 17.41 33.39 -28.56
CA LYS E 188 18.58 33.71 -29.37
C LYS E 188 19.70 32.66 -29.22
N PRO E 189 20.18 32.09 -30.36
CA PRO E 189 21.28 31.13 -30.27
C PRO E 189 22.61 31.80 -29.98
N VAL E 190 23.47 31.14 -29.20
CA VAL E 190 24.82 31.63 -28.90
C VAL E 190 25.79 30.63 -29.59
N ALA E 191 26.76 31.18 -30.37
CA ALA E 191 27.70 30.36 -31.14
C ALA E 191 29.17 30.59 -30.72
N TRP E 192 29.96 29.48 -30.72
CA TRP E 192 31.39 29.49 -30.40
C TRP E 192 32.14 28.50 -31.29
N LEU E 193 33.39 28.85 -31.62
CA LEU E 193 34.24 28.04 -32.49
C LEU E 193 35.35 27.31 -31.70
N SER E 194 35.80 26.12 -32.21
CA SER E 194 36.82 25.24 -31.62
C SER E 194 37.45 24.35 -32.73
N SER E 195 38.51 23.55 -32.44
CA SER E 195 39.16 22.70 -33.45
C SER E 195 39.81 21.42 -32.87
N VAL E 196 40.10 20.43 -33.76
CA VAL E 196 40.73 19.13 -33.47
C VAL E 196 42.15 19.34 -32.90
N GLN E 205 39.94 19.98 -38.81
CA GLN E 205 38.47 20.09 -38.74
C GLN E 205 38.02 21.15 -37.71
N LEU E 206 37.42 22.26 -38.20
CA LEU E 206 36.89 23.36 -37.39
C LEU E 206 35.47 23.02 -36.90
N VAL E 207 35.07 23.54 -35.71
CA VAL E 207 33.72 23.26 -35.18
C VAL E 207 33.01 24.54 -34.71
N CYS E 208 31.83 24.77 -35.27
CA CYS E 208 30.92 25.84 -34.94
C CYS E 208 29.76 25.26 -34.13
N HIS E 209 29.78 25.51 -32.81
CA HIS E 209 28.80 25.11 -31.79
C HIS E 209 27.75 26.20 -31.69
N VAL E 210 26.46 25.83 -31.70
CA VAL E 210 25.34 26.77 -31.66
C VAL E 210 24.32 26.26 -30.65
N SER E 211 24.22 26.93 -29.50
CA SER E 211 23.34 26.48 -28.41
C SER E 211 22.37 27.56 -27.90
N GLY E 212 21.22 27.11 -27.40
CA GLY E 212 20.19 27.94 -26.78
C GLY E 212 19.09 28.51 -27.65
N PHE E 213 19.02 28.11 -28.93
CA PHE E 213 17.98 28.60 -29.83
C PHE E 213 16.66 27.85 -29.67
N TYR E 214 15.59 28.59 -29.89
CA TYR E 214 14.22 28.15 -29.95
C TYR E 214 13.47 29.15 -30.84
N PRO E 215 12.66 28.70 -31.83
CA PRO E 215 12.32 27.29 -32.16
C PRO E 215 13.47 26.53 -32.84
N LYS E 216 13.24 25.23 -33.16
CA LYS E 216 14.21 24.33 -33.78
C LYS E 216 14.75 24.81 -35.16
N PRO E 217 13.93 25.34 -36.13
CA PRO E 217 14.50 25.71 -37.43
C PRO E 217 15.61 26.76 -37.36
N VAL E 218 16.82 26.33 -37.76
CA VAL E 218 18.04 27.12 -37.77
C VAL E 218 18.83 26.89 -39.08
N TRP E 219 19.84 27.73 -39.33
CA TRP E 219 20.71 27.69 -40.50
C TRP E 219 22.13 27.96 -40.03
N VAL E 220 23.04 26.99 -40.21
CA VAL E 220 24.45 27.13 -39.80
C VAL E 220 25.34 26.63 -40.96
N MET E 221 26.14 27.54 -41.52
CA MET E 221 27.04 27.25 -42.64
C MET E 221 28.43 27.81 -42.44
N TRP E 222 29.46 26.97 -42.72
CA TRP E 222 30.87 27.36 -42.69
C TRP E 222 31.17 28.04 -44.02
N MET E 223 31.65 29.29 -44.03
CA MET E 223 31.82 29.97 -45.32
C MET E 223 33.15 30.73 -45.50
N ARG E 224 33.60 30.84 -46.77
CA ARG E 224 34.81 31.55 -47.18
C ARG E 224 34.37 32.91 -47.69
N GLY E 225 34.08 33.80 -46.74
CA GLY E 225 33.55 35.13 -47.00
C GLY E 225 32.07 35.00 -47.30
N ASP E 226 31.70 35.26 -48.58
CA ASP E 226 30.32 35.15 -49.04
C ASP E 226 30.04 33.80 -49.72
N GLN E 227 31.10 33.07 -50.14
CA GLN E 227 30.98 31.74 -50.76
C GLN E 227 30.79 30.64 -49.69
N GLU E 228 29.79 29.74 -49.88
CA GLU E 228 29.54 28.64 -48.95
C GLU E 228 30.50 27.47 -49.20
N GLN E 229 30.63 26.58 -48.21
CA GLN E 229 31.51 25.42 -48.30
C GLN E 229 30.67 24.16 -48.43
N GLN E 230 30.99 23.32 -49.43
CA GLN E 230 30.28 22.06 -49.69
C GLN E 230 30.53 21.03 -48.56
N GLY E 231 31.63 21.20 -47.84
CA GLY E 231 32.06 20.33 -46.74
C GLY E 231 31.51 20.59 -45.35
N THR E 232 30.48 21.46 -45.23
CA THR E 232 29.86 21.73 -43.93
C THR E 232 28.99 20.53 -43.58
N HIS E 233 29.40 19.81 -42.53
CA HIS E 233 28.73 18.63 -42.02
C HIS E 233 27.98 19.01 -40.74
N ARG E 234 26.65 19.18 -40.86
CA ARG E 234 25.80 19.55 -39.75
C ARG E 234 25.44 18.34 -38.94
N GLY E 235 25.65 18.42 -37.62
CA GLY E 235 25.28 17.34 -36.72
C GLY E 235 23.78 17.22 -36.53
N ASP E 236 23.36 16.47 -35.52
CA ASP E 236 21.95 16.30 -35.18
C ASP E 236 21.53 17.36 -34.15
N PHE E 237 20.22 17.66 -34.08
CA PHE E 237 19.68 18.60 -33.11
C PHE E 237 19.67 17.93 -31.72
N LEU E 238 20.55 18.42 -30.84
CA LEU E 238 20.71 17.90 -29.48
C LEU E 238 19.95 18.77 -28.49
N PRO E 239 19.15 18.19 -27.58
CA PRO E 239 18.34 19.04 -26.70
C PRO E 239 19.07 19.62 -25.50
N ASN E 240 18.63 20.81 -25.10
CA ASN E 240 19.07 21.42 -23.85
C ASN E 240 17.96 21.14 -22.85
N ALA E 241 18.31 21.10 -21.57
CA ALA E 241 17.35 20.80 -20.48
C ALA E 241 16.38 21.97 -20.19
N ASP E 242 16.58 23.13 -20.83
CA ASP E 242 15.74 24.32 -20.65
C ASP E 242 14.89 24.57 -21.91
N GLU E 243 14.57 23.47 -22.61
CA GLU E 243 13.76 23.40 -23.82
C GLU E 243 14.25 24.36 -24.92
N THR E 244 15.56 24.28 -25.22
CA THR E 244 16.26 24.99 -26.29
C THR E 244 17.12 23.96 -27.02
N TRP E 245 17.67 24.32 -28.18
CA TRP E 245 18.44 23.36 -28.96
C TRP E 245 19.90 23.69 -29.09
N TYR E 246 20.69 22.62 -29.36
CA TYR E 246 22.13 22.60 -29.62
C TYR E 246 22.40 21.93 -30.99
N LEU E 247 23.37 22.46 -31.75
CA LEU E 247 23.75 21.89 -33.05
C LEU E 247 25.13 22.41 -33.42
N GLN E 248 26.03 21.50 -33.85
CA GLN E 248 27.39 21.86 -34.28
C GLN E 248 27.62 21.43 -35.74
N ALA E 249 28.33 22.31 -36.50
CA ALA E 249 28.67 22.15 -37.91
C ALA E 249 30.16 22.13 -38.08
N THR E 250 30.70 21.02 -38.63
CA THR E 250 32.14 20.87 -38.84
C THR E 250 32.52 21.15 -40.32
N LEU E 251 33.84 21.25 -40.57
CA LEU E 251 34.43 21.46 -41.90
C LEU E 251 35.88 20.98 -41.85
N ASP E 252 36.19 19.85 -42.56
CA ASP E 252 37.53 19.25 -42.60
C ASP E 252 38.45 20.16 -43.37
N VAL E 253 39.20 21.01 -42.65
CA VAL E 253 40.13 21.98 -43.23
C VAL E 253 41.55 21.67 -42.79
N ALA E 259 42.19 27.92 -43.23
CA ALA E 259 41.67 28.84 -42.22
C ALA E 259 41.85 30.32 -42.66
N GLY E 260 40.79 31.09 -42.45
CA GLY E 260 40.62 32.50 -42.82
C GLY E 260 39.13 32.70 -43.04
N LEU E 261 38.36 31.65 -42.62
CA LEU E 261 36.91 31.44 -42.73
C LEU E 261 36.08 32.08 -41.62
N ALA E 262 34.75 31.90 -41.71
CA ALA E 262 33.73 32.38 -40.78
C ALA E 262 32.56 31.44 -40.70
N CYS E 263 31.89 31.39 -39.54
CA CYS E 263 30.69 30.58 -39.35
C CYS E 263 29.45 31.50 -39.30
N ARG E 264 28.56 31.38 -40.32
CA ARG E 264 27.33 32.16 -40.45
C ARG E 264 26.17 31.35 -39.91
N VAL E 265 25.37 31.98 -39.03
CA VAL E 265 24.19 31.41 -38.38
C VAL E 265 22.99 32.33 -38.65
N LYS E 266 21.87 31.76 -39.14
CA LYS E 266 20.62 32.50 -39.40
C LYS E 266 19.47 31.81 -38.66
N HIS E 267 18.82 32.55 -37.74
CA HIS E 267 17.69 32.11 -36.89
C HIS E 267 16.60 33.19 -36.82
N SER E 268 15.32 32.74 -36.69
CA SER E 268 14.12 33.60 -36.60
C SER E 268 14.20 34.61 -35.45
N SER E 269 14.93 34.27 -34.36
CA SER E 269 15.07 35.15 -33.19
C SER E 269 15.98 36.36 -33.45
N LEU E 270 16.92 36.24 -34.40
CA LEU E 270 17.93 37.25 -34.76
C LEU E 270 17.32 38.40 -35.58
N GLY E 271 16.23 38.10 -36.29
CA GLY E 271 15.48 39.04 -37.14
C GLY E 271 16.31 39.82 -38.13
N GLY E 272 17.01 39.10 -39.00
CA GLY E 272 17.87 39.69 -40.03
C GLY E 272 19.31 39.87 -39.64
N GLN E 273 19.61 40.01 -38.32
CA GLN E 273 20.97 40.21 -37.81
C GLN E 273 21.65 38.85 -37.52
N ASP E 274 22.10 38.18 -38.62
CA ASP E 274 22.79 36.87 -38.65
C ASP E 274 24.09 36.93 -37.85
N ILE E 275 24.53 35.79 -37.32
CA ILE E 275 25.76 35.71 -36.53
C ILE E 275 26.88 35.23 -37.45
N ILE E 276 27.96 36.01 -37.56
CA ILE E 276 29.13 35.66 -38.35
C ILE E 276 30.33 35.61 -37.36
N LEU E 277 30.92 34.42 -37.17
CA LEU E 277 32.06 34.22 -36.28
C LEU E 277 33.34 33.86 -37.06
N TYR E 278 34.38 34.69 -36.96
CA TYR E 278 35.64 34.44 -37.67
C TYR E 278 36.58 33.60 -36.80
N TRP E 279 36.96 34.14 -35.61
CA TRP E 279 37.86 33.54 -34.62
C TRP E 279 37.54 34.09 -33.21
N PRO F 5 23.95 1.83 -28.50
CA PRO F 5 23.75 3.10 -27.75
C PRO F 5 24.82 4.14 -28.10
N GLN F 6 24.37 5.36 -28.46
CA GLN F 6 25.21 6.50 -28.84
C GLN F 6 25.10 7.60 -27.78
N ILE F 7 26.26 8.06 -27.27
CA ILE F 7 26.37 9.08 -26.20
C ILE F 7 26.95 10.39 -26.76
N GLN F 8 26.32 11.53 -26.44
CA GLN F 8 26.76 12.87 -26.86
C GLN F 8 26.84 13.76 -25.63
N VAL F 9 28.03 14.30 -25.35
CA VAL F 9 28.29 15.18 -24.19
C VAL F 9 28.63 16.57 -24.74
N TYR F 10 27.87 17.59 -24.28
CA TYR F 10 27.97 18.99 -24.72
C TYR F 10 27.54 19.95 -23.62
N SER F 11 28.10 21.17 -23.64
CA SER F 11 27.83 22.29 -22.73
C SER F 11 26.56 23.04 -23.15
N ARG F 12 25.84 23.67 -22.17
CA ARG F 12 24.64 24.49 -22.44
C ARG F 12 25.06 25.86 -23.00
N HIS F 13 26.15 26.43 -22.48
CA HIS F 13 26.69 27.74 -22.87
C HIS F 13 28.16 27.60 -23.34
N PRO F 14 28.76 28.62 -24.01
CA PRO F 14 30.18 28.48 -24.39
C PRO F 14 31.08 28.30 -23.18
N PRO F 15 31.95 27.27 -23.17
CA PRO F 15 32.83 27.03 -22.01
C PRO F 15 33.84 28.15 -21.79
N GLU F 16 34.12 28.40 -20.51
CA GLU F 16 35.07 29.37 -19.98
C GLU F 16 35.48 28.86 -18.61
N ASN F 17 36.77 28.52 -18.47
CA ASN F 17 37.37 27.98 -17.25
C ASN F 17 37.03 28.85 -16.03
N GLY F 18 36.49 28.21 -15.00
CA GLY F 18 36.12 28.85 -13.74
C GLY F 18 34.71 29.38 -13.66
N LYS F 19 34.04 29.55 -14.82
CA LYS F 19 32.68 30.07 -14.90
C LYS F 19 31.66 28.92 -14.80
N PRO F 20 30.58 29.07 -13.99
CA PRO F 20 29.61 27.96 -13.86
C PRO F 20 28.69 27.87 -15.08
N ASN F 21 28.55 26.65 -15.59
CA ASN F 21 27.71 26.33 -16.73
C ASN F 21 26.75 25.17 -16.36
N ILE F 22 26.31 24.40 -17.37
CA ILE F 22 25.45 23.22 -17.33
C ILE F 22 25.93 22.26 -18.43
N LEU F 23 26.22 21.00 -18.05
CA LEU F 23 26.71 19.96 -18.95
C LEU F 23 25.60 18.92 -19.23
N ASN F 24 25.33 18.65 -20.54
CA ASN F 24 24.31 17.70 -21.01
C ASN F 24 24.94 16.41 -21.53
N CYS F 25 24.19 15.29 -21.36
CA CYS F 25 24.52 13.96 -21.85
C CYS F 25 23.26 13.41 -22.53
N TYR F 26 23.33 13.25 -23.85
CA TYR F 26 22.22 12.78 -24.64
C TYR F 26 22.52 11.35 -25.13
N VAL F 27 21.81 10.38 -24.52
CA VAL F 27 21.92 8.93 -24.75
C VAL F 27 20.82 8.55 -25.73
N THR F 28 21.19 8.06 -26.90
CA THR F 28 20.24 7.75 -27.97
C THR F 28 20.44 6.36 -28.58
N GLN F 29 19.45 5.95 -29.43
CA GLN F 29 19.40 4.74 -30.27
C GLN F 29 19.60 3.42 -29.48
N PHE F 30 19.01 3.31 -28.29
CA PHE F 30 19.13 2.09 -27.49
C PHE F 30 17.76 1.42 -27.33
N HIS F 31 17.80 0.09 -27.16
CA HIS F 31 16.64 -0.79 -26.95
C HIS F 31 17.15 -2.10 -26.36
N PRO F 32 16.50 -2.73 -25.32
CA PRO F 32 15.28 -2.33 -24.59
C PRO F 32 15.48 -1.02 -23.82
N PRO F 33 14.40 -0.37 -23.33
CA PRO F 33 14.58 0.92 -22.65
C PRO F 33 15.22 0.87 -21.26
N HIS F 34 15.44 -0.30 -20.65
CA HIS F 34 16.09 -0.29 -19.35
C HIS F 34 17.59 0.09 -19.50
N ILE F 35 18.00 1.19 -18.85
CA ILE F 35 19.34 1.76 -18.93
C ILE F 35 19.75 2.42 -17.59
N GLU F 36 21.06 2.54 -17.36
CA GLU F 36 21.66 3.21 -16.20
C GLU F 36 22.69 4.21 -16.71
N ILE F 37 22.44 5.52 -16.49
CA ILE F 37 23.33 6.63 -16.93
C ILE F 37 23.90 7.40 -15.72
N GLN F 38 25.24 7.53 -15.69
CA GLN F 38 25.97 8.24 -14.64
C GLN F 38 26.93 9.25 -15.26
N MET F 39 26.95 10.49 -14.74
CA MET F 39 27.86 11.56 -15.20
C MET F 39 28.97 11.71 -14.16
N LEU F 40 30.21 11.67 -14.62
CA LEU F 40 31.36 11.66 -13.72
C LEU F 40 32.12 13.00 -13.71
N LYS F 41 32.51 13.44 -12.49
CA LYS F 41 33.16 14.72 -12.17
C LYS F 41 34.70 14.66 -12.15
N ASN F 42 35.30 13.45 -12.06
CA ASN F 42 36.75 13.10 -12.11
C ASN F 42 36.89 11.59 -11.87
N GLY F 43 36.04 10.84 -12.56
CA GLY F 43 35.88 9.40 -12.44
C GLY F 43 34.91 9.05 -11.32
N LYS F 44 34.48 10.06 -10.55
CA LYS F 44 33.54 9.95 -9.44
C LYS F 44 32.16 10.45 -9.89
N LYS F 45 31.11 9.66 -9.61
CA LYS F 45 29.72 9.98 -9.99
C LYS F 45 29.25 11.29 -9.34
N ILE F 46 28.61 12.17 -10.15
CA ILE F 46 28.04 13.45 -9.68
C ILE F 46 26.71 13.13 -8.94
N PRO F 47 26.48 13.63 -7.70
CA PRO F 47 25.27 13.21 -6.95
C PRO F 47 23.94 13.86 -7.34
N LYS F 48 23.93 15.17 -7.65
CA LYS F 48 22.69 15.91 -7.97
C LYS F 48 22.35 15.87 -9.49
N VAL F 49 22.27 14.66 -10.07
CA VAL F 49 21.98 14.49 -11.49
C VAL F 49 20.44 14.47 -11.68
N GLU F 50 19.91 15.45 -12.45
CA GLU F 50 18.49 15.59 -12.78
C GLU F 50 18.30 15.13 -14.23
N MET F 51 17.36 14.20 -14.46
CA MET F 51 17.15 13.60 -15.78
C MET F 51 15.75 13.85 -16.33
N SER F 52 15.64 13.82 -17.67
CA SER F 52 14.38 13.96 -18.40
C SER F 52 13.63 12.65 -18.38
N ASP F 53 12.34 12.70 -18.71
CA ASP F 53 11.56 11.47 -18.82
C ASP F 53 12.01 10.69 -20.02
N MET F 54 11.97 9.36 -19.93
CA MET F 54 12.34 8.52 -21.06
C MET F 54 11.29 8.70 -22.15
N SER F 55 11.72 8.86 -23.41
CA SER F 55 10.83 9.02 -24.55
C SER F 55 11.40 8.22 -25.75
N PHE F 56 10.79 8.35 -26.95
CA PHE F 56 11.29 7.68 -28.13
C PHE F 56 11.00 8.51 -29.40
N SER F 57 11.82 8.29 -30.44
CA SER F 57 11.74 9.02 -31.71
C SER F 57 10.87 8.27 -32.71
N LYS F 58 10.63 8.90 -33.89
CA LYS F 58 9.82 8.36 -34.99
C LYS F 58 10.34 6.97 -35.43
N ASP F 59 11.66 6.71 -35.24
CA ASP F 59 12.33 5.45 -35.58
C ASP F 59 12.16 4.37 -34.48
N TRP F 60 11.38 4.68 -33.41
CA TRP F 60 11.02 3.83 -32.26
C TRP F 60 12.16 3.62 -31.26
N SER F 61 13.30 4.31 -31.45
CA SER F 61 14.44 4.17 -30.55
C SER F 61 14.28 5.14 -29.39
N PHE F 62 14.70 4.72 -28.18
CA PHE F 62 14.58 5.55 -26.98
C PHE F 62 15.73 6.52 -26.81
N TYR F 63 15.44 7.63 -26.13
CA TYR F 63 16.39 8.68 -25.80
C TYR F 63 16.08 9.21 -24.41
N ILE F 64 17.13 9.65 -23.73
CA ILE F 64 17.09 10.24 -22.40
C ILE F 64 18.14 11.38 -22.36
N LEU F 65 17.88 12.42 -21.56
CA LEU F 65 18.81 13.53 -21.42
C LEU F 65 19.11 13.79 -19.96
N ALA F 66 20.37 13.53 -19.60
CA ALA F 66 20.90 13.74 -18.27
C ALA F 66 21.65 15.07 -18.22
N HIS F 67 21.33 15.95 -17.24
CA HIS F 67 22.00 17.25 -17.13
C HIS F 67 22.45 17.55 -15.66
N THR F 68 23.53 18.36 -15.52
CA THR F 68 24.08 18.79 -14.23
C THR F 68 24.69 20.16 -14.30
N GLU F 69 24.69 20.87 -13.17
CA GLU F 69 25.34 22.17 -13.05
C GLU F 69 26.85 21.91 -12.91
N PHE F 70 27.65 22.18 -13.98
CA PHE F 70 29.12 21.96 -14.00
C PHE F 70 29.89 23.25 -14.21
N THR F 71 31.05 23.38 -13.52
CA THR F 71 31.97 24.54 -13.59
C THR F 71 33.38 24.02 -14.08
N PRO F 72 33.69 24.17 -15.40
CA PRO F 72 34.92 23.57 -15.95
C PRO F 72 36.23 24.25 -15.60
N THR F 73 37.31 23.46 -15.58
CA THR F 73 38.68 23.87 -15.29
C THR F 73 39.62 23.15 -16.25
N GLU F 74 40.91 23.59 -16.33
CA GLU F 74 41.92 23.00 -17.21
C GLU F 74 42.39 21.62 -16.70
N THR F 75 42.16 21.30 -15.39
CA THR F 75 42.55 20.04 -14.75
C THR F 75 41.39 19.05 -14.60
N ASP F 76 40.14 19.54 -14.44
CA ASP F 76 38.99 18.66 -14.22
C ASP F 76 38.54 17.92 -15.49
N THR F 77 38.34 16.59 -15.36
CA THR F 77 37.87 15.68 -16.40
C THR F 77 36.39 15.36 -16.17
N TYR F 78 35.56 15.48 -17.23
CA TYR F 78 34.11 15.21 -17.15
C TYR F 78 33.71 14.12 -18.16
N ALA F 79 32.90 13.14 -17.72
CA ALA F 79 32.47 12.02 -18.56
C ALA F 79 31.02 11.59 -18.33
N CYS F 80 30.51 10.73 -19.24
CA CYS F 80 29.18 10.14 -19.18
C CYS F 80 29.27 8.63 -19.45
N ARG F 81 29.14 7.82 -18.38
CA ARG F 81 29.19 6.36 -18.45
C ARG F 81 27.74 5.80 -18.55
N VAL F 82 27.54 4.78 -19.41
CA VAL F 82 26.23 4.19 -19.63
C VAL F 82 26.31 2.65 -19.61
N LYS F 83 25.44 2.00 -18.80
CA LYS F 83 25.36 0.56 -18.72
C LYS F 83 24.04 0.09 -19.36
N HIS F 84 24.17 -0.72 -20.41
CA HIS F 84 23.06 -1.28 -21.17
C HIS F 84 23.38 -2.75 -21.50
N ALA F 85 22.33 -3.60 -21.53
CA ALA F 85 22.41 -5.05 -21.80
C ALA F 85 23.04 -5.37 -23.17
N SER F 86 22.96 -4.42 -24.13
CA SER F 86 23.49 -4.55 -25.49
C SER F 86 25.01 -4.50 -25.50
N MET F 87 25.62 -4.05 -24.38
CA MET F 87 27.06 -3.93 -24.18
C MET F 87 27.52 -4.82 -23.04
N ALA F 88 28.70 -5.45 -23.23
CA ALA F 88 29.34 -6.30 -22.24
C ALA F 88 29.95 -5.43 -21.15
N GLU F 89 30.69 -4.40 -21.56
CA GLU F 89 31.32 -3.44 -20.66
C GLU F 89 30.63 -2.07 -20.80
N PRO F 90 30.57 -1.24 -19.72
CA PRO F 90 29.95 0.09 -19.85
C PRO F 90 30.74 0.98 -20.83
N LYS F 91 30.05 1.91 -21.52
CA LYS F 91 30.64 2.82 -22.50
C LYS F 91 30.77 4.23 -21.88
N THR F 92 32.01 4.70 -21.71
CA THR F 92 32.31 6.02 -21.14
C THR F 92 32.75 6.98 -22.26
N VAL F 93 32.10 8.16 -22.32
CA VAL F 93 32.39 9.22 -23.29
C VAL F 93 32.79 10.48 -22.50
N TYR F 94 34.00 10.99 -22.78
CA TYR F 94 34.54 12.16 -22.10
C TYR F 94 34.14 13.42 -22.82
N TRP F 95 33.88 14.49 -22.06
CA TRP F 95 33.56 15.80 -22.59
C TRP F 95 34.83 16.43 -23.16
N ASP F 96 34.75 16.89 -24.42
CA ASP F 96 35.86 17.49 -25.18
C ASP F 96 35.41 18.82 -25.81
N ARG F 97 36.05 19.95 -25.41
CA ARG F 97 35.75 21.30 -25.89
C ARG F 97 36.14 21.50 -27.38
N THR G 1 -17.62 -9.80 -2.95
CA THR G 1 -17.86 -10.04 -4.38
C THR G 1 -18.17 -8.71 -5.15
N GLN G 2 -17.78 -8.70 -6.43
CA GLN G 2 -17.93 -7.57 -7.34
C GLN G 2 -19.35 -7.46 -7.94
N VAL G 3 -20.19 -8.50 -7.76
CA VAL G 3 -21.56 -8.54 -8.30
C VAL G 3 -22.50 -9.01 -7.19
N GLU G 4 -23.44 -8.14 -6.81
CA GLU G 4 -24.46 -8.43 -5.78
C GLU G 4 -25.89 -8.34 -6.38
N GLN G 5 -26.71 -9.33 -6.04
CA GLN G 5 -28.11 -9.42 -6.50
C GLN G 5 -29.10 -9.26 -5.32
N SER G 6 -30.26 -8.67 -5.60
CA SER G 6 -31.27 -8.42 -4.60
C SER G 6 -32.68 -8.51 -5.19
N PRO G 7 -33.68 -9.09 -4.47
CA PRO G 7 -33.56 -9.78 -3.15
C PRO G 7 -32.81 -11.11 -3.32
N GLN G 8 -32.46 -11.76 -2.21
CA GLN G 8 -31.77 -13.07 -2.25
C GLN G 8 -32.77 -14.09 -2.76
N SER G 9 -34.00 -13.98 -2.29
CA SER G 9 -35.10 -14.84 -2.67
C SER G 9 -36.42 -14.08 -2.52
N LEU G 10 -37.44 -14.51 -3.27
CA LEU G 10 -38.77 -13.91 -3.16
C LEU G 10 -39.85 -14.90 -3.58
N VAL G 11 -41.07 -14.73 -3.03
CA VAL G 11 -42.22 -15.56 -3.35
C VAL G 11 -43.32 -14.65 -3.89
N VAL G 12 -43.83 -14.95 -5.11
CA VAL G 12 -44.90 -14.16 -5.74
C VAL G 12 -46.03 -15.09 -6.17
N ARG G 13 -47.22 -14.52 -6.40
CA ARG G 13 -48.35 -15.27 -6.89
C ARG G 13 -48.39 -15.10 -8.36
N GLN G 14 -48.86 -16.13 -9.08
CA GLN G 14 -49.08 -16.09 -10.52
C GLN G 14 -49.80 -14.78 -10.95
N GLY G 15 -49.33 -14.16 -12.03
CA GLY G 15 -49.89 -12.92 -12.56
C GLY G 15 -49.28 -11.67 -11.99
N GLU G 16 -48.45 -11.83 -10.93
CA GLU G 16 -47.81 -10.70 -10.27
C GLU G 16 -46.54 -10.42 -11.00
N ASN G 17 -46.01 -9.22 -10.86
CA ASN G 17 -44.76 -8.85 -11.51
C ASN G 17 -43.61 -9.05 -10.54
N SER G 18 -42.44 -9.43 -11.06
CA SER G 18 -41.21 -9.59 -10.27
C SER G 18 -40.20 -8.61 -10.78
N VAL G 19 -39.54 -7.94 -9.88
CA VAL G 19 -38.49 -6.98 -10.22
C VAL G 19 -37.23 -7.43 -9.45
N LEU G 20 -36.17 -7.72 -10.20
CA LEU G 20 -34.90 -8.24 -9.72
C LEU G 20 -33.78 -7.25 -9.98
N GLN G 21 -32.89 -7.04 -8.98
CA GLN G 21 -31.82 -6.06 -9.11
C GLN G 21 -30.42 -6.68 -9.11
N CYS G 22 -29.51 -5.99 -9.79
CA CYS G 22 -28.11 -6.32 -9.88
C CYS G 22 -27.29 -5.05 -9.77
N ASN G 23 -26.27 -5.07 -8.90
CA ASN G 23 -25.34 -3.98 -8.61
C ASN G 23 -23.97 -4.54 -8.63
N TYR G 24 -23.04 -3.84 -9.29
CA TYR G 24 -21.69 -4.33 -9.45
C TYR G 24 -20.67 -3.21 -9.32
N SER G 25 -19.41 -3.60 -9.05
CA SER G 25 -18.26 -2.72 -8.94
C SER G 25 -17.19 -3.13 -10.01
N VAL G 26 -17.52 -4.11 -10.90
CA VAL G 26 -16.66 -4.62 -11.96
C VAL G 26 -16.21 -3.44 -12.80
N THR G 27 -14.88 -3.37 -13.11
CA THR G 27 -14.28 -2.31 -13.95
C THR G 27 -13.31 -2.93 -14.94
N PRO G 28 -13.50 -2.69 -16.26
CA PRO G 28 -14.64 -2.03 -16.92
C PRO G 28 -15.80 -3.01 -17.09
N ASP G 29 -16.98 -2.48 -17.45
CA ASP G 29 -18.24 -3.23 -17.59
C ASP G 29 -18.68 -3.21 -19.04
N ASN G 30 -18.19 -4.15 -19.83
CA ASN G 30 -18.52 -4.15 -21.26
C ASN G 30 -20.01 -4.45 -21.47
N HIS G 31 -20.51 -5.54 -20.88
CA HIS G 31 -21.90 -5.97 -21.01
C HIS G 31 -22.38 -6.70 -19.72
N LEU G 32 -23.71 -6.78 -19.56
CA LEU G 32 -24.41 -7.44 -18.49
C LEU G 32 -25.43 -8.39 -19.09
N ARG G 33 -25.39 -9.64 -18.63
CA ARG G 33 -26.29 -10.68 -19.08
C ARG G 33 -27.11 -11.23 -17.94
N TRP G 34 -28.38 -11.50 -18.23
CA TRP G 34 -29.24 -12.16 -17.26
C TRP G 34 -29.49 -13.61 -17.71
N PHE G 35 -29.25 -14.56 -16.81
CA PHE G 35 -29.52 -15.99 -17.05
C PHE G 35 -30.65 -16.48 -16.19
N LYS G 36 -31.40 -17.44 -16.70
CA LYS G 36 -32.44 -18.17 -15.97
C LYS G 36 -31.90 -19.60 -15.78
N GLN G 37 -31.84 -20.07 -14.52
CA GLN G 37 -31.40 -21.42 -14.25
C GLN G 37 -32.48 -22.19 -13.42
N ASP G 38 -33.10 -23.22 -14.01
CA ASP G 38 -34.09 -24.07 -13.32
C ASP G 38 -33.31 -25.01 -12.41
N THR G 39 -33.91 -25.45 -11.31
CA THR G 39 -33.21 -26.32 -10.34
C THR G 39 -32.75 -27.59 -11.06
N GLY G 40 -31.45 -27.88 -10.90
CA GLY G 40 -30.79 -29.02 -11.50
C GLY G 40 -30.35 -28.84 -12.96
N LYS G 41 -30.98 -27.90 -13.67
CA LYS G 41 -30.69 -27.65 -15.07
C LYS G 41 -29.52 -26.62 -15.22
N GLY G 42 -29.31 -26.13 -16.45
CA GLY G 42 -28.25 -25.21 -16.79
C GLY G 42 -28.71 -23.78 -17.03
N LEU G 43 -27.83 -22.99 -17.67
CA LEU G 43 -28.00 -21.55 -17.88
C LEU G 43 -28.63 -21.17 -19.21
N VAL G 44 -29.73 -20.44 -19.18
CA VAL G 44 -30.40 -19.97 -20.39
C VAL G 44 -30.38 -18.46 -20.37
N SER G 45 -29.76 -17.85 -21.39
CA SER G 45 -29.62 -16.41 -21.55
C SER G 45 -30.99 -15.79 -21.79
N LEU G 46 -31.32 -14.75 -21.03
CA LEU G 46 -32.58 -14.06 -21.17
C LEU G 46 -32.38 -12.82 -22.02
N THR G 47 -31.25 -12.11 -21.79
CA THR G 47 -30.91 -10.88 -22.48
C THR G 47 -29.45 -10.42 -22.22
N VAL G 48 -28.94 -9.57 -23.11
CA VAL G 48 -27.66 -8.90 -22.97
C VAL G 48 -27.87 -7.41 -23.13
N LEU G 49 -27.27 -6.63 -22.26
CA LEU G 49 -27.34 -5.17 -22.25
C LEU G 49 -25.93 -4.72 -22.48
N VAL G 50 -25.73 -3.84 -23.47
CA VAL G 50 -24.38 -3.47 -23.89
C VAL G 50 -24.09 -1.97 -23.84
N ASP G 51 -25.10 -1.08 -23.96
CA ASP G 51 -24.88 0.37 -24.01
C ASP G 51 -24.83 1.01 -22.64
N GLN G 52 -24.38 2.30 -22.60
CA GLN G 52 -24.22 3.08 -21.36
C GLN G 52 -25.56 3.14 -20.59
N LYS G 53 -26.66 3.39 -21.34
CA LYS G 53 -28.04 3.42 -20.87
C LYS G 53 -28.76 2.54 -21.84
N ASP G 54 -29.14 1.34 -21.38
CA ASP G 54 -29.74 0.35 -22.27
C ASP G 54 -31.03 -0.18 -21.69
N LYS G 55 -31.86 -0.66 -22.60
CA LYS G 55 -33.16 -1.26 -22.31
C LYS G 55 -33.35 -2.41 -23.29
N THR G 56 -33.79 -3.57 -22.81
CA THR G 56 -34.08 -4.70 -23.70
C THR G 56 -35.43 -5.30 -23.34
N SER G 57 -36.00 -6.08 -24.27
CA SER G 57 -37.23 -6.79 -24.02
C SER G 57 -37.19 -8.16 -24.74
N ASN G 58 -37.72 -9.16 -24.06
CA ASN G 58 -37.82 -10.52 -24.54
C ASN G 58 -39.11 -11.09 -23.94
N GLY G 59 -40.21 -10.84 -24.61
CA GLY G 59 -41.52 -11.32 -24.19
C GLY G 59 -41.96 -10.72 -22.88
N ARG G 60 -42.07 -11.56 -21.85
CA ARG G 60 -42.51 -11.14 -20.52
C ARG G 60 -41.35 -10.58 -19.69
N TYR G 61 -40.11 -10.82 -20.15
CA TYR G 61 -38.89 -10.28 -19.58
C TYR G 61 -38.58 -8.95 -20.24
N SER G 62 -38.04 -8.01 -19.46
CA SER G 62 -37.53 -6.71 -19.87
C SER G 62 -36.44 -6.33 -18.88
N ALA G 63 -35.41 -5.62 -19.35
CA ALA G 63 -34.29 -5.22 -18.51
C ALA G 63 -33.76 -3.85 -18.85
N THR G 64 -33.03 -3.24 -17.91
CA THR G 64 -32.38 -1.94 -18.06
C THR G 64 -30.96 -2.02 -17.61
N LEU G 65 -30.12 -1.09 -18.08
CA LEU G 65 -28.73 -0.99 -17.64
C LEU G 65 -28.32 0.45 -17.62
N ASP G 66 -27.72 0.85 -16.52
CA ASP G 66 -27.15 2.16 -16.27
C ASP G 66 -25.75 1.88 -15.79
N LYS G 67 -24.79 2.01 -16.72
CA LYS G 67 -23.36 1.79 -16.45
C LYS G 67 -22.79 2.86 -15.50
N ASP G 68 -23.36 4.07 -15.45
CA ASP G 68 -22.89 5.10 -14.53
C ASP G 68 -23.23 4.72 -13.08
N ALA G 69 -24.46 4.18 -12.86
CA ALA G 69 -24.92 3.74 -11.55
C ALA G 69 -24.44 2.32 -11.23
N LYS G 70 -23.90 1.60 -12.26
CA LYS G 70 -23.41 0.21 -12.20
C LYS G 70 -24.52 -0.67 -11.58
N HIS G 71 -25.71 -0.58 -12.20
CA HIS G 71 -26.96 -1.18 -11.79
C HIS G 71 -27.81 -1.69 -12.99
N SER G 72 -28.50 -2.83 -12.80
CA SER G 72 -29.40 -3.42 -13.80
C SER G 72 -30.64 -3.99 -13.15
N THR G 73 -31.80 -3.86 -13.83
CA THR G 73 -33.07 -4.37 -13.32
C THR G 73 -33.67 -5.36 -14.32
N LEU G 74 -34.16 -6.50 -13.83
CA LEU G 74 -34.88 -7.48 -14.63
C LEU G 74 -36.33 -7.50 -14.17
N HIS G 75 -37.24 -7.28 -15.11
CA HIS G 75 -38.66 -7.31 -14.83
C HIS G 75 -39.25 -8.53 -15.49
N ILE G 76 -40.08 -9.25 -14.75
CA ILE G 76 -40.88 -10.37 -15.25
C ILE G 76 -42.30 -9.88 -15.08
N THR G 77 -42.98 -9.67 -16.20
CA THR G 77 -44.35 -9.17 -16.24
C THR G 77 -45.29 -10.37 -16.25
N ALA G 78 -46.26 -10.40 -15.30
CA ALA G 78 -47.27 -11.44 -15.15
C ALA G 78 -46.61 -12.81 -15.07
N THR G 79 -45.92 -13.03 -13.94
CA THR G 79 -45.18 -14.26 -13.66
C THR G 79 -46.07 -15.49 -13.76
N LEU G 80 -45.48 -16.58 -14.25
CA LEU G 80 -46.08 -17.90 -14.45
C LEU G 80 -45.34 -18.91 -13.61
N LEU G 81 -45.98 -20.03 -13.30
CA LEU G 81 -45.38 -21.12 -12.52
C LEU G 81 -43.96 -21.46 -13.03
N ASP G 82 -43.78 -21.52 -14.36
CA ASP G 82 -42.53 -21.83 -15.06
C ASP G 82 -41.40 -20.86 -14.77
N ASP G 83 -41.68 -19.66 -14.26
CA ASP G 83 -40.65 -18.68 -13.92
C ASP G 83 -39.95 -19.03 -12.61
N THR G 84 -40.42 -20.06 -11.87
CA THR G 84 -39.75 -20.59 -10.67
C THR G 84 -38.36 -21.06 -11.14
N ALA G 85 -37.34 -20.30 -10.77
CA ALA G 85 -35.96 -20.51 -11.16
C ALA G 85 -35.06 -19.59 -10.38
N THR G 86 -33.76 -19.64 -10.65
CA THR G 86 -32.73 -18.76 -10.11
C THR G 86 -32.36 -17.84 -11.24
N TYR G 87 -32.30 -16.54 -10.97
CA TYR G 87 -31.97 -15.53 -11.97
C TYR G 87 -30.62 -14.98 -11.65
N ILE G 88 -29.68 -15.18 -12.59
CA ILE G 88 -28.27 -14.85 -12.41
C ILE G 88 -27.84 -13.70 -13.28
N CYS G 89 -27.23 -12.73 -12.63
CA CYS G 89 -26.66 -11.53 -13.23
C CYS G 89 -25.16 -11.75 -13.46
N VAL G 90 -24.67 -11.44 -14.67
CA VAL G 90 -23.26 -11.63 -15.06
C VAL G 90 -22.77 -10.38 -15.74
N VAL G 91 -21.61 -9.90 -15.31
CA VAL G 91 -20.93 -8.75 -15.90
C VAL G 91 -19.66 -9.24 -16.57
N GLY G 92 -19.56 -9.00 -17.87
CA GLY G 92 -18.37 -9.31 -18.67
C GLY G 92 -17.53 -8.04 -18.79
N ASP G 93 -16.25 -8.14 -18.37
CA ASP G 93 -15.37 -6.98 -18.27
C ASP G 93 -14.59 -6.61 -19.59
N ARG G 94 -14.92 -7.24 -20.72
CA ARG G 94 -14.28 -7.00 -22.03
C ARG G 94 -15.22 -7.43 -23.15
N GLY G 95 -15.07 -6.82 -24.33
CA GLY G 95 -15.87 -7.09 -25.54
C GLY G 95 -15.35 -8.19 -26.44
N SER G 96 -14.39 -9.00 -25.95
CA SER G 96 -13.76 -10.11 -26.65
C SER G 96 -13.57 -11.32 -25.74
N ALA G 97 -12.92 -12.39 -26.27
CA ALA G 97 -12.52 -13.59 -25.54
C ALA G 97 -11.52 -13.26 -24.39
N LEU G 98 -10.84 -12.09 -24.47
CA LEU G 98 -9.89 -11.60 -23.46
C LEU G 98 -10.57 -11.26 -22.14
N GLY G 99 -11.91 -11.31 -22.14
CA GLY G 99 -12.74 -10.93 -21.00
C GLY G 99 -12.98 -12.00 -20.00
N ARG G 100 -13.34 -11.56 -18.78
CA ARG G 100 -13.66 -12.43 -17.67
C ARG G 100 -15.07 -12.18 -17.29
N LEU G 101 -15.82 -13.25 -17.00
CA LEU G 101 -17.21 -13.12 -16.58
C LEU G 101 -17.27 -13.09 -15.07
N HIS G 102 -17.95 -12.12 -14.51
CA HIS G 102 -18.14 -11.92 -13.05
C HIS G 102 -19.58 -12.23 -12.71
N PHE G 103 -19.81 -13.35 -12.03
CA PHE G 103 -21.14 -13.90 -11.74
C PHE G 103 -21.71 -13.50 -10.38
N GLY G 104 -22.97 -13.04 -10.39
CA GLY G 104 -23.74 -12.81 -9.18
C GLY G 104 -24.17 -14.16 -8.64
N ALA G 105 -24.50 -14.25 -7.34
CA ALA G 105 -24.88 -15.51 -6.68
C ALA G 105 -26.33 -15.91 -6.95
N GLY G 106 -27.10 -15.10 -7.69
CA GLY G 106 -28.49 -15.39 -8.02
C GLY G 106 -29.59 -14.92 -7.08
N THR G 107 -30.83 -14.89 -7.62
CA THR G 107 -32.07 -14.56 -6.90
C THR G 107 -33.05 -15.70 -7.11
N GLN G 108 -33.45 -16.40 -6.04
CA GLN G 108 -34.40 -17.51 -6.20
C GLN G 108 -35.84 -16.97 -6.22
N LEU G 109 -36.58 -17.28 -7.30
CA LEU G 109 -37.96 -16.84 -7.45
C LEU G 109 -38.87 -18.02 -7.38
N ILE G 110 -39.88 -17.95 -6.49
CA ILE G 110 -40.92 -18.96 -6.36
C ILE G 110 -42.23 -18.30 -6.77
N VAL G 111 -42.93 -18.94 -7.71
CA VAL G 111 -44.24 -18.50 -8.20
C VAL G 111 -45.31 -19.48 -7.65
N ILE G 112 -46.32 -18.94 -6.89
CA ILE G 112 -47.44 -19.70 -6.32
C ILE G 112 -48.51 -19.84 -7.41
N PRO G 113 -48.88 -21.07 -7.81
CA PRO G 113 -49.83 -21.20 -8.93
C PRO G 113 -51.28 -20.91 -8.54
N ASP G 114 -52.06 -20.43 -9.52
CA ASP G 114 -53.48 -20.14 -9.36
C ASP G 114 -54.27 -21.47 -9.45
N ILE G 115 -54.93 -21.87 -8.35
CA ILE G 115 -55.72 -23.12 -8.36
C ILE G 115 -57.18 -22.69 -8.53
N GLN G 116 -57.63 -22.73 -9.81
CA GLN G 116 -58.94 -22.31 -10.29
C GLN G 116 -60.11 -22.99 -9.52
N ASN G 117 -60.25 -24.32 -9.65
CA ASN G 117 -61.35 -25.01 -9.00
C ASN G 117 -60.83 -26.12 -8.08
N PRO G 118 -60.58 -25.81 -6.79
CA PRO G 118 -60.13 -26.85 -5.86
C PRO G 118 -61.19 -27.95 -5.70
N ASP G 119 -60.75 -29.13 -5.26
CA ASP G 119 -61.55 -30.35 -5.06
C ASP G 119 -60.73 -31.28 -4.14
N PRO G 120 -60.33 -30.83 -2.91
CA PRO G 120 -59.46 -31.67 -2.07
C PRO G 120 -60.00 -33.07 -1.85
N ALA G 121 -59.14 -34.08 -2.09
CA ALA G 121 -59.47 -35.50 -1.94
C ALA G 121 -58.24 -36.35 -1.65
N VAL G 122 -58.46 -37.52 -1.00
CA VAL G 122 -57.39 -38.49 -0.69
C VAL G 122 -57.75 -39.83 -1.32
N TYR G 123 -56.96 -40.25 -2.30
CA TYR G 123 -57.19 -41.50 -3.03
C TYR G 123 -56.15 -42.56 -2.71
N GLN G 124 -56.56 -43.85 -2.83
CA GLN G 124 -55.66 -44.96 -2.61
C GLN G 124 -55.31 -45.58 -3.96
N LEU G 125 -53.99 -45.62 -4.27
CA LEU G 125 -53.46 -46.15 -5.54
C LEU G 125 -52.73 -47.46 -5.26
N ARG G 126 -53.08 -48.52 -6.01
CA ARG G 126 -52.48 -49.85 -5.84
C ARG G 126 -51.29 -50.07 -6.75
N ASP G 127 -50.29 -50.86 -6.28
CA ASP G 127 -49.13 -51.20 -7.12
C ASP G 127 -49.61 -51.96 -8.31
N SER G 128 -49.05 -51.61 -9.45
CA SER G 128 -49.30 -52.20 -10.75
C SER G 128 -48.90 -53.67 -10.77
N LYS G 129 -47.92 -54.02 -9.93
CA LYS G 129 -47.35 -55.34 -9.83
C LYS G 129 -47.99 -56.18 -8.66
N SER G 130 -47.51 -55.99 -7.42
CA SER G 130 -47.92 -56.78 -6.26
C SER G 130 -49.31 -56.49 -5.75
N SER G 131 -49.85 -55.23 -5.88
CA SER G 131 -51.15 -54.77 -5.32
C SER G 131 -51.11 -54.76 -3.75
N ASP G 132 -50.17 -55.58 -3.16
CA ASP G 132 -49.82 -55.70 -1.74
C ASP G 132 -49.35 -54.31 -1.23
N LYS G 133 -48.50 -53.63 -2.07
CA LYS G 133 -47.98 -52.28 -1.91
C LYS G 133 -49.08 -51.32 -2.30
N SER G 134 -49.09 -50.14 -1.71
CA SER G 134 -50.10 -49.11 -1.91
C SER G 134 -49.52 -47.71 -1.55
N VAL G 135 -50.16 -46.62 -2.08
CA VAL G 135 -49.85 -45.22 -1.73
C VAL G 135 -51.16 -44.46 -1.53
N CYS G 136 -51.09 -43.40 -0.74
CA CYS G 136 -52.18 -42.45 -0.49
C CYS G 136 -51.82 -41.19 -1.21
N LEU G 137 -52.74 -40.69 -2.03
CA LEU G 137 -52.50 -39.46 -2.76
C LEU G 137 -53.48 -38.36 -2.35
N PHE G 138 -52.95 -37.32 -1.66
CA PHE G 138 -53.72 -36.13 -1.29
C PHE G 138 -53.58 -35.17 -2.46
N THR G 139 -54.67 -34.87 -3.17
CA THR G 139 -54.59 -34.01 -4.36
C THR G 139 -55.76 -32.98 -4.47
N ASP G 140 -55.65 -32.11 -5.49
CA ASP G 140 -56.58 -31.08 -5.94
C ASP G 140 -56.90 -30.07 -4.80
N PHE G 141 -55.93 -29.88 -3.88
CA PHE G 141 -56.08 -28.91 -2.81
C PHE G 141 -55.57 -27.53 -3.26
N ASP G 142 -56.11 -26.46 -2.64
CA ASP G 142 -55.75 -25.08 -2.91
C ASP G 142 -54.38 -24.79 -2.32
N SER G 143 -53.78 -23.65 -2.71
CA SER G 143 -52.45 -23.19 -2.30
C SER G 143 -52.35 -22.89 -0.79
N GLN G 144 -53.47 -22.55 -0.13
CA GLN G 144 -53.52 -22.22 1.29
C GLN G 144 -53.45 -23.48 2.19
N THR G 145 -53.04 -24.63 1.62
CA THR G 145 -52.97 -25.90 2.32
C THR G 145 -51.51 -26.30 2.47
N ASN G 146 -51.08 -26.56 3.69
CA ASN G 146 -49.72 -26.98 3.99
C ASN G 146 -49.73 -28.46 4.36
N VAL G 147 -48.78 -29.20 3.79
CA VAL G 147 -48.62 -30.63 4.05
C VAL G 147 -47.48 -30.75 5.05
N SER G 148 -47.77 -31.36 6.21
CA SER G 148 -46.77 -31.54 7.25
C SER G 148 -46.30 -32.97 7.28
N GLN G 149 -44.96 -33.12 7.46
CA GLN G 149 -44.22 -34.39 7.56
C GLN G 149 -44.85 -35.29 8.63
N SER G 150 -44.64 -36.61 8.49
CA SER G 150 -45.25 -37.55 9.43
CA SER G 150 -45.19 -37.62 9.39
C SER G 150 -44.53 -37.57 10.78
N LYS G 151 -45.33 -37.69 11.85
CA LYS G 151 -44.86 -37.76 13.24
C LYS G 151 -44.21 -39.15 13.46
N ASP G 152 -44.56 -40.14 12.59
CA ASP G 152 -44.06 -41.52 12.58
C ASP G 152 -42.92 -41.65 11.55
N SER G 153 -41.78 -42.22 11.97
CA SER G 153 -40.56 -42.44 11.16
C SER G 153 -40.76 -43.49 10.06
N ASP G 154 -41.63 -44.51 10.31
CA ASP G 154 -41.98 -45.61 9.41
C ASP G 154 -43.06 -45.20 8.37
N VAL G 155 -43.52 -43.95 8.43
CA VAL G 155 -44.50 -43.37 7.52
C VAL G 155 -43.78 -42.28 6.75
N TYR G 156 -43.91 -42.28 5.42
CA TYR G 156 -43.28 -41.28 4.56
C TYR G 156 -44.31 -40.45 3.88
N ILE G 157 -44.17 -39.13 4.00
CA ILE G 157 -45.03 -38.13 3.38
C ILE G 157 -44.13 -37.16 2.62
N THR G 158 -44.43 -36.93 1.34
CA THR G 158 -43.71 -36.01 0.46
C THR G 158 -44.28 -34.61 0.64
N ASP G 159 -43.61 -33.60 0.10
CA ASP G 159 -44.10 -32.22 0.16
C ASP G 159 -45.03 -31.96 -1.05
N LYS G 160 -45.76 -30.85 -1.03
CA LYS G 160 -46.64 -30.56 -2.14
C LYS G 160 -45.78 -30.35 -3.42
N CYS G 161 -46.43 -30.58 -4.54
CA CYS G 161 -45.84 -30.54 -5.84
C CYS G 161 -46.97 -30.25 -6.82
N VAL G 162 -46.77 -29.29 -7.72
CA VAL G 162 -47.81 -28.85 -8.66
C VAL G 162 -47.45 -29.30 -10.09
N LEU G 163 -48.40 -29.98 -10.73
CA LEU G 163 -48.27 -30.48 -12.10
C LEU G 163 -49.15 -29.62 -12.99
N ASP G 164 -48.81 -29.55 -14.27
CA ASP G 164 -49.56 -28.74 -15.24
C ASP G 164 -49.94 -29.60 -16.42
N MET G 165 -51.25 -29.87 -16.62
CA MET G 165 -51.76 -30.57 -17.81
C MET G 165 -51.98 -29.47 -18.85
N ARG G 166 -50.89 -29.13 -19.57
CA ARG G 166 -50.76 -27.99 -20.51
C ARG G 166 -51.84 -27.94 -21.56
N SER G 167 -52.20 -29.09 -22.15
CA SER G 167 -53.25 -29.18 -23.16
C SER G 167 -54.63 -28.74 -22.62
N MET G 168 -54.92 -29.03 -21.34
CA MET G 168 -56.19 -28.68 -20.71
C MET G 168 -56.13 -27.42 -19.84
N ASP G 169 -54.98 -26.68 -19.88
CA ASP G 169 -54.71 -25.44 -19.09
C ASP G 169 -55.17 -25.62 -17.63
N PHE G 170 -54.90 -26.82 -17.09
CA PHE G 170 -55.25 -27.30 -15.77
C PHE G 170 -54.00 -27.55 -14.91
N LYS G 171 -54.07 -27.11 -13.67
CA LYS G 171 -52.99 -27.26 -12.68
C LYS G 171 -53.54 -27.92 -11.43
N SER G 172 -52.73 -28.79 -10.82
CA SER G 172 -53.16 -29.50 -9.61
C SER G 172 -51.97 -29.75 -8.69
N ASN G 173 -52.22 -29.57 -7.40
CA ASN G 173 -51.32 -29.81 -6.26
C ASN G 173 -51.52 -31.22 -5.77
N SER G 174 -50.48 -31.79 -5.19
CA SER G 174 -50.50 -33.15 -4.64
C SER G 174 -49.26 -33.44 -3.80
N ALA G 175 -49.49 -34.31 -2.80
CA ALA G 175 -48.55 -34.89 -1.87
C ALA G 175 -48.84 -36.40 -1.78
N VAL G 176 -47.77 -37.22 -1.68
CA VAL G 176 -47.91 -38.67 -1.61
C VAL G 176 -47.49 -39.17 -0.19
N ALA G 177 -48.22 -40.18 0.30
CA ALA G 177 -47.95 -40.82 1.57
C ALA G 177 -47.95 -42.33 1.42
N TRP G 178 -47.03 -42.99 2.13
CA TRP G 178 -46.93 -44.45 2.16
C TRP G 178 -46.27 -44.91 3.46
N SER G 179 -46.45 -46.19 3.78
CA SER G 179 -45.90 -46.90 4.94
C SER G 179 -46.00 -48.39 4.66
N ASN G 180 -45.08 -49.19 5.23
CA ASN G 180 -45.09 -50.65 5.09
C ASN G 180 -45.89 -51.26 6.28
N LYS G 181 -46.24 -50.42 7.29
CA LYS G 181 -46.97 -50.75 8.52
C LYS G 181 -48.46 -51.10 8.30
N SER G 182 -49.05 -51.89 9.25
CA SER G 182 -50.47 -52.33 9.27
C SER G 182 -51.40 -51.21 9.80
N ASP G 183 -50.95 -50.48 10.86
CA ASP G 183 -51.62 -49.34 11.53
C ASP G 183 -51.93 -48.17 10.52
N PHE G 184 -51.37 -48.24 9.27
CA PHE G 184 -51.48 -47.21 8.22
C PHE G 184 -52.62 -47.46 7.20
N ALA G 185 -53.44 -46.42 6.97
CA ALA G 185 -54.58 -46.31 6.05
C ALA G 185 -54.68 -44.85 5.53
N CYS G 186 -55.38 -44.67 4.40
CA CYS G 186 -55.49 -43.37 3.75
C CYS G 186 -56.37 -42.37 4.52
N ALA G 187 -57.39 -42.85 5.26
CA ALA G 187 -58.30 -42.00 6.05
C ALA G 187 -57.56 -41.20 7.16
N ASN G 188 -56.39 -41.71 7.62
CA ASN G 188 -55.58 -41.12 8.70
C ASN G 188 -54.17 -40.65 8.23
N ALA G 189 -53.81 -40.95 6.97
CA ALA G 189 -52.51 -40.68 6.39
C ALA G 189 -52.01 -39.25 6.60
N PHE G 190 -52.85 -38.24 6.33
CA PHE G 190 -52.43 -36.85 6.46
C PHE G 190 -52.99 -36.19 7.72
N ASN G 191 -53.26 -36.97 8.80
CA ASN G 191 -53.83 -36.50 10.07
C ASN G 191 -53.02 -35.38 10.72
N ASN G 192 -51.69 -35.45 10.64
CA ASN G 192 -50.74 -34.49 11.20
C ASN G 192 -50.73 -33.15 10.40
N SER G 193 -51.52 -33.06 9.30
CA SER G 193 -51.64 -31.87 8.46
C SER G 193 -53.00 -31.18 8.68
N ILE G 194 -53.08 -29.88 8.34
CA ILE G 194 -54.35 -29.16 8.41
C ILE G 194 -54.87 -29.17 6.96
N ILE G 195 -55.75 -30.16 6.70
CA ILE G 195 -56.36 -30.41 5.40
C ILE G 195 -57.78 -29.80 5.39
N PRO G 196 -58.32 -29.39 4.19
CA PRO G 196 -59.66 -28.76 4.15
C PRO G 196 -60.80 -29.63 4.71
N GLU G 197 -61.89 -28.97 5.13
CA GLU G 197 -63.07 -29.62 5.72
C GLU G 197 -63.84 -30.46 4.69
N ASP G 198 -63.77 -30.05 3.38
CA ASP G 198 -64.43 -30.71 2.23
C ASP G 198 -63.68 -31.94 1.73
N THR G 199 -62.39 -32.16 2.15
CA THR G 199 -61.54 -33.27 1.69
C THR G 199 -62.36 -34.55 1.53
N PHE G 200 -62.37 -35.08 0.30
CA PHE G 200 -63.13 -36.24 -0.08
C PHE G 200 -62.34 -37.52 0.21
N PHE G 201 -62.95 -38.40 1.04
CA PHE G 201 -62.41 -39.72 1.38
C PHE G 201 -63.40 -40.74 0.80
N PRO G 202 -63.01 -41.53 -0.23
CA PRO G 202 -63.98 -42.40 -0.90
C PRO G 202 -64.24 -43.78 -0.29
N SER G 203 -63.28 -44.39 0.45
CA SER G 203 -63.33 -45.75 1.07
C SER G 203 -62.97 -46.85 0.06
N ALA H 3 -24.56 -23.01 -31.60
CA ALA H 3 -23.30 -23.28 -30.90
C ALA H 3 -23.57 -24.05 -29.59
N ALA H 4 -23.33 -25.41 -29.62
CA ALA H 4 -23.59 -26.31 -28.49
C ALA H 4 -22.31 -26.82 -27.80
N VAL H 5 -22.43 -27.21 -26.50
CA VAL H 5 -21.36 -27.77 -25.69
C VAL H 5 -21.91 -29.00 -24.96
N THR H 6 -21.16 -30.12 -25.00
CA THR H 6 -21.60 -31.32 -24.30
C THR H 6 -20.62 -31.67 -23.20
N GLN H 7 -21.16 -32.22 -22.10
CA GLN H 7 -20.37 -32.65 -20.94
C GLN H 7 -20.64 -34.11 -20.62
N SER H 8 -19.63 -34.81 -20.12
CA SER H 8 -19.72 -36.20 -19.73
C SER H 8 -18.78 -36.48 -18.56
N PRO H 9 -19.22 -37.15 -17.46
CA PRO H 9 -20.59 -37.67 -17.23
C PRO H 9 -21.51 -36.51 -16.81
N ARG H 10 -22.80 -36.78 -16.59
CA ARG H 10 -23.77 -35.77 -16.16
C ARG H 10 -23.83 -35.74 -14.63
N ASN H 11 -23.59 -36.90 -13.97
CA ASN H 11 -23.40 -37.10 -12.53
C ASN H 11 -22.28 -38.08 -12.35
N LYS H 12 -21.53 -37.94 -11.27
CA LYS H 12 -20.42 -38.82 -10.93
C LYS H 12 -20.32 -38.91 -9.42
N VAL H 13 -20.20 -40.15 -8.95
CA VAL H 13 -20.02 -40.47 -7.54
C VAL H 13 -18.62 -41.06 -7.45
N ALA H 14 -17.72 -40.32 -6.79
CA ALA H 14 -16.33 -40.71 -6.63
C ALA H 14 -15.98 -40.88 -5.15
N VAL H 15 -14.80 -41.43 -4.89
CA VAL H 15 -14.34 -41.66 -3.53
C VAL H 15 -13.12 -40.78 -3.28
N THR H 16 -12.94 -40.30 -2.02
CA THR H 16 -11.81 -39.46 -1.58
C THR H 16 -10.50 -40.17 -1.92
N GLY H 17 -9.59 -39.45 -2.57
CA GLY H 17 -8.30 -39.96 -3.01
C GLY H 17 -8.32 -40.63 -4.37
N GLY H 18 -9.51 -40.71 -4.99
CA GLY H 18 -9.71 -41.26 -6.32
C GLY H 18 -9.50 -40.21 -7.40
N LYS H 19 -9.30 -40.66 -8.66
CA LYS H 19 -9.06 -39.81 -9.83
C LYS H 19 -10.35 -39.62 -10.59
N VAL H 20 -10.73 -38.35 -10.83
CA VAL H 20 -11.96 -38.00 -11.55
C VAL H 20 -11.62 -37.14 -12.78
N THR H 21 -12.14 -37.54 -13.96
CA THR H 21 -11.98 -36.81 -15.20
C THR H 21 -13.35 -36.38 -15.71
N LEU H 22 -13.52 -35.06 -15.80
CA LEU H 22 -14.76 -34.46 -16.31
C LEU H 22 -14.45 -33.97 -17.69
N SER H 23 -15.18 -34.45 -18.69
CA SER H 23 -14.89 -34.12 -20.08
C SER H 23 -15.89 -33.11 -20.66
N CYS H 24 -15.42 -32.34 -21.62
CA CYS H 24 -16.22 -31.35 -22.30
C CYS H 24 -15.89 -31.39 -23.77
N ASN H 25 -16.94 -31.42 -24.61
CA ASN H 25 -16.76 -31.51 -26.04
C ASN H 25 -17.59 -30.47 -26.77
N GLN H 26 -17.01 -29.87 -27.80
CA GLN H 26 -17.65 -28.88 -28.66
C GLN H 26 -17.14 -29.04 -30.10
N THR H 27 -18.04 -28.90 -31.08
CA THR H 27 -17.73 -29.08 -32.50
C THR H 27 -17.94 -27.77 -33.23
N ASN H 28 -17.89 -26.64 -32.49
CA ASN H 28 -18.10 -25.31 -33.05
C ASN H 28 -16.82 -24.73 -33.64
N ASN H 29 -15.69 -25.47 -33.52
CA ASN H 29 -14.35 -25.04 -33.94
C ASN H 29 -13.94 -23.80 -33.14
N HIS H 30 -14.41 -23.74 -31.86
CA HIS H 30 -14.10 -22.65 -30.95
C HIS H 30 -12.72 -22.92 -30.36
N ASN H 31 -11.86 -21.89 -30.40
CA ASN H 31 -10.50 -21.95 -29.87
C ASN H 31 -10.46 -21.96 -28.34
N ASN H 32 -11.36 -21.20 -27.74
CA ASN H 32 -11.36 -20.95 -26.31
C ASN H 32 -12.42 -21.74 -25.58
N MET H 33 -11.98 -22.33 -24.47
CA MET H 33 -12.82 -23.19 -23.61
C MET H 33 -12.52 -22.89 -22.15
N TYR H 34 -13.55 -22.96 -21.29
CA TYR H 34 -13.48 -22.55 -19.89
C TYR H 34 -14.13 -23.54 -18.90
N TRP H 35 -13.55 -23.70 -17.71
CA TRP H 35 -14.09 -24.56 -16.67
C TRP H 35 -14.45 -23.77 -15.44
N TYR H 36 -15.70 -23.94 -15.01
CA TYR H 36 -16.28 -23.28 -13.84
C TYR H 36 -16.85 -24.28 -12.85
N ARG H 37 -17.04 -23.87 -11.60
CA ARG H 37 -17.77 -24.66 -10.62
C ARG H 37 -18.77 -23.72 -9.95
N GLN H 38 -20.00 -24.22 -9.75
CA GLN H 38 -21.11 -23.53 -9.09
C GLN H 38 -21.41 -24.12 -7.71
N ASP H 39 -21.36 -23.28 -6.68
CA ASP H 39 -21.66 -23.66 -5.30
C ASP H 39 -22.68 -22.72 -4.72
N THR H 40 -23.52 -23.21 -3.78
CA THR H 40 -24.54 -22.36 -3.16
C THR H 40 -23.85 -21.23 -2.41
N GLY H 41 -24.45 -20.03 -2.51
CA GLY H 41 -23.90 -18.82 -1.90
C GLY H 41 -22.85 -18.14 -2.76
N HIS H 42 -22.48 -18.78 -3.89
CA HIS H 42 -21.47 -18.29 -4.81
C HIS H 42 -22.00 -18.24 -6.21
N GLY H 43 -21.38 -17.39 -7.02
CA GLY H 43 -21.61 -17.35 -8.45
C GLY H 43 -20.64 -18.33 -9.05
N LEU H 44 -20.74 -18.60 -10.36
CA LEU H 44 -19.77 -19.47 -11.04
C LEU H 44 -18.33 -18.91 -10.87
N ARG H 45 -17.36 -19.80 -10.63
CA ARG H 45 -15.96 -19.45 -10.40
C ARG H 45 -15.08 -20.20 -11.35
N LEU H 46 -14.23 -19.45 -12.09
CA LEU H 46 -13.31 -19.98 -13.10
C LEU H 46 -12.18 -20.79 -12.44
N ILE H 47 -12.04 -22.06 -12.86
CA ILE H 47 -11.00 -22.98 -12.38
C ILE H 47 -9.81 -22.92 -13.33
N HIS H 48 -10.02 -23.23 -14.61
CA HIS H 48 -9.03 -23.21 -15.67
C HIS H 48 -9.66 -22.87 -16.99
N TYR H 49 -8.82 -22.43 -17.95
CA TYR H 49 -9.29 -22.16 -19.29
C TYR H 49 -8.21 -22.53 -20.27
N SER H 50 -8.52 -22.41 -21.57
CA SER H 50 -7.62 -22.81 -22.63
C SER H 50 -7.87 -21.95 -23.88
N TYR H 51 -6.80 -21.39 -24.47
CA TYR H 51 -6.90 -20.57 -25.68
C TYR H 51 -6.71 -21.39 -26.97
N GLY H 52 -6.44 -22.68 -26.82
CA GLY H 52 -6.26 -23.59 -27.94
C GLY H 52 -5.67 -24.92 -27.51
N ALA H 53 -5.64 -25.89 -28.43
CA ALA H 53 -5.09 -27.21 -28.15
C ALA H 53 -3.62 -27.11 -27.72
N GLY H 54 -3.31 -27.76 -26.61
CA GLY H 54 -1.98 -27.78 -26.05
C GLY H 54 -1.82 -26.82 -24.90
N SER H 55 -2.70 -25.78 -24.84
CA SER H 55 -2.66 -24.70 -23.85
C SER H 55 -3.63 -24.93 -22.71
N THR H 56 -3.20 -24.61 -21.49
CA THR H 56 -4.02 -24.58 -20.29
C THR H 56 -3.52 -23.43 -19.46
N GLU H 57 -4.47 -22.64 -18.93
CA GLU H 57 -4.24 -21.48 -18.10
C GLU H 57 -5.02 -21.62 -16.82
N LYS H 58 -4.39 -21.24 -15.71
CA LYS H 58 -4.98 -21.22 -14.39
C LYS H 58 -6.02 -20.12 -14.31
N GLY H 59 -7.16 -20.45 -13.73
CA GLY H 59 -8.26 -19.51 -13.50
C GLY H 59 -8.11 -18.86 -12.15
N ASP H 60 -9.22 -18.55 -11.51
CA ASP H 60 -9.22 -17.92 -10.17
C ASP H 60 -8.99 -18.93 -9.06
N ILE H 61 -9.60 -20.14 -9.16
CA ILE H 61 -9.53 -21.19 -8.14
C ILE H 61 -8.95 -22.47 -8.77
N PRO H 62 -7.65 -22.49 -9.19
CA PRO H 62 -7.11 -23.69 -9.87
C PRO H 62 -6.75 -24.88 -8.96
N ASP H 63 -6.36 -24.61 -7.70
CA ASP H 63 -5.90 -25.62 -6.74
C ASP H 63 -6.83 -26.85 -6.60
N GLY H 64 -6.23 -28.02 -6.77
CA GLY H 64 -6.89 -29.33 -6.70
C GLY H 64 -7.32 -29.88 -8.04
N TYR H 65 -7.15 -29.06 -9.08
CA TYR H 65 -7.54 -29.36 -10.45
C TYR H 65 -6.36 -29.20 -11.42
N LYS H 66 -6.40 -30.01 -12.47
CA LYS H 66 -5.48 -30.05 -13.59
C LYS H 66 -6.32 -29.99 -14.85
N ALA H 67 -5.90 -29.19 -15.84
CA ALA H 67 -6.64 -29.11 -17.10
C ALA H 67 -5.84 -29.75 -18.22
N SER H 68 -6.55 -30.26 -19.24
CA SER H 68 -5.94 -30.87 -20.41
C SER H 68 -6.75 -30.50 -21.64
N ARG H 69 -6.08 -29.91 -22.65
CA ARG H 69 -6.69 -29.54 -23.92
C ARG H 69 -5.97 -30.34 -24.99
N PRO H 70 -6.33 -31.64 -25.15
CA PRO H 70 -5.61 -32.50 -26.11
C PRO H 70 -5.91 -32.17 -27.57
N SER H 71 -7.07 -31.53 -27.82
CA SER H 71 -7.53 -31.16 -29.15
C SER H 71 -8.42 -29.92 -29.07
N GLN H 72 -8.81 -29.41 -30.23
CA GLN H 72 -9.67 -28.25 -30.31
C GLN H 72 -11.03 -28.56 -29.67
N GLU H 73 -11.49 -29.78 -29.84
CA GLU H 73 -12.82 -30.23 -29.39
C GLU H 73 -12.92 -30.53 -27.91
N ASN H 74 -11.91 -31.19 -27.32
CA ASN H 74 -11.97 -31.68 -25.97
C ASN H 74 -11.11 -30.90 -24.99
N PHE H 75 -11.70 -30.66 -23.81
CA PHE H 75 -11.11 -29.97 -22.68
C PHE H 75 -11.54 -30.71 -21.44
N SER H 76 -10.56 -31.26 -20.71
CA SER H 76 -10.83 -32.07 -19.54
C SER H 76 -10.40 -31.38 -18.27
N LEU H 77 -11.15 -31.67 -17.20
CA LEU H 77 -10.86 -31.24 -15.83
C LEU H 77 -10.51 -32.52 -15.08
N ILE H 78 -9.25 -32.62 -14.66
CA ILE H 78 -8.72 -33.78 -13.96
C ILE H 78 -8.51 -33.46 -12.49
N LEU H 79 -9.14 -34.27 -11.63
CA LEU H 79 -9.07 -34.20 -10.17
C LEU H 79 -8.27 -35.42 -9.77
N GLU H 80 -6.94 -35.25 -9.62
CA GLU H 80 -6.03 -36.36 -9.36
C GLU H 80 -6.29 -37.08 -8.02
N LEU H 81 -6.59 -36.31 -6.95
CA LEU H 81 -6.90 -36.81 -5.60
C LEU H 81 -8.18 -36.13 -5.13
N ALA H 82 -9.34 -36.71 -5.49
CA ALA H 82 -10.64 -36.14 -5.15
C ALA H 82 -10.82 -35.96 -3.64
N THR H 83 -11.30 -34.77 -3.25
CA THR H 83 -11.57 -34.38 -1.87
C THR H 83 -13.05 -34.06 -1.79
N PRO H 84 -13.70 -34.19 -0.62
CA PRO H 84 -15.14 -33.88 -0.54
C PRO H 84 -15.46 -32.42 -0.82
N SER H 85 -14.48 -31.50 -0.67
CA SER H 85 -14.67 -30.07 -0.98
C SER H 85 -14.87 -29.87 -2.50
N GLN H 86 -14.59 -30.90 -3.30
CA GLN H 86 -14.75 -30.82 -4.74
C GLN H 86 -16.15 -31.30 -5.14
N THR H 87 -17.03 -31.59 -4.17
CA THR H 87 -18.44 -31.88 -4.42
C THR H 87 -19.05 -30.54 -4.91
N SER H 88 -19.50 -30.52 -6.18
CA SER H 88 -20.02 -29.32 -6.80
C SER H 88 -20.70 -29.63 -8.12
N VAL H 89 -21.21 -28.57 -8.78
CA VAL H 89 -21.73 -28.65 -10.14
C VAL H 89 -20.67 -27.95 -11.01
N TYR H 90 -20.16 -28.66 -12.01
CA TYR H 90 -19.12 -28.18 -12.90
C TYR H 90 -19.69 -27.85 -14.26
N PHE H 91 -19.40 -26.62 -14.73
CA PHE H 91 -19.81 -26.13 -16.04
C PHE H 91 -18.63 -25.86 -16.93
N CYS H 92 -18.81 -26.20 -18.18
CA CYS H 92 -17.86 -25.97 -19.23
C CYS H 92 -18.48 -25.02 -20.21
N ALA H 93 -17.66 -24.15 -20.81
CA ALA H 93 -18.09 -23.22 -21.83
C ALA H 93 -17.06 -23.12 -22.94
N SER H 94 -17.48 -22.64 -24.11
CA SER H 94 -16.59 -22.39 -25.23
C SER H 94 -16.96 -21.07 -25.89
N GLY H 95 -16.03 -20.52 -26.67
CA GLY H 95 -16.26 -19.30 -27.42
C GLY H 95 -15.19 -19.07 -28.46
N ASP H 96 -15.45 -18.17 -29.41
CA ASP H 96 -14.49 -17.75 -30.43
C ASP H 96 -13.83 -16.43 -29.91
N GLU H 97 -13.49 -15.48 -30.80
CA GLU H 97 -12.86 -14.23 -30.42
C GLU H 97 -13.83 -13.26 -29.70
N GLY H 98 -15.14 -13.55 -29.76
CA GLY H 98 -16.20 -12.78 -29.12
C GLY H 98 -16.36 -13.02 -27.62
N TYR H 99 -17.10 -12.15 -26.96
CA TYR H 99 -17.29 -12.20 -25.52
C TYR H 99 -18.29 -13.30 -25.07
N THR H 100 -19.06 -13.90 -26.00
CA THR H 100 -20.02 -14.95 -25.66
C THR H 100 -19.35 -16.26 -25.34
N GLN H 101 -19.69 -16.82 -24.16
CA GLN H 101 -19.29 -18.15 -23.71
C GLN H 101 -20.55 -19.02 -23.76
N TYR H 102 -20.49 -20.14 -24.48
CA TYR H 102 -21.62 -21.04 -24.67
C TYR H 102 -21.51 -22.14 -23.67
N PHE H 103 -22.43 -22.21 -22.73
CA PHE H 103 -22.35 -23.19 -21.63
C PHE H 103 -22.90 -24.60 -21.95
N GLY H 104 -22.21 -25.57 -21.35
CA GLY H 104 -22.59 -26.98 -21.34
C GLY H 104 -23.69 -27.16 -20.30
N PRO H 105 -24.32 -28.36 -20.22
CA PRO H 105 -25.47 -28.54 -19.32
C PRO H 105 -25.14 -28.76 -17.83
N GLY H 106 -23.86 -28.87 -17.51
CA GLY H 106 -23.41 -29.09 -16.14
C GLY H 106 -23.17 -30.55 -15.78
N THR H 107 -22.25 -30.79 -14.84
CA THR H 107 -21.92 -32.10 -14.29
C THR H 107 -21.95 -32.01 -12.79
N ARG H 108 -22.81 -32.82 -12.16
CA ARG H 108 -22.94 -32.85 -10.70
C ARG H 108 -21.95 -33.89 -10.17
N LEU H 109 -20.99 -33.46 -9.34
CA LEU H 109 -20.04 -34.41 -8.80
C LEU H 109 -20.26 -34.51 -7.28
N LEU H 110 -20.22 -35.76 -6.73
CA LEU H 110 -20.28 -36.04 -5.30
C LEU H 110 -19.08 -36.89 -4.88
N VAL H 111 -18.25 -36.37 -3.97
CA VAL H 111 -17.09 -37.12 -3.50
C VAL H 111 -17.37 -37.61 -2.07
N LEU H 112 -17.44 -38.95 -1.92
CA LEU H 112 -17.73 -39.64 -0.66
C LEU H 112 -16.47 -40.20 -0.01
N GLU H 113 -16.52 -40.47 1.32
CA GLU H 113 -15.41 -41.07 2.07
C GLU H 113 -15.19 -42.51 1.61
N ASP H 114 -16.29 -43.22 1.29
CA ASP H 114 -16.29 -44.60 0.79
C ASP H 114 -17.59 -44.91 0.06
N LEU H 115 -17.57 -45.95 -0.78
CA LEU H 115 -18.72 -46.36 -1.57
C LEU H 115 -19.44 -47.57 -1.00
N LYS H 116 -19.10 -47.99 0.23
CA LYS H 116 -19.69 -49.18 0.88
C LYS H 116 -21.23 -49.06 1.12
N ASN H 117 -21.84 -47.87 0.97
CA ASN H 117 -23.28 -47.70 1.24
C ASN H 117 -24.09 -47.28 0.02
N VAL H 118 -23.48 -47.32 -1.15
CA VAL H 118 -24.12 -46.99 -2.42
C VAL H 118 -25.13 -48.10 -2.76
N PHE H 119 -26.39 -47.72 -3.06
CA PHE H 119 -27.45 -48.66 -3.46
C PHE H 119 -28.28 -48.13 -4.62
N PRO H 120 -28.68 -48.97 -5.60
CA PRO H 120 -29.56 -48.45 -6.64
C PRO H 120 -31.00 -48.38 -6.11
N PRO H 121 -31.90 -47.62 -6.77
CA PRO H 121 -33.30 -47.64 -6.30
C PRO H 121 -34.09 -48.89 -6.72
N GLU H 122 -35.27 -49.05 -6.09
CA GLU H 122 -36.30 -50.02 -6.46
C GLU H 122 -37.41 -49.15 -6.96
N VAL H 123 -38.02 -49.50 -8.06
CA VAL H 123 -39.01 -48.60 -8.64
C VAL H 123 -40.36 -49.31 -8.72
N ALA H 124 -41.43 -48.62 -8.31
CA ALA H 124 -42.79 -49.11 -8.38
C ALA H 124 -43.73 -48.04 -8.94
N VAL H 125 -44.67 -48.47 -9.81
CA VAL H 125 -45.72 -47.62 -10.39
C VAL H 125 -47.03 -48.08 -9.75
N PHE H 126 -47.80 -47.10 -9.25
CA PHE H 126 -49.09 -47.27 -8.59
C PHE H 126 -50.16 -46.72 -9.53
N GLU H 127 -51.17 -47.58 -9.84
CA GLU H 127 -52.23 -47.30 -10.80
C GLU H 127 -53.28 -46.32 -10.28
N PRO H 128 -53.88 -45.49 -11.17
CA PRO H 128 -54.92 -44.54 -10.71
C PRO H 128 -56.07 -45.17 -9.96
N SER H 129 -56.72 -44.42 -9.07
CA SER H 129 -57.87 -44.97 -8.37
C SER H 129 -59.11 -44.78 -9.22
N GLU H 130 -60.05 -45.75 -9.18
CA GLU H 130 -61.33 -45.64 -9.90
C GLU H 130 -62.14 -44.50 -9.28
N ALA H 131 -61.90 -44.20 -7.99
CA ALA H 131 -62.57 -43.12 -7.26
C ALA H 131 -62.21 -41.77 -7.89
N GLU H 132 -60.93 -41.55 -8.15
CA GLU H 132 -60.43 -40.34 -8.79
C GLU H 132 -61.01 -40.20 -10.19
N ILE H 133 -61.03 -41.30 -10.97
CA ILE H 133 -61.55 -41.35 -12.33
C ILE H 133 -63.01 -40.88 -12.37
N SER H 134 -63.90 -41.43 -11.52
CA SER H 134 -65.31 -41.04 -11.50
C SER H 134 -65.52 -39.62 -10.93
N HIS H 135 -64.68 -39.20 -9.98
CA HIS H 135 -64.80 -37.91 -9.34
C HIS H 135 -64.25 -36.74 -10.15
N THR H 136 -63.14 -36.95 -10.87
CA THR H 136 -62.47 -35.85 -11.57
C THR H 136 -62.36 -36.06 -13.10
N GLN H 137 -62.66 -37.28 -13.60
CA GLN H 137 -62.52 -37.68 -15.00
C GLN H 137 -61.01 -37.52 -15.43
N LYS H 138 -60.10 -37.63 -14.42
CA LYS H 138 -58.64 -37.56 -14.54
C LYS H 138 -58.02 -38.77 -13.83
N ALA H 139 -56.83 -39.20 -14.26
CA ALA H 139 -56.17 -40.38 -13.70
C ALA H 139 -54.69 -40.09 -13.36
N THR H 140 -54.34 -40.14 -12.06
CA THR H 140 -52.98 -39.90 -11.60
C THR H 140 -52.27 -41.19 -11.31
N LEU H 141 -51.15 -41.38 -11.98
CA LEU H 141 -50.21 -42.47 -11.77
C LEU H 141 -49.17 -41.95 -10.79
N VAL H 142 -48.67 -42.82 -9.91
CA VAL H 142 -47.64 -42.43 -8.95
C VAL H 142 -46.47 -43.37 -9.12
N CYS H 143 -45.29 -42.78 -9.13
CA CYS H 143 -44.05 -43.50 -9.15
C CYS H 143 -43.32 -43.32 -7.84
N LEU H 144 -42.66 -44.41 -7.38
CA LEU H 144 -41.88 -44.46 -6.14
C LEU H 144 -40.56 -45.18 -6.34
N ALA H 145 -39.46 -44.41 -6.20
CA ALA H 145 -38.07 -44.88 -6.21
C ALA H 145 -37.63 -44.91 -4.76
N THR H 146 -37.23 -46.09 -4.26
CA THR H 146 -36.85 -46.24 -2.86
C THR H 146 -35.51 -46.95 -2.70
N GLY H 147 -34.88 -46.72 -1.55
CA GLY H 147 -33.68 -47.41 -1.10
C GLY H 147 -32.38 -47.09 -1.79
N PHE H 148 -32.28 -45.89 -2.38
CA PHE H 148 -31.09 -45.51 -3.12
C PHE H 148 -30.19 -44.58 -2.35
N TYR H 149 -28.88 -44.75 -2.57
CA TYR H 149 -27.87 -43.87 -1.99
C TYR H 149 -26.70 -43.73 -2.95
N PRO H 150 -26.16 -42.54 -3.23
CA PRO H 150 -26.62 -41.20 -2.82
C PRO H 150 -27.86 -40.75 -3.63
N ASP H 151 -28.32 -39.51 -3.43
CA ASP H 151 -29.50 -38.95 -4.12
C ASP H 151 -29.20 -38.47 -5.55
N HIS H 152 -28.30 -39.13 -6.27
CA HIS H 152 -27.97 -38.76 -7.65
C HIS H 152 -28.78 -39.64 -8.63
N VAL H 153 -30.10 -39.33 -8.72
CA VAL H 153 -31.05 -40.02 -9.62
C VAL H 153 -31.76 -39.02 -10.57
N GLU H 154 -32.23 -39.47 -11.74
CA GLU H 154 -33.04 -38.70 -12.71
C GLU H 154 -34.31 -39.53 -13.02
N LEU H 155 -35.43 -39.07 -12.51
CA LEU H 155 -36.71 -39.74 -12.75
C LEU H 155 -37.38 -39.11 -13.96
N SER H 156 -37.86 -39.97 -14.87
CA SER H 156 -38.61 -39.52 -16.04
C SER H 156 -39.81 -40.44 -16.31
N TRP H 157 -40.86 -39.90 -16.96
CA TRP H 157 -42.04 -40.63 -17.40
C TRP H 157 -42.02 -40.86 -18.90
N TRP H 158 -42.39 -42.06 -19.31
CA TRP H 158 -42.38 -42.45 -20.73
C TRP H 158 -43.72 -43.02 -21.09
N VAL H 159 -44.30 -42.52 -22.17
CA VAL H 159 -45.62 -42.99 -22.61
C VAL H 159 -45.44 -43.44 -24.06
N ASN H 160 -45.67 -44.73 -24.28
CA ASN H 160 -45.54 -45.43 -25.54
C ASN H 160 -44.13 -45.23 -26.16
N GLY H 161 -43.11 -45.27 -25.28
CA GLY H 161 -41.71 -45.13 -25.65
C GLY H 161 -41.23 -43.73 -25.89
N LYS H 162 -42.07 -42.70 -25.65
CA LYS H 162 -41.73 -41.26 -25.77
C LYS H 162 -41.86 -40.56 -24.43
N GLU H 163 -40.86 -39.77 -24.06
CA GLU H 163 -40.82 -39.05 -22.77
C GLU H 163 -41.88 -37.97 -22.70
N VAL H 164 -42.53 -37.82 -21.53
CA VAL H 164 -43.58 -36.81 -21.32
C VAL H 164 -43.15 -35.87 -20.20
N HIS H 165 -43.67 -34.64 -20.23
CA HIS H 165 -43.40 -33.60 -19.24
C HIS H 165 -44.71 -32.96 -18.80
N SER H 166 -45.69 -32.90 -19.70
CA SER H 166 -46.99 -32.35 -19.35
C SER H 166 -47.69 -33.29 -18.36
N GLY H 167 -48.30 -32.72 -17.32
CA GLY H 167 -49.00 -33.44 -16.26
C GLY H 167 -48.10 -34.16 -15.28
N VAL H 168 -46.79 -33.88 -15.33
CA VAL H 168 -45.78 -34.48 -14.47
C VAL H 168 -45.33 -33.50 -13.39
N CYS H 169 -44.97 -34.04 -12.22
CA CYS H 169 -44.33 -33.33 -11.13
C CYS H 169 -43.62 -34.35 -10.23
N THR H 170 -42.30 -34.14 -10.09
CA THR H 170 -41.37 -34.93 -9.29
C THR H 170 -40.94 -34.09 -8.08
N ASP H 171 -40.76 -34.75 -6.92
CA ASP H 171 -40.29 -34.09 -5.72
C ASP H 171 -38.99 -33.38 -5.99
N PRO H 172 -38.88 -32.09 -5.60
CA PRO H 172 -37.63 -31.33 -5.81
C PRO H 172 -36.47 -31.93 -5.03
N GLN H 173 -36.78 -32.61 -3.91
CA GLN H 173 -35.79 -33.29 -3.07
C GLN H 173 -36.32 -34.64 -2.57
N PRO H 174 -35.44 -35.68 -2.50
CA PRO H 174 -35.84 -36.98 -1.95
C PRO H 174 -35.89 -36.94 -0.45
N LEU H 175 -36.65 -37.84 0.18
CA LEU H 175 -36.72 -37.90 1.62
C LEU H 175 -35.79 -39.00 2.13
N LYS H 176 -35.24 -38.84 3.36
CA LYS H 176 -34.40 -39.83 4.02
C LYS H 176 -35.30 -40.88 4.64
N GLU H 177 -35.05 -42.16 4.31
CA GLU H 177 -35.83 -43.32 4.77
C GLU H 177 -35.58 -43.62 6.25
N GLN H 178 -34.32 -43.43 6.71
CA GLN H 178 -33.88 -43.57 8.10
C GLN H 178 -33.20 -42.23 8.47
N PRO H 179 -34.01 -41.17 8.80
CA PRO H 179 -33.43 -39.83 9.03
C PRO H 179 -32.44 -39.72 10.21
N ALA H 180 -32.46 -40.70 11.17
CA ALA H 180 -31.52 -40.75 12.31
C ALA H 180 -30.14 -41.13 11.82
N LEU H 181 -30.05 -42.08 10.85
CA LEU H 181 -28.80 -42.54 10.23
C LEU H 181 -28.20 -41.44 9.35
N ASN H 182 -26.88 -41.20 9.49
CA ASN H 182 -26.16 -40.17 8.73
C ASN H 182 -26.07 -40.54 7.23
N ASP H 183 -25.91 -41.86 6.93
CA ASP H 183 -25.77 -42.40 5.57
C ASP H 183 -27.08 -43.06 5.13
N SER H 184 -28.20 -42.39 5.45
CA SER H 184 -29.55 -42.86 5.11
C SER H 184 -29.79 -42.93 3.61
N ARG H 185 -30.47 -44.00 3.20
CA ARG H 185 -30.91 -44.25 1.84
C ARG H 185 -32.15 -43.40 1.60
N TYR H 186 -32.41 -43.06 0.34
CA TYR H 186 -33.47 -42.14 -0.05
C TYR H 186 -34.65 -42.80 -0.71
N ALA H 187 -35.73 -42.02 -0.77
CA ALA H 187 -36.98 -42.32 -1.45
C ALA H 187 -37.43 -41.04 -2.16
N LEU H 188 -37.90 -41.19 -3.41
CA LEU H 188 -38.36 -40.12 -4.28
C LEU H 188 -39.66 -40.51 -4.93
N SER H 189 -40.60 -39.57 -5.01
CA SER H 189 -41.91 -39.80 -5.63
C SER H 189 -42.11 -38.84 -6.82
N SER H 190 -43.01 -39.25 -7.73
CA SER H 190 -43.38 -38.51 -8.92
C SER H 190 -44.81 -38.85 -9.30
N ARG H 191 -45.52 -37.88 -9.90
CA ARG H 191 -46.91 -38.05 -10.37
C ARG H 191 -46.98 -37.78 -11.86
N LEU H 192 -47.85 -38.56 -12.56
CA LEU H 192 -48.21 -38.34 -13.96
C LEU H 192 -49.70 -38.39 -14.03
N ARG H 193 -50.31 -37.27 -14.36
CA ARG H 193 -51.75 -37.21 -14.48
C ARG H 193 -52.17 -37.08 -15.96
N VAL H 194 -53.11 -37.91 -16.35
CA VAL H 194 -53.64 -37.98 -17.72
C VAL H 194 -55.16 -37.87 -17.66
N SER H 195 -55.84 -37.85 -18.82
CA SER H 195 -57.31 -37.87 -18.81
C SER H 195 -57.74 -39.31 -18.56
N ALA H 196 -58.92 -39.52 -17.92
CA ALA H 196 -59.44 -40.86 -17.66
C ALA H 196 -59.49 -41.70 -18.95
N THR H 197 -59.98 -41.11 -20.07
CA THR H 197 -60.10 -41.81 -21.37
C THR H 197 -58.73 -42.22 -21.93
N PHE H 198 -57.65 -41.47 -21.58
CA PHE H 198 -56.29 -41.82 -21.99
C PHE H 198 -55.82 -43.04 -21.20
N TRP H 199 -56.10 -43.07 -19.87
CA TRP H 199 -55.74 -44.20 -19.01
C TRP H 199 -56.59 -45.43 -19.33
N GLN H 200 -57.81 -45.22 -19.80
CA GLN H 200 -58.70 -46.36 -20.03
C GLN H 200 -58.38 -47.09 -21.31
N ASN H 201 -57.57 -46.48 -22.19
CA ASN H 201 -57.11 -47.11 -23.43
C ASN H 201 -56.08 -48.20 -23.10
N PRO H 202 -56.40 -49.50 -23.31
CA PRO H 202 -55.47 -50.57 -22.92
C PRO H 202 -54.20 -50.71 -23.80
N ARG H 203 -54.12 -49.87 -24.86
CA ARG H 203 -53.02 -49.78 -25.82
C ARG H 203 -51.92 -48.84 -25.35
N ASN H 204 -52.20 -48.04 -24.28
CA ASN H 204 -51.25 -47.07 -23.75
C ASN H 204 -50.37 -47.68 -22.68
N HIS H 205 -49.06 -47.66 -22.93
CA HIS H 205 -48.05 -48.21 -22.03
C HIS H 205 -47.31 -47.09 -21.34
N PHE H 206 -47.46 -47.06 -20.01
CA PHE H 206 -46.86 -46.08 -19.09
C PHE H 206 -45.66 -46.67 -18.41
N ARG H 207 -44.57 -45.95 -18.40
CA ARG H 207 -43.37 -46.40 -17.72
C ARG H 207 -42.71 -45.26 -16.92
N CYS H 208 -42.34 -45.58 -15.69
CA CYS H 208 -41.57 -44.68 -14.85
C CYS H 208 -40.13 -45.19 -14.83
N GLN H 209 -39.21 -44.34 -15.24
CA GLN H 209 -37.79 -44.69 -15.34
C GLN H 209 -36.95 -43.83 -14.41
N VAL H 210 -36.03 -44.47 -13.68
CA VAL H 210 -35.08 -43.83 -12.78
C VAL H 210 -33.66 -44.21 -13.19
N GLN H 211 -32.88 -43.22 -13.55
CA GLN H 211 -31.47 -43.37 -13.89
C GLN H 211 -30.68 -43.08 -12.63
N PHE H 212 -30.01 -44.12 -12.14
CA PHE H 212 -29.16 -44.08 -10.97
C PHE H 212 -27.72 -43.93 -11.40
N TYR H 213 -26.99 -43.14 -10.61
CA TYR H 213 -25.58 -42.86 -10.80
C TYR H 213 -24.81 -43.42 -9.60
N GLY H 214 -24.03 -44.47 -9.86
CA GLY H 214 -23.26 -45.15 -8.83
C GLY H 214 -21.86 -45.45 -9.30
N LEU H 215 -21.41 -46.66 -9.01
CA LEU H 215 -20.10 -47.20 -9.34
C LEU H 215 -19.91 -47.44 -10.84
N SER H 216 -18.65 -47.33 -11.28
CA SER H 216 -18.24 -47.56 -12.67
C SER H 216 -17.57 -48.94 -12.77
N GLU H 217 -17.13 -49.35 -13.99
CA GLU H 217 -16.42 -50.62 -14.20
C GLU H 217 -15.04 -50.56 -13.48
N ASN H 218 -14.34 -49.41 -13.58
CA ASN H 218 -13.04 -49.10 -12.95
C ASN H 218 -13.08 -49.10 -11.39
N ASP H 219 -14.25 -48.80 -10.74
CA ASP H 219 -14.38 -48.81 -9.27
C ASP H 219 -14.28 -50.24 -8.72
N GLU H 220 -13.61 -50.40 -7.57
CA GLU H 220 -13.45 -51.72 -6.92
C GLU H 220 -14.68 -52.09 -6.08
N TRP H 221 -15.01 -53.40 -6.00
CA TRP H 221 -16.14 -53.86 -5.19
C TRP H 221 -15.84 -55.22 -4.57
N THR H 222 -15.78 -55.23 -3.24
CA THR H 222 -15.49 -56.41 -2.42
C THR H 222 -16.56 -56.51 -1.33
N GLN H 223 -17.74 -56.97 -1.75
CA GLN H 223 -18.93 -57.14 -0.91
C GLN H 223 -19.78 -58.23 -1.51
N ASP H 224 -20.49 -58.96 -0.64
CA ASP H 224 -21.35 -60.08 -1.01
C ASP H 224 -22.49 -59.62 -1.95
N ARG H 225 -23.09 -58.44 -1.68
CA ARG H 225 -24.19 -57.92 -2.51
C ARG H 225 -23.70 -57.46 -3.89
N ALA H 226 -24.63 -57.40 -4.87
CA ALA H 226 -24.36 -56.96 -6.25
C ALA H 226 -23.80 -55.56 -6.27
N LYS H 227 -22.80 -55.33 -7.16
CA LYS H 227 -22.14 -54.05 -7.37
C LYS H 227 -23.20 -52.98 -7.71
N PRO H 228 -23.27 -51.88 -6.93
CA PRO H 228 -24.29 -50.84 -7.18
C PRO H 228 -23.85 -49.86 -8.26
N VAL H 229 -23.78 -50.37 -9.49
CA VAL H 229 -23.30 -49.66 -10.68
C VAL H 229 -24.34 -48.65 -11.15
N THR H 230 -23.92 -47.72 -12.02
CA THR H 230 -24.78 -46.75 -12.66
C THR H 230 -25.74 -47.59 -13.48
N GLN H 231 -27.05 -47.32 -13.39
CA GLN H 231 -28.04 -48.15 -14.10
C GLN H 231 -29.38 -47.49 -14.14
N ILE H 232 -30.25 -48.03 -14.99
CA ILE H 232 -31.65 -47.66 -15.10
C ILE H 232 -32.47 -48.74 -14.38
N VAL H 233 -33.42 -48.30 -13.60
CA VAL H 233 -34.38 -49.14 -12.90
C VAL H 233 -35.72 -48.54 -13.26
N SER H 234 -36.67 -49.38 -13.64
CA SER H 234 -37.96 -48.85 -14.06
C SER H 234 -39.13 -49.79 -13.70
N ALA H 235 -40.34 -49.23 -13.71
CA ALA H 235 -41.58 -49.95 -13.51
C ALA H 235 -42.57 -49.44 -14.55
N GLU H 236 -43.45 -50.35 -14.99
CA GLU H 236 -44.43 -50.12 -16.02
C GLU H 236 -45.87 -50.33 -15.52
N ALA H 237 -46.81 -49.94 -16.37
CA ALA H 237 -48.25 -50.10 -16.21
C ALA H 237 -48.90 -49.88 -17.57
N TRP H 238 -49.93 -50.66 -17.84
CA TRP H 238 -50.75 -50.55 -19.03
C TRP H 238 -52.07 -49.94 -18.63
N GLY H 239 -52.66 -49.17 -19.55
CA GLY H 239 -54.00 -48.63 -19.37
C GLY H 239 -55.06 -49.71 -19.31
N ARG H 240 -56.24 -49.41 -18.78
CA ARG H 240 -57.32 -50.40 -18.65
C ARG H 240 -58.70 -49.75 -18.64
N ALA H 241 -59.67 -50.39 -19.33
CA ALA H 241 -61.05 -49.89 -19.48
C ALA H 241 -61.84 -49.82 -18.16
N ASP H 242 -61.65 -50.78 -17.23
CA ASP H 242 -62.42 -50.83 -15.98
C ASP H 242 -61.57 -51.25 -14.79
#